data_4GRW
#
_entry.id   4GRW
#
_cell.length_a   102.270
_cell.length_b   135.140
_cell.length_c   139.010
_cell.angle_alpha   90.00
_cell.angle_beta   90.00
_cell.angle_gamma   90.00
#
_symmetry.space_group_name_H-M   'P 21 21 21'
#
loop_
_entity.id
_entity.type
_entity.pdbx_description
1 polymer 'Interleukin-23 subunit alpha'
2 polymer 'Interleukin-12 subunit beta'
3 polymer 'Nanobody 124C4'
4 polymer 'Nanobody 37D5'
5 polymer 'Nanobody 22E11'
6 branched alpha-D-mannopyranose-(1-3)-[alpha-D-mannopyranose-(1-6)]beta-D-mannopyranose-(1-4)-2-acetamido-2-deoxy-beta-D-glucopyranose-(1-4)-2-acetamido-2-deoxy-beta-D-glucopyranose
7 water water
#
loop_
_entity_poly.entity_id
_entity_poly.type
_entity_poly.pdbx_seq_one_letter_code
_entity_poly.pdbx_strand_id
1 'polypeptide(L)'
;MLGSRAVMLLLLLPWTAQGRAVPGGSSPAWTQCQQLSQKLCTLAWSAHPLVGHMDLREEGDEETTNDVPHIQCGDGCDPQ
GLRDNSQFCLQRIHQGLIFYEKLLGSDIFTGEPSLLPDSPVGQLHASLLGLSQLLQPEGHHWETQQIPSLSPSQPWQRLL
LRFKILRSLQAFVAVAARVFAHGAATLSP
;
A,C
2 'polypeptide(L)'
;MCHQQLVISWFSLVFLASPLVAIWELKKDVYVVELDWYPDAPGEMVVLTCDTPEEDGITWTLDQSSEVLGSGKTLTIQVK
EFGDAGQYTCHKGGEVLSHSLLLLHKKEDGIWSTDILKDQKEPKNKTFLRCEAKNYSGRFTCWWLTTISTDLTFSVKSSR
GSSDPQGVTCGAATLSAERVRGDNKEYEYSVECQEDSACPAAEESLPIEVMVDAVHKLKYENYTSSFFIRDIIKPDPPKN
LQLKPLKNSRQVEVSWEYPDTWSTPHSYFSLTFCVQVQGKSKREKKDRVFTDKTSATVICRKNASISVRAQDRYYSSSWS
EWASVPCS
;
B,D
3 'polypeptide(L)'
;EVQLVESGGGLVQPGGSLRLSCAASGFTLDDYAIAWFRQAPGKEREGVSGIDSGDGSAYYADSVKGRFTISSDNAKNTVY
LQMNSLRPEDTAVYYCARVRTGWGLNAPDYAMDYWGKGTLVTVSS
;
E,G
4 'polypeptide(L)'
;EVQLVESGGGLVQPGGSLRLSCAASGFTLDYLAIGWFRQAPGKEREGVSCVSSSGQYTYYADSVKGRFTISRDNAESTVY
LQMNSLKPEDTAVYYCATDPECYRVRGYYNGEYDYWGQGTQVTVSS
;
F,J
5 'polypeptide(L)'
;EVQLVESGGGLVQAGGSLRLSCAASGRTFSWSAVGWFRQAPGKEREFVAAIRWSGGSPYYADSVKDRFTISRDNAKNTVY
LQMNSLRPEDTAVYLCGETSLFPTSRGSHYDTWGQGTQVTVSS
;
H,I
#
# COMPACT_ATOMS: atom_id res chain seq x y z
N SER A 27 -47.30 -14.72 16.97
CA SER A 27 -47.91 -15.97 16.59
C SER A 27 -47.28 -16.52 15.31
N PRO A 28 -45.96 -16.64 15.29
CA PRO A 28 -45.28 -17.17 14.09
C PRO A 28 -45.38 -18.69 13.96
N ALA A 29 -45.35 -19.23 12.71
CA ALA A 29 -45.44 -20.66 12.45
C ALA A 29 -44.05 -21.31 12.61
N TRP A 30 -43.60 -21.41 13.87
CA TRP A 30 -42.28 -21.88 14.30
C TRP A 30 -41.71 -23.16 13.67
N THR A 31 -42.51 -24.25 13.61
CA THR A 31 -42.04 -25.51 13.04
C THR A 31 -41.99 -25.47 11.51
N GLN A 32 -42.96 -24.79 10.88
CA GLN A 32 -43.02 -24.61 9.44
C GLN A 32 -41.80 -23.81 8.96
N CYS A 33 -41.51 -22.72 9.68
CA CYS A 33 -40.37 -21.83 9.49
C CYS A 33 -39.03 -22.58 9.72
N GLN A 34 -38.96 -23.39 10.80
CA GLN A 34 -37.78 -24.22 11.14
C GLN A 34 -37.45 -25.15 9.96
N GLN A 35 -38.45 -25.90 9.46
CA GLN A 35 -38.31 -26.83 8.36
C GLN A 35 -37.86 -26.17 7.03
N LEU A 36 -38.45 -25.03 6.71
CA LEU A 36 -38.14 -24.26 5.51
C LEU A 36 -36.75 -23.61 5.57
N SER A 37 -36.37 -23.05 6.73
CA SER A 37 -35.07 -22.42 6.89
C SER A 37 -33.95 -23.45 6.78
N GLN A 38 -34.16 -24.66 7.36
CA GLN A 38 -33.18 -25.74 7.24
C GLN A 38 -33.02 -26.16 5.78
N LYS A 39 -34.13 -26.28 5.04
CA LYS A 39 -34.08 -26.62 3.61
C LYS A 39 -33.30 -25.57 2.79
N LEU A 40 -33.43 -24.27 3.16
CA LEU A 40 -32.68 -23.18 2.53
C LEU A 40 -31.15 -23.35 2.71
N CYS A 41 -30.71 -23.86 3.89
CA CYS A 41 -29.29 -24.13 4.16
C CYS A 41 -28.77 -25.19 3.17
N THR A 42 -29.57 -26.23 2.92
CA THR A 42 -29.21 -27.31 2.00
C THR A 42 -29.13 -26.83 0.54
N LEU A 43 -30.14 -26.04 0.11
CA LEU A 43 -30.23 -25.50 -1.25
C LEU A 43 -29.14 -24.49 -1.51
N ALA A 44 -28.87 -23.58 -0.52
CA ALA A 44 -27.84 -22.56 -0.62
C ALA A 44 -26.48 -23.21 -0.77
N TRP A 45 -26.22 -24.32 -0.02
CA TRP A 45 -24.98 -25.07 -0.09
C TRP A 45 -24.90 -25.82 -1.43
N SER A 46 -25.99 -26.43 -1.83
CA SER A 46 -26.01 -27.22 -3.03
C SER A 46 -25.71 -26.38 -4.24
N ALA A 47 -25.83 -25.09 -4.08
CA ALA A 47 -25.78 -24.18 -5.18
C ALA A 47 -24.43 -23.55 -5.32
N HIS A 48 -23.70 -23.42 -4.22
CA HIS A 48 -22.28 -23.71 -4.27
C HIS A 48 -21.61 -24.29 -3.04
N PRO A 49 -20.92 -25.49 -3.27
CA PRO A 49 -20.12 -25.94 -2.13
C PRO A 49 -18.72 -25.38 -2.10
N LEU A 50 -18.07 -25.51 -0.95
CA LEU A 50 -17.24 -24.41 -0.48
C LEU A 50 -16.24 -24.84 0.57
N ASN A 66 -21.32 -4.69 -3.49
CA ASN A 66 -20.59 -5.39 -2.44
C ASN A 66 -21.47 -6.22 -1.48
N ASP A 67 -22.24 -5.58 -0.58
CA ASP A 67 -23.62 -5.10 -0.81
C ASP A 67 -24.83 -6.02 -0.45
N VAL A 68 -25.04 -6.37 0.82
CA VAL A 68 -26.19 -7.18 1.19
C VAL A 68 -26.66 -6.83 2.56
N PRO A 69 -27.80 -7.36 3.01
CA PRO A 69 -28.07 -7.10 4.43
C PRO A 69 -27.53 -8.24 5.29
N HIS A 70 -27.32 -7.98 6.59
CA HIS A 70 -26.80 -8.99 7.52
C HIS A 70 -27.58 -8.91 8.82
N ILE A 71 -27.60 -10.01 9.57
CA ILE A 71 -28.20 -10.00 10.90
C ILE A 71 -27.09 -9.51 11.84
N GLN A 72 -27.29 -8.32 12.42
CA GLN A 72 -26.32 -7.70 13.30
C GLN A 72 -26.62 -7.96 14.78
N CYS A 73 -25.69 -7.54 15.67
CA CYS A 73 -25.75 -7.66 17.13
C CYS A 73 -27.07 -7.11 17.72
N GLY A 74 -27.45 -5.92 17.27
CA GLY A 74 -28.63 -5.23 17.73
C GLY A 74 -29.95 -5.73 17.21
N ASP A 75 -29.93 -6.71 16.27
CA ASP A 75 -31.14 -7.27 15.67
C ASP A 75 -31.95 -8.19 16.56
N GLY A 76 -31.40 -8.55 17.72
CA GLY A 76 -32.05 -9.37 18.73
C GLY A 76 -32.43 -10.77 18.32
N CYS A 77 -31.53 -11.44 17.56
CA CYS A 77 -31.72 -12.79 17.06
C CYS A 77 -31.20 -13.87 17.99
N ASP A 78 -30.67 -13.48 19.14
CA ASP A 78 -30.19 -14.39 20.18
C ASP A 78 -31.39 -14.90 21.02
N PRO A 79 -31.25 -16.01 21.81
CA PRO A 79 -32.40 -16.50 22.62
C PRO A 79 -33.14 -15.44 23.44
N GLN A 80 -32.41 -14.53 24.15
CA GLN A 80 -33.00 -13.48 24.98
C GLN A 80 -33.85 -12.49 24.20
N GLY A 81 -33.32 -12.04 23.06
CA GLY A 81 -34.01 -11.16 22.13
C GLY A 81 -35.31 -11.77 21.65
N LEU A 82 -35.27 -13.07 21.33
CA LEU A 82 -36.44 -13.80 20.85
C LEU A 82 -37.49 -13.97 21.94
N ARG A 83 -37.06 -14.08 23.19
CA ARG A 83 -37.97 -14.24 24.33
C ARG A 83 -38.72 -12.96 24.58
N ASP A 84 -37.99 -11.83 24.63
CA ASP A 84 -38.52 -10.49 24.90
C ASP A 84 -39.47 -10.04 23.80
N ASN A 85 -38.99 -9.98 22.54
CA ASN A 85 -39.79 -9.59 21.38
C ASN A 85 -39.20 -10.19 20.14
N SER A 86 -39.75 -11.34 19.70
CA SER A 86 -39.28 -12.06 18.53
C SER A 86 -39.50 -11.30 17.21
N GLN A 87 -40.36 -10.27 17.22
CA GLN A 87 -40.65 -9.46 16.02
C GLN A 87 -39.47 -8.68 15.45
N PHE A 88 -38.61 -8.14 16.33
CA PHE A 88 -37.42 -7.39 15.91
C PHE A 88 -36.52 -8.20 14.94
N CYS A 89 -36.21 -9.45 15.33
CA CYS A 89 -35.41 -10.41 14.60
C CYS A 89 -36.15 -10.89 13.36
N LEU A 90 -37.45 -11.23 13.50
CA LEU A 90 -38.24 -11.73 12.36
C LEU A 90 -38.45 -10.73 11.23
N GLN A 91 -38.60 -9.42 11.56
CA GLN A 91 -38.74 -8.35 10.55
C GLN A 91 -37.45 -8.25 9.76
N ARG A 92 -36.32 -8.31 10.46
CA ARG A 92 -34.96 -8.26 9.95
C ARG A 92 -34.64 -9.47 9.06
N ILE A 93 -35.07 -10.69 9.45
CA ILE A 93 -34.95 -11.92 8.66
C ILE A 93 -35.81 -11.72 7.39
N HIS A 94 -37.07 -11.22 7.54
CA HIS A 94 -37.99 -10.95 6.44
C HIS A 94 -37.37 -10.01 5.39
N GLN A 95 -36.76 -8.88 5.85
CA GLN A 95 -36.10 -7.89 4.99
C GLN A 95 -34.99 -8.53 4.14
N GLY A 96 -34.13 -9.28 4.80
CA GLY A 96 -33.06 -10.03 4.13
C GLY A 96 -33.57 -11.01 3.10
N LEU A 97 -34.67 -11.73 3.40
CA LEU A 97 -35.26 -12.71 2.46
C LEU A 97 -35.74 -12.08 1.16
N ILE A 98 -36.38 -10.90 1.26
CA ILE A 98 -36.90 -10.10 0.15
C ILE A 98 -35.75 -9.61 -0.73
N PHE A 99 -34.67 -9.14 -0.10
CA PHE A 99 -33.46 -8.66 -0.77
C PHE A 99 -32.81 -9.78 -1.60
N TYR A 100 -32.60 -10.96 -0.98
CA TYR A 100 -32.00 -12.09 -1.68
C TYR A 100 -32.85 -12.63 -2.82
N GLU A 101 -34.21 -12.65 -2.65
CA GLU A 101 -35.10 -13.14 -3.68
C GLU A 101 -35.10 -12.27 -4.93
N LYS A 102 -35.01 -10.92 -4.75
CA LYS A 102 -34.93 -9.95 -5.83
C LYS A 102 -33.61 -10.07 -6.56
N LEU A 103 -32.51 -10.32 -5.81
CA LEU A 103 -31.17 -10.53 -6.38
C LEU A 103 -31.14 -11.81 -7.22
N LEU A 104 -31.74 -12.89 -6.71
CA LEU A 104 -31.75 -14.20 -7.39
C LEU A 104 -32.65 -14.19 -8.65
N GLY A 105 -33.53 -13.19 -8.75
CA GLY A 105 -34.44 -13.01 -9.88
C GLY A 105 -33.94 -12.00 -10.89
N SER A 106 -32.85 -11.29 -10.55
CA SER A 106 -32.20 -10.27 -11.38
C SER A 106 -31.32 -10.91 -12.48
N ASP A 107 -30.83 -10.07 -13.44
CA ASP A 107 -29.98 -10.57 -14.55
C ASP A 107 -28.62 -11.09 -14.14
N ILE A 108 -28.27 -10.90 -12.85
CA ILE A 108 -27.05 -11.48 -12.28
C ILE A 108 -27.19 -12.99 -12.37
N PHE A 109 -28.42 -13.50 -12.07
CA PHE A 109 -28.72 -14.91 -12.13
C PHE A 109 -29.35 -15.40 -13.42
N THR A 110 -30.20 -14.58 -14.07
CA THR A 110 -30.89 -14.93 -15.32
C THR A 110 -30.06 -14.66 -16.60
N GLY A 111 -28.93 -13.95 -16.45
CA GLY A 111 -28.06 -13.52 -17.56
C GLY A 111 -27.27 -14.59 -18.27
N GLU A 112 -25.95 -14.40 -18.34
CA GLU A 112 -25.03 -15.32 -19.00
C GLU A 112 -23.81 -15.51 -18.07
N PRO A 113 -23.28 -16.73 -17.90
CA PRO A 113 -23.72 -18.02 -18.45
C PRO A 113 -25.01 -18.49 -17.79
N SER A 114 -25.99 -18.91 -18.61
CA SER A 114 -27.31 -19.35 -18.16
C SER A 114 -27.21 -20.47 -17.15
N LEU A 115 -27.98 -20.40 -16.05
CA LEU A 115 -27.96 -21.48 -15.04
C LEU A 115 -28.61 -22.69 -15.67
N LEU A 116 -28.28 -23.87 -15.14
CA LEU A 116 -28.86 -25.10 -15.66
C LEU A 116 -30.37 -25.11 -15.37
N PRO A 117 -31.22 -25.70 -16.25
CA PRO A 117 -32.68 -25.71 -15.97
C PRO A 117 -33.09 -26.46 -14.70
N ASP A 118 -32.24 -27.40 -14.21
CA ASP A 118 -32.45 -28.14 -12.96
C ASP A 118 -31.65 -27.58 -11.76
N SER A 119 -31.16 -26.33 -11.87
CA SER A 119 -30.37 -25.67 -10.82
C SER A 119 -31.10 -25.52 -9.44
N PRO A 120 -30.40 -25.81 -8.32
CA PRO A 120 -31.00 -25.57 -6.99
C PRO A 120 -31.35 -24.09 -6.73
N VAL A 121 -30.79 -23.15 -7.53
CA VAL A 121 -31.08 -21.70 -7.44
C VAL A 121 -32.58 -21.45 -7.67
N GLY A 122 -33.18 -22.20 -8.59
CA GLY A 122 -34.59 -22.12 -8.89
C GLY A 122 -35.43 -22.44 -7.67
N GLN A 123 -35.10 -23.55 -6.99
CA GLN A 123 -35.79 -23.99 -5.78
C GLN A 123 -35.49 -23.03 -4.59
N LEU A 124 -34.25 -22.51 -4.53
CA LEU A 124 -33.77 -21.58 -3.50
C LEU A 124 -34.59 -20.31 -3.55
N HIS A 125 -34.72 -19.74 -4.76
CA HIS A 125 -35.54 -18.58 -5.04
C HIS A 125 -36.98 -18.84 -4.51
N ALA A 126 -37.59 -19.98 -4.90
CA ALA A 126 -38.96 -20.36 -4.50
C ALA A 126 -39.12 -20.49 -2.98
N SER A 127 -38.13 -21.10 -2.31
CA SER A 127 -38.15 -21.33 -0.87
C SER A 127 -37.90 -20.05 -0.07
N LEU A 128 -37.20 -19.07 -0.66
CA LEU A 128 -37.00 -17.76 0.00
C LEU A 128 -38.34 -17.04 0.09
N LEU A 129 -39.08 -17.07 -1.02
CA LEU A 129 -40.41 -16.50 -1.17
C LEU A 129 -41.33 -17.15 -0.13
N GLY A 130 -41.34 -18.48 -0.08
CA GLY A 130 -42.13 -19.28 0.85
C GLY A 130 -41.94 -18.89 2.30
N LEU A 131 -40.67 -18.67 2.71
CA LEU A 131 -40.35 -18.29 4.08
C LEU A 131 -40.76 -16.86 4.38
N SER A 132 -40.52 -15.90 3.46
CA SER A 132 -40.92 -14.51 3.70
C SER A 132 -42.43 -14.34 3.74
N GLN A 133 -43.14 -15.15 2.97
CA GLN A 133 -44.61 -15.17 2.98
C GLN A 133 -45.13 -15.86 4.25
N LEU A 134 -44.30 -16.69 4.89
CA LEU A 134 -44.64 -17.36 6.15
C LEU A 134 -44.52 -16.38 7.31
N LEU A 135 -43.63 -15.40 7.22
CA LEU A 135 -43.40 -14.36 8.22
C LEU A 135 -44.39 -13.21 8.02
N GLN A 136 -44.69 -12.83 6.74
CA GLN A 136 -45.66 -11.76 6.42
C GLN A 136 -46.41 -12.09 5.13
N PRO A 137 -47.52 -12.89 5.21
CA PRO A 137 -48.27 -13.26 4.00
C PRO A 137 -48.88 -12.09 3.23
N GLN A 154 -22.53 -5.53 -18.95
CA GLN A 154 -22.56 -6.80 -18.25
C GLN A 154 -22.39 -8.06 -19.10
N PRO A 155 -21.21 -8.68 -19.11
CA PRO A 155 -21.03 -9.89 -19.92
C PRO A 155 -20.42 -10.88 -18.96
N TRP A 156 -19.74 -11.89 -19.49
CA TRP A 156 -18.92 -12.70 -18.64
C TRP A 156 -19.58 -13.93 -18.02
N GLN A 157 -19.15 -14.46 -16.83
CA GLN A 157 -18.10 -14.02 -15.87
C GLN A 157 -18.58 -12.93 -14.86
N ARG A 158 -19.91 -12.94 -14.63
CA ARG A 158 -20.62 -12.20 -13.61
C ARG A 158 -21.00 -13.32 -12.61
N LEU A 159 -20.21 -14.42 -12.68
CA LEU A 159 -20.31 -15.57 -11.81
C LEU A 159 -19.73 -15.15 -10.52
N LEU A 160 -18.63 -14.39 -10.62
CA LEU A 160 -17.93 -13.87 -9.47
C LEU A 160 -18.91 -13.19 -8.54
N LEU A 161 -19.87 -12.45 -9.09
CA LEU A 161 -20.92 -11.82 -8.30
C LEU A 161 -21.96 -12.83 -7.74
N ARG A 162 -22.32 -13.89 -8.52
CA ARG A 162 -23.27 -14.95 -8.08
C ARG A 162 -22.72 -15.65 -6.85
N PHE A 163 -21.42 -15.99 -6.87
CA PHE A 163 -20.72 -16.67 -5.79
C PHE A 163 -20.54 -15.82 -4.59
N LYS A 164 -20.39 -14.49 -4.78
CA LYS A 164 -20.31 -13.51 -3.69
C LYS A 164 -21.69 -13.47 -2.98
N ILE A 165 -22.76 -13.59 -3.77
CA ILE A 165 -24.13 -13.58 -3.28
C ILE A 165 -24.49 -14.91 -2.57
N LEU A 166 -24.20 -16.05 -3.20
CA LEU A 166 -24.49 -17.39 -2.65
C LEU A 166 -23.78 -17.70 -1.33
N ARG A 167 -22.51 -17.26 -1.22
CA ARG A 167 -21.67 -17.37 -0.02
C ARG A 167 -22.31 -16.55 1.14
N SER A 168 -22.71 -15.31 0.84
CA SER A 168 -23.34 -14.39 1.80
C SER A 168 -24.72 -14.92 2.24
N LEU A 169 -25.50 -15.46 1.28
CA LEU A 169 -26.82 -16.09 1.51
C LEU A 169 -26.72 -17.30 2.47
N GLN A 170 -25.67 -18.13 2.30
CA GLN A 170 -25.42 -19.29 3.15
C GLN A 170 -25.25 -18.85 4.63
N ALA A 171 -24.56 -17.73 4.86
CA ALA A 171 -24.34 -17.19 6.20
C ALA A 171 -25.67 -16.67 6.79
N PHE A 172 -26.48 -15.98 5.98
CA PHE A 172 -27.79 -15.45 6.36
C PHE A 172 -28.76 -16.56 6.76
N VAL A 173 -28.98 -17.54 5.85
CA VAL A 173 -29.90 -18.64 6.12
C VAL A 173 -29.50 -19.52 7.31
N ALA A 174 -28.20 -19.57 7.66
CA ALA A 174 -27.75 -20.35 8.81
C ALA A 174 -28.22 -19.69 10.11
N VAL A 175 -28.11 -18.34 10.22
CA VAL A 175 -28.55 -17.58 11.39
C VAL A 175 -30.07 -17.73 11.54
N ALA A 176 -30.81 -17.55 10.42
CA ALA A 176 -32.27 -17.71 10.34
C ALA A 176 -32.71 -19.10 10.85
N ALA A 177 -32.07 -20.18 10.36
CA ALA A 177 -32.36 -21.55 10.78
C ALA A 177 -32.17 -21.74 12.30
N ARG A 178 -31.12 -21.09 12.87
CA ARG A 178 -30.87 -21.19 14.32
C ARG A 178 -32.01 -20.53 15.10
N VAL A 179 -32.44 -19.35 14.64
CA VAL A 179 -33.55 -18.59 15.21
C VAL A 179 -34.84 -19.42 15.23
N PHE A 180 -35.24 -20.00 14.07
CA PHE A 180 -36.46 -20.80 13.98
C PHE A 180 -36.39 -22.10 14.76
N ALA A 181 -35.22 -22.75 14.77
CA ALA A 181 -35.01 -23.98 15.51
C ALA A 181 -35.16 -23.73 17.03
N HIS A 182 -34.58 -22.63 17.54
CA HIS A 182 -34.71 -22.27 18.96
C HIS A 182 -36.18 -21.92 19.30
N GLY A 183 -36.81 -21.06 18.48
CA GLY A 183 -38.21 -20.68 18.66
C GLY A 183 -39.16 -21.88 18.60
N ALA A 184 -38.98 -22.78 17.62
CA ALA A 184 -39.80 -24.01 17.54
C ALA A 184 -39.63 -24.92 18.77
N ALA A 185 -38.46 -24.88 19.42
CA ALA A 185 -38.13 -25.71 20.57
C ALA A 185 -38.60 -25.15 21.91
N THR A 186 -38.68 -23.83 22.05
CA THR A 186 -39.04 -23.20 23.34
C THR A 186 -40.24 -22.22 23.28
N LEU A 187 -40.53 -21.65 22.10
CA LEU A 187 -41.58 -20.64 21.89
C LEU A 187 -42.67 -21.17 20.97
N ILE B 23 12.82 0.45 3.61
CA ILE B 23 12.86 0.15 5.04
C ILE B 23 11.52 0.53 5.73
N TRP B 24 11.12 -0.24 6.76
CA TRP B 24 9.90 -0.02 7.55
C TRP B 24 10.07 -0.53 8.98
N GLU B 25 9.42 0.13 9.94
CA GLU B 25 9.51 -0.24 11.36
C GLU B 25 8.60 -1.42 11.68
N LEU B 26 9.17 -2.50 12.27
CA LEU B 26 8.41 -3.67 12.69
C LEU B 26 7.86 -3.48 14.11
N LYS B 27 8.73 -3.02 15.00
CA LYS B 27 8.49 -2.66 16.40
C LYS B 27 9.60 -1.70 16.80
N LYS B 28 9.50 -1.01 17.96
CA LYS B 28 10.52 -0.07 18.39
C LYS B 28 11.93 -0.64 18.29
N ASP B 29 12.78 0.09 17.53
CA ASP B 29 14.19 -0.23 17.24
C ASP B 29 14.43 -1.48 16.38
N VAL B 30 13.38 -1.98 15.72
CA VAL B 30 13.44 -3.14 14.83
C VAL B 30 12.84 -2.75 13.48
N TYR B 31 13.66 -2.86 12.42
CA TYR B 31 13.30 -2.49 11.04
C TYR B 31 13.48 -3.61 10.05
N VAL B 32 12.66 -3.58 8.98
CA VAL B 32 12.72 -4.60 7.92
C VAL B 32 13.11 -3.97 6.57
N VAL B 33 14.12 -4.55 5.93
CA VAL B 33 14.55 -4.11 4.61
C VAL B 33 14.17 -5.21 3.63
N GLU B 34 13.40 -4.85 2.60
CA GLU B 34 12.96 -5.79 1.57
C GLU B 34 14.06 -5.93 0.52
N LEU B 35 14.76 -7.06 0.55
CA LEU B 35 15.85 -7.29 -0.37
C LEU B 35 15.43 -8.16 -1.56
N ASP B 36 15.48 -7.55 -2.76
CA ASP B 36 15.21 -8.23 -4.02
C ASP B 36 16.57 -8.82 -4.47
N TRP B 37 16.83 -10.08 -4.08
CA TRP B 37 18.11 -10.71 -4.39
C TRP B 37 18.20 -11.47 -5.69
N TYR B 38 19.27 -11.21 -6.41
CA TYR B 38 19.77 -11.89 -7.61
C TYR B 38 21.26 -11.61 -7.61
N PRO B 39 22.03 -12.38 -8.34
CA PRO B 39 23.46 -12.36 -8.23
C PRO B 39 24.12 -11.01 -8.20
N ASP B 40 23.93 -10.16 -9.19
CA ASP B 40 24.70 -8.93 -9.18
C ASP B 40 24.06 -7.69 -8.56
N ALA B 41 23.87 -7.72 -7.25
CA ALA B 41 23.59 -6.53 -6.45
C ALA B 41 22.18 -6.10 -6.81
N PRO B 42 21.73 -4.75 -6.78
CA PRO B 42 22.53 -3.78 -6.05
C PRO B 42 21.95 -3.36 -4.74
N GLY B 43 20.82 -3.88 -4.36
CA GLY B 43 20.31 -3.70 -3.03
C GLY B 43 19.62 -2.41 -2.77
N GLU B 44 19.47 -2.06 -1.51
CA GLU B 44 18.75 -0.86 -1.16
C GLU B 44 19.65 0.02 -0.40
N MET B 45 19.55 1.28 -0.70
CA MET B 45 20.29 2.33 -0.03
C MET B 45 19.43 2.74 1.18
N VAL B 46 19.91 2.43 2.38
CA VAL B 46 19.22 2.66 3.64
C VAL B 46 19.86 3.78 4.46
N VAL B 47 19.04 4.68 4.99
CA VAL B 47 19.49 5.77 5.86
C VAL B 47 18.98 5.51 7.28
N LEU B 48 19.90 5.25 8.22
CA LEU B 48 19.55 5.03 9.62
C LEU B 48 19.75 6.32 10.37
N THR B 49 18.80 6.66 11.27
CA THR B 49 18.90 7.87 12.07
C THR B 49 19.00 7.51 13.55
N CYS B 50 19.91 8.13 14.29
CA CYS B 50 20.01 7.87 15.71
C CYS B 50 18.81 8.46 16.47
N ASP B 51 18.17 7.65 17.32
CA ASP B 51 17.05 8.08 18.14
C ASP B 51 17.58 8.70 19.42
N THR B 52 17.93 10.00 19.33
CA THR B 52 18.49 10.77 20.42
C THR B 52 18.26 12.28 20.20
N PRO B 53 18.18 13.11 21.27
CA PRO B 53 18.10 14.57 21.04
C PRO B 53 19.49 15.13 20.69
N GLU B 54 20.57 14.30 20.86
CA GLU B 54 21.97 14.63 20.55
C GLU B 54 22.16 14.79 19.04
N GLU B 55 23.22 15.53 18.63
CA GLU B 55 23.50 15.80 17.22
C GLU B 55 24.97 15.68 16.84
N ASP B 56 25.85 15.72 17.85
CA ASP B 56 27.29 15.73 17.66
C ASP B 56 28.01 14.59 18.36
N GLY B 57 29.20 14.26 17.87
CA GLY B 57 30.04 13.20 18.43
C GLY B 57 29.44 11.80 18.41
N ILE B 58 28.50 11.52 17.47
CA ILE B 58 27.81 10.24 17.30
C ILE B 58 28.59 9.35 16.34
N THR B 59 28.86 8.10 16.77
CA THR B 59 29.51 7.06 15.95
C THR B 59 28.61 5.84 15.80
N TRP B 60 28.89 5.02 14.79
CA TRP B 60 28.10 3.83 14.51
C TRP B 60 28.96 2.60 14.41
N THR B 61 28.46 1.47 14.96
CA THR B 61 29.09 0.15 14.87
C THR B 61 28.03 -0.86 14.42
N LEU B 62 28.47 -2.03 14.01
CA LEU B 62 27.61 -3.13 13.61
C LEU B 62 27.93 -4.35 14.46
N ASP B 63 26.89 -4.94 15.06
CA ASP B 63 26.94 -6.14 15.90
C ASP B 63 28.10 -6.23 16.86
N GLN B 64 29.05 -7.14 16.56
CA GLN B 64 30.18 -7.46 17.41
C GLN B 64 31.55 -7.12 16.76
N SER B 65 31.61 -5.89 16.24
CA SER B 65 32.82 -5.26 15.70
C SER B 65 32.92 -3.82 16.22
N SER B 66 34.14 -3.43 16.61
CA SER B 66 34.47 -2.12 17.16
C SER B 66 34.57 -1.03 16.09
N GLU B 67 34.73 -1.44 14.83
CA GLU B 67 34.92 -0.61 13.64
C GLU B 67 33.85 0.45 13.48
N VAL B 68 34.29 1.70 13.43
CA VAL B 68 33.39 2.85 13.26
C VAL B 68 32.97 2.88 11.79
N LEU B 69 31.68 2.65 11.55
CA LEU B 69 31.10 2.56 10.22
C LEU B 69 30.79 3.94 9.69
N GLY B 70 30.57 4.87 10.60
CA GLY B 70 30.25 6.25 10.27
C GLY B 70 30.10 7.12 11.48
N SER B 71 30.16 8.42 11.24
CA SER B 71 30.04 9.48 12.24
C SER B 71 28.85 10.37 11.87
N GLY B 72 28.13 10.84 12.86
CA GLY B 72 26.93 11.64 12.58
C GLY B 72 25.63 10.98 12.99
N LYS B 73 24.55 11.78 13.14
CA LYS B 73 23.22 11.34 13.57
C LYS B 73 22.65 10.33 12.59
N THR B 74 23.13 10.37 11.34
CA THR B 74 22.69 9.51 10.25
C THR B 74 23.78 8.56 9.72
N LEU B 75 23.38 7.39 9.21
CA LEU B 75 24.30 6.44 8.58
C LEU B 75 23.68 5.89 7.31
N THR B 76 24.39 6.01 6.17
CA THR B 76 23.91 5.46 4.90
C THR B 76 24.55 4.10 4.62
N ILE B 77 23.69 3.09 4.44
CA ILE B 77 24.08 1.69 4.21
C ILE B 77 23.52 1.20 2.89
N GLN B 78 24.31 0.42 2.14
CA GLN B 78 23.84 -0.23 0.92
C GLN B 78 23.56 -1.68 1.36
N VAL B 79 22.28 -2.05 1.47
CA VAL B 79 21.92 -3.39 1.92
C VAL B 79 21.78 -4.29 0.70
N LYS B 80 22.64 -5.31 0.57
CA LYS B 80 22.70 -6.19 -0.61
C LYS B 80 22.57 -7.69 -0.30
N GLU B 81 22.81 -8.06 0.96
CA GLU B 81 22.86 -9.44 1.44
C GLU B 81 22.69 -9.45 2.96
N PHE B 82 22.70 -10.65 3.59
CA PHE B 82 22.55 -10.76 5.04
C PHE B 82 23.71 -10.16 5.86
N GLY B 83 24.89 -10.02 5.24
CA GLY B 83 26.06 -9.41 5.87
C GLY B 83 25.87 -7.94 6.26
N ASP B 84 24.97 -7.23 5.55
CA ASP B 84 24.63 -5.83 5.79
C ASP B 84 23.50 -5.67 6.83
N ALA B 85 22.87 -6.79 7.19
CA ALA B 85 21.84 -6.83 8.21
C ALA B 85 22.51 -6.99 9.57
N GLY B 86 21.77 -6.76 10.64
CA GLY B 86 22.31 -6.87 11.98
C GLY B 86 21.93 -5.71 12.84
N GLN B 87 22.53 -5.67 14.04
CA GLN B 87 22.26 -4.62 15.00
C GLN B 87 23.30 -3.51 14.92
N TYR B 88 22.85 -2.35 14.43
CA TYR B 88 23.64 -1.14 14.32
C TYR B 88 23.45 -0.40 15.65
N THR B 89 24.52 0.11 16.22
CA THR B 89 24.39 0.86 17.46
C THR B 89 25.02 2.21 17.26
N CYS B 90 24.43 3.26 17.86
CA CYS B 90 24.98 4.61 17.88
C CYS B 90 25.49 5.02 19.26
N HIS B 91 26.68 5.64 19.28
CA HIS B 91 27.41 5.98 20.48
C HIS B 91 27.76 7.44 20.59
N LYS B 92 27.98 7.93 21.81
CA LYS B 92 28.40 9.31 22.12
C LYS B 92 28.95 9.33 23.54
N GLY B 93 30.17 9.86 23.66
CA GLY B 93 30.88 10.00 24.93
C GLY B 93 31.08 8.74 25.74
N GLY B 94 31.26 7.59 25.08
CA GLY B 94 31.48 6.30 25.72
C GLY B 94 30.20 5.65 26.23
N GLU B 95 29.07 5.98 25.59
CA GLU B 95 27.74 5.50 25.96
C GLU B 95 26.96 5.09 24.72
N VAL B 96 26.15 4.03 24.83
CA VAL B 96 25.28 3.66 23.73
C VAL B 96 24.02 4.59 23.79
N LEU B 97 23.61 5.17 22.66
CA LEU B 97 22.45 6.02 22.58
C LEU B 97 21.21 5.21 22.18
N SER B 98 21.31 4.47 21.07
CA SER B 98 20.22 3.64 20.57
C SER B 98 20.79 2.47 19.77
N HIS B 99 19.92 1.51 19.47
CA HIS B 99 20.21 0.34 18.65
C HIS B 99 19.17 0.33 17.56
N SER B 100 19.56 -0.13 16.35
CA SER B 100 18.65 -0.32 15.23
C SER B 100 18.94 -1.72 14.69
N LEU B 101 17.98 -2.64 14.88
CA LEU B 101 18.15 -3.99 14.37
C LEU B 101 17.53 -4.04 13.00
N LEU B 102 18.33 -4.45 12.01
CA LEU B 102 17.91 -4.61 10.63
C LEU B 102 17.75 -6.05 10.33
N LEU B 103 16.54 -6.41 9.92
CA LEU B 103 16.24 -7.74 9.48
C LEU B 103 15.97 -7.65 7.97
N LEU B 104 16.16 -8.73 7.23
CA LEU B 104 15.84 -8.71 5.81
C LEU B 104 14.63 -9.54 5.47
N HIS B 105 13.80 -9.02 4.54
CA HIS B 105 12.68 -9.78 3.97
C HIS B 105 13.18 -10.05 2.56
N LYS B 106 13.68 -11.26 2.35
CA LYS B 106 14.29 -11.64 1.09
C LYS B 106 13.28 -12.13 0.10
N LYS B 107 13.42 -11.63 -1.12
CA LYS B 107 12.65 -12.09 -2.25
C LYS B 107 13.57 -12.39 -3.37
N GLU B 108 13.35 -13.52 -3.99
CA GLU B 108 14.13 -14.00 -5.11
C GLU B 108 13.11 -14.55 -6.12
N ASP B 109 13.24 -14.11 -7.41
CA ASP B 109 12.32 -14.42 -8.52
C ASP B 109 10.89 -13.90 -8.18
N GLY B 110 10.85 -12.78 -7.48
CA GLY B 110 9.63 -12.13 -7.00
C GLY B 110 8.83 -12.82 -5.91
N ILE B 111 9.34 -13.96 -5.38
CA ILE B 111 8.77 -14.79 -4.30
C ILE B 111 9.49 -14.54 -2.94
N TRP B 112 8.74 -14.19 -1.88
CA TRP B 112 9.28 -14.01 -0.53
C TRP B 112 9.70 -15.38 0.01
N SER B 113 10.76 -15.42 0.84
CA SER B 113 11.23 -16.68 1.42
C SER B 113 10.20 -17.20 2.44
N THR B 114 9.98 -18.53 2.48
CA THR B 114 9.08 -19.18 3.43
C THR B 114 9.78 -20.40 4.06
N ASP B 115 10.99 -20.18 4.60
CA ASP B 115 11.83 -21.18 5.22
C ASP B 115 11.43 -21.52 6.67
N ILE B 116 11.02 -20.50 7.44
CA ILE B 116 10.70 -20.65 8.87
C ILE B 116 9.53 -21.59 9.10
N LEU B 117 8.41 -21.40 8.37
CA LEU B 117 7.26 -22.29 8.49
C LEU B 117 7.23 -23.34 7.39
N LYS B 118 6.89 -24.56 7.81
CA LYS B 118 6.74 -25.72 6.95
C LYS B 118 5.33 -25.70 6.35
N ASP B 119 5.21 -26.01 5.04
CA ASP B 119 3.95 -26.10 4.32
C ASP B 119 3.24 -27.34 4.83
N GLN B 120 2.07 -27.15 5.46
CA GLN B 120 1.32 -28.26 6.04
C GLN B 120 0.73 -29.20 4.98
N LYS B 121 0.68 -28.73 3.69
CA LYS B 121 0.23 -29.46 2.51
C LYS B 121 -1.19 -30.09 2.62
N GLU B 122 -2.04 -29.48 3.47
CA GLU B 122 -3.44 -29.81 3.75
C GLU B 122 -4.12 -28.70 4.54
N PRO B 123 -5.27 -28.13 4.09
CA PRO B 123 -6.09 -28.50 2.91
C PRO B 123 -5.35 -28.53 1.57
N LYS B 124 -4.82 -27.40 1.10
CA LYS B 124 -4.11 -27.36 -0.18
C LYS B 124 -2.60 -27.16 0.02
N ASN B 125 -1.89 -26.64 -0.99
CA ASN B 125 -0.48 -26.32 -0.90
C ASN B 125 -0.37 -24.84 -0.53
N LYS B 126 0.75 -24.46 0.11
CA LYS B 126 1.02 -23.13 0.65
C LYS B 126 0.15 -22.83 1.90
N THR B 127 -0.15 -23.87 2.69
CA THR B 127 -0.85 -23.75 3.97
C THR B 127 0.21 -23.77 5.06
N PHE B 128 0.54 -22.58 5.57
CA PHE B 128 1.55 -22.42 6.61
C PHE B 128 0.88 -22.26 7.97
N LEU B 129 -0.26 -21.54 8.03
CA LEU B 129 -1.05 -21.36 9.24
C LEU B 129 -2.33 -22.15 9.14
N ARG B 130 -2.79 -22.66 10.28
CA ARG B 130 -4.04 -23.41 10.35
C ARG B 130 -4.76 -22.93 11.58
N CYS B 131 -6.03 -22.55 11.43
CA CYS B 131 -6.86 -22.08 12.52
C CYS B 131 -8.08 -22.96 12.65
N GLU B 132 -8.62 -23.04 13.87
CA GLU B 132 -9.79 -23.84 14.19
C GLU B 132 -10.51 -23.27 15.40
N ALA B 133 -11.86 -23.39 15.39
CA ALA B 133 -12.79 -22.97 16.45
C ALA B 133 -13.64 -24.16 16.87
N LYS B 134 -13.84 -24.34 18.19
CA LYS B 134 -14.64 -25.45 18.72
C LYS B 134 -16.11 -25.05 18.87
N ASN B 135 -16.39 -23.73 18.73
CA ASN B 135 -17.70 -23.13 18.92
C ASN B 135 -17.73 -21.66 18.38
N TYR B 136 -18.85 -20.97 18.59
CA TYR B 136 -19.05 -19.62 18.09
C TYR B 136 -18.73 -18.51 19.08
N SER B 137 -18.05 -18.85 20.18
CA SER B 137 -17.68 -17.90 21.25
C SER B 137 -16.83 -16.70 20.85
N GLY B 138 -16.09 -16.81 19.76
CA GLY B 138 -15.16 -15.77 19.31
C GLY B 138 -13.73 -16.15 19.66
N ARG B 139 -13.58 -17.29 20.32
CA ARG B 139 -12.30 -17.85 20.69
C ARG B 139 -11.93 -18.88 19.62
N PHE B 140 -10.65 -18.87 19.20
CA PHE B 140 -10.07 -19.78 18.21
C PHE B 140 -8.54 -19.99 18.49
N THR B 141 -7.96 -21.01 17.84
CA THR B 141 -6.57 -21.39 17.90
C THR B 141 -5.99 -21.44 16.49
N CYS B 142 -4.77 -20.94 16.33
CA CYS B 142 -4.02 -21.10 15.10
C CYS B 142 -2.75 -21.91 15.43
N TRP B 143 -2.27 -22.70 14.48
CA TRP B 143 -1.05 -23.47 14.68
C TRP B 143 -0.21 -23.56 13.39
N TRP B 144 1.09 -23.74 13.58
CA TRP B 144 2.05 -23.88 12.49
C TRP B 144 3.22 -24.79 12.90
N LEU B 145 4.02 -25.23 11.92
CA LEU B 145 5.16 -26.13 12.11
C LEU B 145 6.45 -25.48 11.67
N THR B 146 7.53 -25.78 12.40
CA THR B 146 8.87 -25.29 12.07
C THR B 146 9.91 -26.40 12.33
N THR B 147 11.06 -26.32 11.64
CA THR B 147 12.16 -27.26 11.85
C THR B 147 13.24 -26.57 12.71
N ILE B 148 13.03 -25.30 13.05
CA ILE B 148 14.00 -24.47 13.80
C ILE B 148 13.82 -24.57 15.31
N SER B 149 14.91 -24.69 16.08
CA SER B 149 14.81 -24.76 17.55
C SER B 149 15.45 -23.57 18.29
N THR B 150 16.35 -22.80 17.63
CA THR B 150 17.03 -21.66 18.25
C THR B 150 17.02 -20.41 17.40
N ASP B 151 17.23 -19.24 18.06
CA ASP B 151 17.23 -17.88 17.48
C ASP B 151 15.92 -17.61 16.75
N LEU B 152 14.81 -18.06 17.35
CA LEU B 152 13.49 -18.00 16.77
C LEU B 152 12.54 -17.20 17.64
N THR B 153 11.74 -16.36 17.00
CA THR B 153 10.68 -15.57 17.62
C THR B 153 9.48 -15.50 16.70
N PHE B 154 8.30 -15.62 17.27
CA PHE B 154 7.02 -15.46 16.57
C PHE B 154 6.26 -14.36 17.27
N SER B 155 5.54 -13.58 16.49
CA SER B 155 4.70 -12.50 17.00
C SER B 155 3.36 -12.67 16.28
N VAL B 156 2.28 -12.78 17.06
CA VAL B 156 0.92 -12.96 16.51
C VAL B 156 0.05 -11.71 16.78
N LYS B 157 -0.59 -11.20 15.70
CA LYS B 157 -1.54 -10.09 15.70
C LYS B 157 -2.80 -10.56 14.95
N SER B 158 -3.95 -10.02 15.33
CA SER B 158 -5.22 -10.35 14.71
C SER B 158 -6.25 -9.24 14.87
N SER B 159 -7.17 -9.15 13.90
CA SER B 159 -8.27 -8.18 13.90
C SER B 159 -9.41 -8.63 13.00
N ARG B 160 -10.61 -8.06 13.21
CA ARG B 160 -11.74 -8.33 12.32
C ARG B 160 -11.86 -7.12 11.41
N GLY B 161 -11.56 -7.32 10.14
CA GLY B 161 -11.51 -6.26 9.14
C GLY B 161 -10.12 -5.66 9.05
N PRO B 165 -9.42 -2.77 13.37
CA PRO B 165 -10.67 -2.96 14.13
C PRO B 165 -10.46 -3.84 15.36
N GLN B 166 -9.70 -3.33 16.32
CA GLN B 166 -8.89 -4.17 17.18
C GLN B 166 -9.75 -4.99 18.13
N GLY B 167 -10.50 -5.94 17.58
CA GLY B 167 -11.46 -6.71 18.36
C GLY B 167 -10.87 -7.98 18.91
N VAL B 168 -9.66 -8.32 18.46
CA VAL B 168 -9.09 -9.64 18.70
C VAL B 168 -7.83 -9.56 19.55
N THR B 169 -7.77 -10.35 20.61
CA THR B 169 -6.59 -10.42 21.45
C THR B 169 -5.94 -11.80 21.38
N CYS B 170 -4.66 -11.83 21.03
CA CYS B 170 -3.94 -13.09 20.89
C CYS B 170 -2.98 -13.26 22.05
N GLY B 171 -2.80 -14.50 22.47
CA GLY B 171 -1.84 -14.84 23.51
C GLY B 171 -0.47 -14.99 22.90
N ALA B 172 0.46 -15.57 23.64
CA ALA B 172 1.81 -15.77 23.11
C ALA B 172 1.86 -17.09 22.38
N ALA B 173 2.67 -17.17 21.32
CA ALA B 173 2.90 -18.40 20.55
C ALA B 173 3.69 -19.33 21.47
N THR B 174 3.24 -20.57 21.63
CA THR B 174 3.91 -21.51 22.52
C THR B 174 4.13 -22.83 21.84
N LEU B 175 5.23 -23.50 22.18
CA LEU B 175 5.56 -24.84 21.69
C LEU B 175 4.52 -25.81 22.28
N SER B 176 3.77 -26.48 21.41
CA SER B 176 2.70 -27.37 21.82
C SER B 176 2.96 -28.85 21.54
N ALA B 177 3.92 -29.16 20.65
CA ALA B 177 4.30 -30.52 20.28
C ALA B 177 5.66 -30.55 19.59
N GLU B 178 6.30 -31.73 19.62
CA GLU B 178 7.61 -32.00 19.03
C GLU B 178 7.55 -33.39 18.40
N ARG B 179 7.45 -33.45 17.07
CA ARG B 179 7.37 -34.70 16.31
C ARG B 179 8.76 -35.07 15.74
N VAL B 180 9.11 -36.37 15.80
CA VAL B 180 10.40 -36.91 15.34
C VAL B 180 10.34 -37.72 14.01
N ARG B 181 11.50 -38.20 13.54
CA ARG B 181 11.65 -38.97 12.29
C ARG B 181 11.13 -40.41 12.40
N ASN B 184 13.64 -35.56 9.57
CA ASN B 184 12.48 -34.76 9.98
C ASN B 184 12.23 -34.67 11.51
N LYS B 185 12.54 -33.51 12.10
CA LYS B 185 12.33 -33.19 13.52
C LYS B 185 11.60 -31.85 13.54
N GLU B 186 10.26 -31.89 13.66
CA GLU B 186 9.40 -30.70 13.63
C GLU B 186 8.78 -30.31 14.92
N TYR B 187 8.69 -29.00 15.12
CA TYR B 187 8.14 -28.35 16.31
C TYR B 187 6.86 -27.65 15.94
N GLU B 188 5.80 -27.93 16.69
CA GLU B 188 4.51 -27.31 16.47
C GLU B 188 4.32 -26.15 17.43
N TYR B 189 3.90 -24.99 16.90
CA TYR B 189 3.58 -23.83 17.74
C TYR B 189 2.09 -23.56 17.62
N SER B 190 1.49 -23.07 18.69
CA SER B 190 0.08 -22.74 18.67
C SER B 190 -0.12 -21.46 19.44
N VAL B 191 -1.21 -20.75 19.11
CA VAL B 191 -1.58 -19.50 19.75
C VAL B 191 -3.09 -19.50 19.98
N GLU B 192 -3.55 -18.95 21.09
CA GLU B 192 -4.98 -18.83 21.35
C GLU B 192 -5.37 -17.37 21.23
N CYS B 193 -6.32 -17.08 20.32
CA CYS B 193 -6.81 -15.74 20.08
C CYS B 193 -8.28 -15.63 20.51
N GLN B 194 -8.72 -14.41 20.79
CA GLN B 194 -10.08 -14.15 21.22
C GLN B 194 -10.64 -12.84 20.70
N GLU B 195 -11.84 -12.90 20.12
CA GLU B 195 -12.55 -11.73 19.64
C GLU B 195 -13.26 -11.03 20.81
N ASP B 196 -12.71 -9.87 21.21
CA ASP B 196 -13.16 -9.01 22.32
C ASP B 196 -14.67 -8.76 22.33
N SER B 197 -15.25 -8.24 21.23
CA SER B 197 -16.69 -7.98 21.15
C SER B 197 -17.38 -8.87 20.12
N ALA B 198 -17.47 -10.17 20.47
CA ALA B 198 -18.06 -11.19 19.61
C ALA B 198 -19.56 -11.29 19.84
N CYS B 199 -20.31 -11.52 18.74
CA CYS B 199 -21.74 -11.77 18.83
C CYS B 199 -21.99 -13.12 18.19
N PRO B 200 -21.96 -14.19 19.00
CA PRO B 200 -22.14 -15.55 18.47
C PRO B 200 -23.38 -15.81 17.63
N ALA B 201 -24.46 -15.05 17.88
CA ALA B 201 -25.74 -15.20 17.18
C ALA B 201 -25.90 -14.27 15.96
N ALA B 202 -24.89 -13.48 15.62
CA ALA B 202 -24.97 -12.59 14.45
C ALA B 202 -24.28 -13.18 13.23
N GLU B 203 -24.44 -12.54 12.08
CA GLU B 203 -23.88 -12.97 10.80
C GLU B 203 -22.56 -12.25 10.55
N GLU B 204 -21.46 -13.01 10.39
CA GLU B 204 -20.14 -12.43 10.10
C GLU B 204 -20.14 -11.86 8.67
N SER B 205 -19.80 -10.56 8.52
CA SER B 205 -19.74 -9.87 7.22
C SER B 205 -18.31 -9.53 6.79
N LEU B 206 -17.41 -9.33 7.78
CA LEU B 206 -15.98 -9.07 7.56
C LEU B 206 -15.18 -10.22 8.16
N PRO B 207 -14.15 -10.73 7.46
CA PRO B 207 -13.40 -11.85 8.00
C PRO B 207 -12.34 -11.45 9.02
N ILE B 208 -11.94 -12.39 9.86
CA ILE B 208 -10.85 -12.22 10.80
C ILE B 208 -9.55 -12.42 10.00
N GLU B 209 -8.53 -11.63 10.34
CA GLU B 209 -7.19 -11.68 9.76
C GLU B 209 -6.25 -12.11 10.86
N VAL B 210 -5.43 -13.12 10.60
CA VAL B 210 -4.39 -13.57 11.53
C VAL B 210 -3.06 -13.31 10.84
N MET B 211 -2.17 -12.56 11.52
CA MET B 211 -0.84 -12.24 11.02
C MET B 211 0.22 -12.76 11.95
N VAL B 212 1.15 -13.53 11.40
CA VAL B 212 2.28 -14.07 12.14
C VAL B 212 3.59 -13.55 11.57
N ASP B 213 4.41 -12.90 12.43
CA ASP B 213 5.76 -12.46 12.10
C ASP B 213 6.70 -13.57 12.58
N ALA B 214 7.62 -13.99 11.73
CA ALA B 214 8.55 -15.03 12.11
C ALA B 214 9.94 -14.51 11.88
N VAL B 215 10.77 -14.58 12.92
CA VAL B 215 12.15 -14.10 12.83
C VAL B 215 13.13 -15.19 13.20
N HIS B 216 13.98 -15.59 12.25
CA HIS B 216 15.05 -16.54 12.53
C HIS B 216 16.36 -15.82 12.25
N LYS B 217 17.14 -15.54 13.33
CA LYS B 217 18.39 -14.79 13.31
C LYS B 217 18.11 -13.39 12.72
N LEU B 218 18.59 -13.11 11.49
CA LEU B 218 18.35 -11.82 10.84
C LEU B 218 17.31 -11.89 9.72
N LYS B 219 16.72 -13.06 9.52
CA LYS B 219 15.74 -13.35 8.47
C LYS B 219 14.33 -13.10 8.98
N TYR B 220 13.59 -12.22 8.26
CA TYR B 220 12.20 -11.89 8.58
C TYR B 220 11.26 -12.53 7.58
N GLU B 221 10.18 -13.16 8.08
CA GLU B 221 9.12 -13.75 7.27
C GLU B 221 7.74 -13.40 7.81
N ASN B 222 6.72 -13.53 6.94
CA ASN B 222 5.33 -13.19 7.20
C ASN B 222 4.40 -14.26 6.78
N TYR B 223 3.32 -14.44 7.55
CA TYR B 223 2.27 -15.40 7.22
C TYR B 223 0.94 -14.82 7.62
N THR B 224 -0.05 -14.90 6.70
CA THR B 224 -1.39 -14.37 6.93
C THR B 224 -2.47 -15.41 6.68
N SER B 225 -3.56 -15.33 7.43
CA SER B 225 -4.73 -16.17 7.26
C SER B 225 -5.98 -15.33 7.37
N SER B 226 -6.90 -15.48 6.43
CA SER B 226 -8.17 -14.77 6.40
C SER B 226 -9.29 -15.81 6.39
N PHE B 227 -10.22 -15.69 7.34
CA PHE B 227 -11.32 -16.62 7.50
C PHE B 227 -12.48 -15.97 8.27
N PHE B 228 -13.62 -16.65 8.23
CA PHE B 228 -14.79 -16.37 9.01
C PHE B 228 -14.78 -17.50 10.03
N ILE B 229 -15.11 -17.20 11.31
CA ILE B 229 -15.19 -18.21 12.37
C ILE B 229 -16.03 -19.40 11.89
N ARG B 230 -17.20 -19.13 11.26
CA ARG B 230 -18.10 -20.18 10.75
C ARG B 230 -17.41 -21.24 9.84
N ASP B 231 -16.34 -20.82 9.12
CA ASP B 231 -15.58 -21.66 8.19
C ASP B 231 -14.51 -22.51 8.85
N ILE B 232 -14.04 -22.10 10.01
CA ILE B 232 -13.00 -22.83 10.76
C ILE B 232 -13.57 -23.68 11.92
N ILE B 233 -14.91 -23.79 12.02
CA ILE B 233 -15.61 -24.56 13.03
C ILE B 233 -15.37 -26.06 12.83
N LYS B 234 -14.90 -26.71 13.88
CA LYS B 234 -14.76 -28.15 13.97
C LYS B 234 -15.25 -28.50 15.38
N PRO B 235 -16.47 -29.03 15.57
CA PRO B 235 -16.93 -29.34 16.93
C PRO B 235 -16.08 -30.46 17.54
N ASP B 236 -16.13 -30.61 18.86
CA ASP B 236 -15.50 -31.73 19.53
C ASP B 236 -16.37 -32.97 19.24
N PRO B 237 -15.87 -34.22 19.46
CA PRO B 237 -16.67 -35.40 19.12
C PRO B 237 -17.92 -35.55 19.99
N PRO B 238 -18.98 -36.27 19.52
CA PRO B 238 -20.10 -36.56 20.43
C PRO B 238 -19.59 -37.30 21.69
N LYS B 239 -20.26 -37.13 22.82
CA LYS B 239 -19.79 -37.80 24.05
C LYS B 239 -20.81 -38.76 24.61
N ASN B 240 -20.39 -39.55 25.62
CA ASN B 240 -21.23 -40.50 26.37
C ASN B 240 -22.00 -41.43 25.44
N LEU B 241 -21.26 -42.00 24.50
CA LEU B 241 -21.73 -42.94 23.54
C LEU B 241 -22.08 -44.24 24.24
N GLN B 242 -23.37 -44.61 24.23
CA GLN B 242 -23.89 -45.81 24.87
C GLN B 242 -24.71 -46.63 23.90
N LEU B 243 -24.84 -47.95 24.19
CA LEU B 243 -25.64 -48.93 23.44
C LEU B 243 -26.70 -49.55 24.33
N LYS B 244 -27.92 -49.55 23.85
CA LYS B 244 -29.08 -50.13 24.52
C LYS B 244 -29.57 -51.28 23.62
N PRO B 245 -29.34 -52.55 24.04
CA PRO B 245 -29.78 -53.68 23.20
C PRO B 245 -31.30 -53.75 23.07
N LEU B 246 -31.78 -54.05 21.86
CA LEU B 246 -33.21 -54.17 21.56
C LEU B 246 -33.65 -55.66 21.49
N LYS B 247 -34.98 -55.88 21.31
CA LYS B 247 -35.65 -57.20 21.23
C LYS B 247 -35.04 -58.18 20.21
N ASN B 248 -34.56 -57.66 19.07
CA ASN B 248 -33.91 -58.46 18.03
C ASN B 248 -32.44 -58.54 18.32
N SER B 249 -31.87 -59.75 18.14
CA SER B 249 -30.45 -60.03 18.32
C SER B 249 -29.66 -59.18 17.32
N ARG B 250 -28.58 -58.57 17.79
CA ARG B 250 -27.71 -57.73 16.96
C ARG B 250 -28.29 -56.32 16.59
N GLN B 251 -29.50 -55.97 17.09
CA GLN B 251 -30.12 -54.67 16.84
C GLN B 251 -29.90 -53.76 18.06
N VAL B 252 -29.21 -52.64 17.88
CA VAL B 252 -28.90 -51.75 19.02
C VAL B 252 -29.40 -50.32 18.93
N GLU B 253 -29.77 -49.77 20.10
CA GLU B 253 -30.16 -48.37 20.24
C GLU B 253 -28.88 -47.62 20.70
N VAL B 254 -28.32 -46.82 19.78
CA VAL B 254 -27.13 -46.01 20.03
C VAL B 254 -27.58 -44.62 20.50
N SER B 255 -26.95 -44.11 21.55
CA SER B 255 -27.24 -42.73 21.99
C SER B 255 -25.96 -42.03 22.37
N TRP B 256 -25.96 -40.71 22.28
CA TRP B 256 -24.80 -39.89 22.59
C TRP B 256 -25.32 -38.51 23.02
N GLU B 257 -24.40 -37.61 23.32
CA GLU B 257 -24.73 -36.25 23.72
C GLU B 257 -23.82 -35.28 22.96
N TYR B 258 -24.21 -34.00 22.96
CA TYR B 258 -23.46 -32.91 22.35
C TYR B 258 -22.14 -32.75 23.11
N PRO B 259 -21.03 -32.32 22.44
CA PRO B 259 -19.77 -32.12 23.18
C PRO B 259 -19.88 -30.96 24.16
N ASP B 260 -19.13 -30.99 25.28
CA ASP B 260 -19.20 -29.97 26.34
C ASP B 260 -18.75 -28.57 25.92
N THR B 261 -17.83 -28.49 24.97
CA THR B 261 -17.25 -27.24 24.44
C THR B 261 -18.15 -26.56 23.41
N TRP B 262 -19.16 -27.26 22.87
CA TRP B 262 -20.06 -26.73 21.83
C TRP B 262 -20.92 -25.57 22.33
N SER B 263 -21.29 -24.65 21.43
CA SER B 263 -22.07 -23.45 21.76
C SER B 263 -23.43 -23.73 22.41
N THR B 264 -23.79 -22.91 23.42
CA THR B 264 -25.07 -23.00 24.13
C THR B 264 -25.94 -21.74 23.87
N PRO B 265 -27.30 -21.90 23.83
CA PRO B 265 -28.09 -23.15 23.97
C PRO B 265 -28.04 -24.04 22.72
N HIS B 266 -28.07 -25.36 22.94
CA HIS B 266 -28.04 -26.37 21.88
C HIS B 266 -29.28 -26.35 20.98
N SER B 267 -30.37 -25.76 21.46
CA SER B 267 -31.63 -25.58 20.73
C SER B 267 -31.47 -24.45 19.69
N TYR B 268 -30.49 -23.55 19.90
CA TYR B 268 -30.16 -22.48 18.97
C TYR B 268 -29.02 -23.01 18.06
N PHE B 269 -27.87 -23.37 18.68
CA PHE B 269 -26.69 -23.92 18.00
C PHE B 269 -26.78 -25.44 17.87
N SER B 270 -27.62 -25.88 16.94
CA SER B 270 -27.88 -27.31 16.66
C SER B 270 -26.76 -27.96 15.88
N LEU B 271 -26.57 -29.24 16.14
CA LEU B 271 -25.60 -30.11 15.46
C LEU B 271 -26.36 -31.22 14.72
N THR B 272 -25.67 -31.85 13.77
CA THR B 272 -26.13 -32.99 12.98
C THR B 272 -25.07 -34.11 13.09
N PHE B 273 -25.54 -35.33 13.07
CA PHE B 273 -24.68 -36.46 13.32
C PHE B 273 -24.64 -37.49 12.21
N CYS B 274 -23.53 -38.23 12.16
CA CYS B 274 -23.29 -39.33 11.23
C CYS B 274 -22.88 -40.54 12.04
N VAL B 275 -23.63 -41.63 11.91
CA VAL B 275 -23.41 -42.87 12.63
C VAL B 275 -22.92 -43.92 11.64
N GLN B 276 -21.78 -44.52 11.92
CA GLN B 276 -21.14 -45.52 11.04
C GLN B 276 -20.80 -46.80 11.79
N VAL B 277 -21.27 -47.94 11.24
CA VAL B 277 -20.92 -49.28 11.73
C VAL B 277 -19.65 -49.64 10.96
N GLN B 278 -18.53 -49.75 11.70
CA GLN B 278 -17.19 -50.02 11.17
C GLN B 278 -16.80 -51.49 11.42
N GLY B 279 -16.27 -52.14 10.39
CA GLY B 279 -15.84 -53.53 10.44
C GLY B 279 -15.83 -54.22 9.09
N ASP B 287 -25.19 -49.41 6.75
CA ASP B 287 -24.06 -49.26 7.67
C ASP B 287 -23.90 -47.80 8.17
N ARG B 288 -24.35 -46.83 7.36
CA ARG B 288 -24.27 -45.39 7.63
C ARG B 288 -25.67 -44.82 7.90
N VAL B 289 -25.75 -43.80 8.76
CA VAL B 289 -27.01 -43.16 9.15
C VAL B 289 -26.79 -41.73 9.54
N PHE B 290 -27.45 -40.79 8.84
CA PHE B 290 -27.40 -39.36 9.14
C PHE B 290 -28.64 -38.99 9.93
N THR B 291 -28.48 -38.29 11.05
CA THR B 291 -29.60 -37.87 11.91
C THR B 291 -29.30 -36.56 12.60
N ASP B 292 -30.38 -35.82 12.92
CA ASP B 292 -30.30 -34.56 13.72
C ASP B 292 -30.54 -34.91 15.22
N LYS B 293 -31.05 -36.13 15.48
CA LYS B 293 -31.32 -36.65 16.83
C LYS B 293 -30.03 -37.17 17.46
N THR B 294 -30.04 -37.36 18.80
CA THR B 294 -28.91 -37.88 19.54
C THR B 294 -29.03 -39.38 19.76
N SER B 295 -29.89 -40.03 18.99
CA SER B 295 -30.05 -41.49 19.04
C SER B 295 -30.35 -42.06 17.69
N ALA B 296 -29.99 -43.33 17.50
CA ALA B 296 -30.20 -44.07 16.27
C ALA B 296 -30.28 -45.56 16.59
N THR B 297 -30.92 -46.33 15.71
CA THR B 297 -31.00 -47.78 15.81
C THR B 297 -30.30 -48.38 14.61
N VAL B 298 -29.35 -49.26 14.88
CA VAL B 298 -28.51 -49.92 13.88
C VAL B 298 -28.40 -51.42 14.18
N ILE B 299 -27.85 -52.20 13.23
CA ILE B 299 -27.59 -53.62 13.42
C ILE B 299 -26.08 -53.89 13.62
N CYS B 300 -25.73 -54.39 14.82
CA CYS B 300 -24.38 -54.67 15.32
C CYS B 300 -23.90 -56.05 15.01
N ARG B 301 -22.73 -56.17 14.43
CA ARG B 301 -22.10 -57.48 14.34
C ARG B 301 -21.13 -57.47 15.54
N LYS B 302 -21.09 -58.53 16.35
CA LYS B 302 -20.13 -58.64 17.46
C LYS B 302 -18.71 -58.49 16.80
N ASN B 303 -17.76 -57.81 17.49
CA ASN B 303 -16.40 -57.56 16.95
C ASN B 303 -16.35 -56.30 16.04
N ALA B 304 -17.44 -55.53 15.98
CA ALA B 304 -17.52 -54.34 15.15
C ALA B 304 -17.74 -53.11 16.01
N SER B 305 -17.42 -51.93 15.47
CA SER B 305 -17.52 -50.70 16.22
C SER B 305 -18.55 -49.72 15.66
N ILE B 306 -19.25 -49.04 16.55
CA ILE B 306 -20.20 -47.99 16.17
C ILE B 306 -19.53 -46.66 16.45
N SER B 307 -19.35 -45.87 15.38
CA SER B 307 -18.71 -44.56 15.44
C SER B 307 -19.71 -43.44 15.12
N VAL B 308 -19.56 -42.30 15.81
CA VAL B 308 -20.40 -41.11 15.66
C VAL B 308 -19.52 -39.88 15.54
N ARG B 309 -19.87 -38.99 14.60
CA ARG B 309 -19.23 -37.69 14.42
C ARG B 309 -20.31 -36.60 14.25
N ALA B 310 -19.98 -35.35 14.58
CA ALA B 310 -20.89 -34.21 14.56
C ALA B 310 -20.45 -33.11 13.59
N GLN B 311 -21.42 -32.28 13.19
CA GLN B 311 -21.25 -31.14 12.29
C GLN B 311 -22.32 -30.10 12.57
N ASP B 312 -22.00 -28.79 12.33
CA ASP B 312 -23.03 -27.75 12.43
C ASP B 312 -24.21 -28.17 11.51
N ARG B 313 -25.44 -28.13 12.03
CA ARG B 313 -26.63 -28.55 11.27
C ARG B 313 -26.96 -27.64 10.08
N TYR B 314 -26.62 -26.35 10.18
CA TYR B 314 -27.00 -25.32 9.22
C TYR B 314 -25.93 -24.80 8.30
N TYR B 315 -24.67 -25.11 8.59
CA TYR B 315 -23.54 -24.61 7.83
C TYR B 315 -22.51 -25.68 7.63
N SER B 316 -22.12 -25.89 6.37
CA SER B 316 -21.17 -26.93 5.98
C SER B 316 -19.71 -26.65 6.35
N SER B 317 -19.40 -26.81 7.65
CA SER B 317 -18.05 -26.69 8.15
C SER B 317 -17.54 -28.12 8.42
N SER B 318 -16.41 -28.26 9.13
CA SER B 318 -15.79 -29.55 9.38
C SER B 318 -16.56 -30.48 10.32
N TRP B 319 -16.44 -31.78 10.04
CA TRP B 319 -16.98 -32.82 10.88
C TRP B 319 -16.02 -33.02 12.01
N SER B 320 -16.52 -33.41 13.17
CA SER B 320 -15.68 -33.71 14.33
C SER B 320 -14.87 -35.00 14.10
N GLU B 321 -13.97 -35.29 15.05
CA GLU B 321 -13.27 -36.56 15.12
C GLU B 321 -14.36 -37.58 15.50
N TRP B 322 -14.15 -38.86 15.18
CA TRP B 322 -15.10 -39.92 15.51
C TRP B 322 -15.06 -40.26 17.02
N ALA B 323 -16.25 -40.47 17.58
CA ALA B 323 -16.47 -40.98 18.93
C ALA B 323 -16.85 -42.44 18.64
N SER B 324 -16.31 -43.40 19.37
CA SER B 324 -16.60 -44.80 19.07
C SER B 324 -16.90 -45.68 20.30
N VAL B 325 -17.66 -46.75 20.07
CA VAL B 325 -18.06 -47.72 21.08
C VAL B 325 -18.18 -49.12 20.45
N PRO B 326 -17.62 -50.17 21.08
CA PRO B 326 -17.72 -51.52 20.48
C PRO B 326 -19.08 -52.17 20.67
N CYS B 327 -19.44 -53.12 19.77
CA CYS B 327 -20.71 -53.84 19.82
C CYS B 327 -20.81 -54.76 21.04
N PRO C 28 -25.85 29.68 -33.07
CA PRO C 28 -25.04 28.48 -32.85
C PRO C 28 -25.78 27.36 -32.11
N ALA C 29 -25.47 26.09 -32.44
CA ALA C 29 -26.08 24.93 -31.78
C ALA C 29 -25.30 24.60 -30.51
N TRP C 30 -25.50 25.41 -29.45
CA TRP C 30 -24.81 25.35 -28.16
C TRP C 30 -24.67 23.97 -27.52
N THR C 31 -25.76 23.20 -27.43
CA THR C 31 -25.74 21.86 -26.82
C THR C 31 -24.87 20.85 -27.60
N GLN C 32 -25.00 20.82 -28.94
CA GLN C 32 -24.19 19.92 -29.78
C GLN C 32 -22.74 20.36 -29.72
N CYS C 33 -22.47 21.68 -29.87
CA CYS C 33 -21.12 22.25 -29.80
C CYS C 33 -20.43 21.88 -28.47
N GLN C 34 -21.17 22.00 -27.34
CA GLN C 34 -20.68 21.64 -26.01
C GLN C 34 -20.26 20.16 -25.98
N GLN C 35 -21.13 19.27 -26.44
CA GLN C 35 -20.90 17.82 -26.49
C GLN C 35 -19.69 17.44 -27.35
N LEU C 36 -19.59 18.03 -28.54
CA LEU C 36 -18.51 17.82 -29.49
C LEU C 36 -17.16 18.38 -29.01
N SER C 37 -17.15 19.57 -28.40
CA SER C 37 -15.91 20.19 -27.91
C SER C 37 -15.37 19.39 -26.73
N GLN C 38 -16.26 18.89 -25.85
CA GLN C 38 -15.82 18.06 -24.73
C GLN C 38 -15.22 16.75 -25.27
N LYS C 39 -15.85 16.12 -26.30
CA LYS C 39 -15.31 14.91 -26.92
C LYS C 39 -13.91 15.16 -27.51
N LEU C 40 -13.66 16.36 -28.08
CA LEU C 40 -12.36 16.76 -28.61
C LEU C 40 -11.27 16.79 -27.51
N CYS C 41 -11.63 17.22 -26.28
CA CYS C 41 -10.71 17.23 -25.13
C CYS C 41 -10.30 15.80 -24.78
N THR C 42 -11.23 14.86 -24.81
CA THR C 42 -10.96 13.45 -24.54
C THR C 42 -10.08 12.80 -25.63
N LEU C 43 -10.38 13.07 -26.90
CA LEU C 43 -9.64 12.53 -28.04
C LEU C 43 -8.24 13.13 -28.11
N ALA C 44 -8.11 14.45 -27.87
CA ALA C 44 -6.80 15.13 -27.88
C ALA C 44 -5.92 14.58 -26.80
N TRP C 45 -6.47 14.31 -25.60
CA TRP C 45 -5.75 13.74 -24.46
C TRP C 45 -5.42 12.28 -24.75
N SER C 46 -6.37 11.50 -25.26
CA SER C 46 -6.19 10.09 -25.61
C SER C 46 -5.05 9.89 -26.61
N ALA C 47 -4.93 10.79 -27.63
CA ALA C 47 -3.88 10.82 -28.66
C ALA C 47 -2.47 11.02 -28.06
N HIS C 48 -2.37 11.86 -26.99
CA HIS C 48 -1.09 12.20 -26.30
C HIS C 48 -1.34 12.38 -24.78
N PRO C 49 -1.52 11.27 -24.02
CA PRO C 49 -1.84 11.39 -22.59
C PRO C 49 -0.75 11.77 -21.59
N LEU C 50 0.02 12.85 -21.86
CA LEU C 50 1.08 13.47 -21.01
C LEU C 50 2.47 13.46 -21.61
N ASP C 67 3.15 31.53 -35.91
CA ASP C 67 2.44 31.05 -37.09
C ASP C 67 1.47 29.89 -36.73
N VAL C 68 0.91 29.93 -35.50
CA VAL C 68 -0.04 28.95 -34.94
C VAL C 68 -1.20 29.75 -34.30
N PRO C 69 -2.49 29.42 -34.61
CA PRO C 69 -3.60 30.18 -34.03
C PRO C 69 -3.89 29.83 -32.56
N HIS C 70 -4.05 30.89 -31.75
CA HIS C 70 -4.37 30.81 -30.32
C HIS C 70 -5.54 31.72 -30.03
N ILE C 71 -6.28 31.43 -28.98
CA ILE C 71 -7.37 32.32 -28.56
C ILE C 71 -6.71 33.36 -27.66
N GLN C 72 -6.69 34.61 -28.11
CA GLN C 72 -6.08 35.72 -27.39
C GLN C 72 -7.08 36.53 -26.58
N CYS C 73 -6.60 37.51 -25.78
CA CYS C 73 -7.41 38.40 -24.92
C CYS C 73 -8.48 39.14 -25.66
N GLY C 74 -8.14 39.65 -26.85
CA GLY C 74 -9.03 40.44 -27.68
C GLY C 74 -10.09 39.65 -28.42
N ASP C 75 -9.99 38.30 -28.39
CA ASP C 75 -10.92 37.43 -29.08
C ASP C 75 -12.32 37.32 -28.46
N GLY C 76 -12.48 37.83 -27.25
CA GLY C 76 -13.74 37.87 -26.52
C GLY C 76 -14.35 36.53 -26.20
N CYS C 77 -13.51 35.59 -25.74
CA CYS C 77 -13.94 34.23 -25.39
C CYS C 77 -14.34 34.07 -23.93
N ASP C 78 -14.29 35.15 -23.17
CA ASP C 78 -14.70 35.20 -21.77
C ASP C 78 -16.26 35.34 -21.68
N PRO C 79 -16.92 35.03 -20.53
CA PRO C 79 -18.38 35.17 -20.46
C PRO C 79 -18.97 36.47 -21.00
N GLN C 80 -18.40 37.65 -20.65
CA GLN C 80 -18.88 38.97 -21.08
C GLN C 80 -18.80 39.16 -22.60
N GLY C 81 -17.69 38.73 -23.20
CA GLY C 81 -17.49 38.76 -24.64
C GLY C 81 -18.53 37.93 -25.37
N LEU C 82 -18.86 36.75 -24.82
CA LEU C 82 -19.85 35.85 -25.39
C LEU C 82 -21.26 36.42 -25.28
N ARG C 83 -21.54 37.19 -24.21
CA ARG C 83 -22.84 37.80 -23.99
C ARG C 83 -23.08 38.90 -25.00
N ASP C 84 -22.08 39.80 -25.17
CA ASP C 84 -22.12 40.93 -26.07
C ASP C 84 -22.23 40.51 -27.53
N ASN C 85 -21.27 39.72 -28.02
CA ASN C 85 -21.22 39.21 -29.39
C ASN C 85 -20.39 37.97 -29.44
N SER C 86 -21.03 36.80 -29.38
CA SER C 86 -20.39 35.49 -29.40
C SER C 86 -19.68 35.18 -30.74
N GLN C 87 -19.95 35.93 -31.80
CA GLN C 87 -19.33 35.74 -33.11
C GLN C 87 -17.83 35.94 -33.19
N PHE C 88 -17.24 36.90 -32.45
CA PHE C 88 -15.78 37.11 -32.50
C PHE C 88 -15.03 35.87 -32.03
N CYS C 89 -15.48 35.32 -30.91
CA CYS C 89 -14.89 34.14 -30.32
C CYS C 89 -15.09 32.93 -31.21
N LEU C 90 -16.33 32.75 -31.72
CA LEU C 90 -16.64 31.61 -32.57
C LEU C 90 -15.90 31.58 -33.91
N GLN C 91 -15.65 32.76 -34.53
CA GLN C 91 -14.86 32.87 -35.78
C GLN C 91 -13.41 32.42 -35.51
N ARG C 92 -12.83 32.86 -34.36
CA ARG C 92 -11.46 32.47 -33.96
C ARG C 92 -11.39 30.98 -33.68
N ILE C 93 -12.38 30.42 -32.95
CA ILE C 93 -12.48 28.98 -32.69
C ILE C 93 -12.56 28.24 -34.05
N HIS C 94 -13.38 28.75 -34.98
CA HIS C 94 -13.53 28.17 -36.34
C HIS C 94 -12.18 28.13 -37.09
N GLN C 95 -11.43 29.26 -37.07
CA GLN C 95 -10.12 29.39 -37.71
C GLN C 95 -9.15 28.32 -37.19
N GLY C 96 -9.05 28.22 -35.87
CA GLY C 96 -8.20 27.26 -35.19
C GLY C 96 -8.55 25.82 -35.52
N LEU C 97 -9.85 25.51 -35.67
CA LEU C 97 -10.33 24.16 -36.01
C LEU C 97 -9.88 23.72 -37.41
N ILE C 98 -9.95 24.63 -38.39
CA ILE C 98 -9.55 24.42 -39.78
C ILE C 98 -8.02 24.21 -39.86
N PHE C 99 -7.25 25.01 -39.10
CA PHE C 99 -5.79 24.93 -39.03
C PHE C 99 -5.33 23.57 -38.50
N TYR C 100 -5.93 23.14 -37.38
CA TYR C 100 -5.58 21.86 -36.79
C TYR C 100 -5.97 20.67 -37.63
N GLU C 101 -7.14 20.75 -38.34
CA GLU C 101 -7.58 19.65 -39.20
C GLU C 101 -6.64 19.43 -40.39
N LYS C 102 -6.13 20.51 -40.96
CA LYS C 102 -5.20 20.47 -42.09
C LYS C 102 -3.84 19.91 -41.62
N LEU C 103 -3.40 20.29 -40.39
CA LEU C 103 -2.17 19.78 -39.80
C LEU C 103 -2.27 18.27 -39.53
N LEU C 104 -3.42 17.83 -39.00
CA LEU C 104 -3.65 16.42 -38.67
C LEU C 104 -3.82 15.54 -39.92
N GLY C 105 -4.06 16.16 -41.06
CA GLY C 105 -4.20 15.47 -42.34
C GLY C 105 -2.95 15.54 -43.18
N SER C 106 -1.94 16.28 -42.71
CA SER C 106 -0.65 16.45 -43.38
C SER C 106 0.28 15.25 -43.14
N ASP C 107 1.44 15.23 -43.86
CA ASP C 107 2.46 14.19 -43.82
C ASP C 107 3.00 13.97 -42.42
N ILE C 108 2.90 14.99 -41.56
CA ILE C 108 3.36 14.94 -40.16
C ILE C 108 2.64 13.79 -39.47
N PHE C 109 1.33 13.64 -39.75
CA PHE C 109 0.53 12.59 -39.15
C PHE C 109 0.36 11.34 -40.00
N THR C 110 0.29 11.49 -41.34
CA THR C 110 0.09 10.36 -42.27
C THR C 110 1.36 9.57 -42.58
N GLY C 111 2.54 10.17 -42.34
CA GLY C 111 3.83 9.53 -42.57
C GLY C 111 4.25 8.58 -41.46
N GLU C 112 5.46 8.06 -41.60
CA GLU C 112 6.03 7.09 -40.68
C GLU C 112 6.60 7.75 -39.38
N PRO C 113 6.53 7.08 -38.19
CA PRO C 113 5.85 5.79 -37.90
C PRO C 113 4.34 5.94 -38.03
N SER C 114 3.72 5.08 -38.87
CA SER C 114 2.30 5.08 -39.17
C SER C 114 1.45 5.05 -37.90
N LEU C 115 0.44 5.92 -37.81
CA LEU C 115 -0.45 5.88 -36.66
C LEU C 115 -1.29 4.59 -36.77
N LEU C 116 -1.89 4.16 -35.66
CA LEU C 116 -2.73 2.97 -35.69
C LEU C 116 -3.97 3.24 -36.54
N PRO C 117 -4.51 2.26 -37.29
CA PRO C 117 -5.70 2.56 -38.14
C PRO C 117 -6.94 3.04 -37.36
N ASP C 118 -7.07 2.63 -36.09
CA ASP C 118 -8.18 3.05 -35.22
C ASP C 118 -7.78 4.20 -34.20
N SER C 119 -6.64 4.88 -34.47
CA SER C 119 -6.07 5.92 -33.61
C SER C 119 -7.07 7.03 -33.25
N PRO C 120 -7.08 7.56 -32.01
CA PRO C 120 -7.96 8.70 -31.72
C PRO C 120 -7.71 9.93 -32.63
N VAL C 121 -6.52 10.03 -33.27
CA VAL C 121 -6.19 11.12 -34.21
C VAL C 121 -7.18 11.14 -35.40
N GLY C 122 -7.55 9.95 -35.89
CA GLY C 122 -8.52 9.77 -36.97
C GLY C 122 -9.85 10.36 -36.61
N GLN C 123 -10.36 10.01 -35.41
CA GLN C 123 -11.62 10.52 -34.87
C GLN C 123 -11.53 12.01 -34.52
N LEU C 124 -10.36 12.47 -34.06
CA LEU C 124 -10.06 13.85 -33.68
C LEU C 124 -10.19 14.70 -34.95
N HIS C 125 -9.62 14.24 -36.07
CA HIS C 125 -9.65 14.85 -37.41
C HIS C 125 -11.08 14.98 -37.93
N ALA C 126 -11.92 13.96 -37.66
CA ALA C 126 -13.33 13.93 -38.05
C ALA C 126 -14.19 14.86 -37.16
N SER C 127 -13.94 14.88 -35.82
CA SER C 127 -14.67 15.69 -34.85
C SER C 127 -14.33 17.17 -34.97
N LEU C 128 -13.12 17.52 -35.46
CA LEU C 128 -12.70 18.91 -35.69
C LEU C 128 -13.56 19.46 -36.84
N LEU C 129 -13.72 18.68 -37.95
CA LEU C 129 -14.56 19.02 -39.12
C LEU C 129 -16.02 19.16 -38.71
N GLY C 130 -16.51 18.24 -37.88
CA GLY C 130 -17.86 18.27 -37.35
C GLY C 130 -18.18 19.55 -36.60
N LEU C 131 -17.25 20.02 -35.75
CA LEU C 131 -17.44 21.25 -34.98
C LEU C 131 -17.35 22.50 -35.84
N SER C 132 -16.39 22.56 -36.79
CA SER C 132 -16.25 23.74 -37.66
C SER C 132 -17.49 23.90 -38.58
N GLN C 133 -18.24 22.80 -38.77
CA GLN C 133 -19.49 22.73 -39.53
C GLN C 133 -20.63 23.44 -38.81
N LEU C 134 -20.80 23.16 -37.50
CA LEU C 134 -21.85 23.75 -36.65
C LEU C 134 -21.64 25.25 -36.45
N LEU C 135 -20.53 25.78 -37.02
CA LEU C 135 -20.26 27.21 -36.91
C LEU C 135 -20.79 28.01 -38.11
N GLN C 136 -20.20 27.79 -39.32
CA GLN C 136 -20.67 28.30 -40.61
C GLN C 136 -20.05 27.56 -41.81
N GLN C 154 13.31 12.12 -40.97
CA GLN C 154 11.92 12.48 -40.77
C GLN C 154 11.14 11.60 -39.77
N PRO C 155 11.20 10.24 -39.79
CA PRO C 155 10.39 9.45 -38.83
C PRO C 155 10.47 9.88 -37.36
N TRP C 156 11.68 10.04 -36.81
CA TRP C 156 11.92 10.49 -35.43
C TRP C 156 11.46 11.93 -35.23
N GLN C 157 11.57 12.77 -36.29
CA GLN C 157 11.17 14.18 -36.30
C GLN C 157 9.68 14.31 -36.25
N ARG C 158 8.96 13.42 -36.99
CA ARG C 158 7.51 13.39 -37.03
C ARG C 158 6.98 13.12 -35.65
N LEU C 159 7.56 12.15 -34.90
CA LEU C 159 7.12 11.88 -33.53
C LEU C 159 7.14 13.12 -32.67
N LEU C 160 8.25 13.88 -32.72
CA LEU C 160 8.47 15.12 -31.98
C LEU C 160 7.46 16.18 -32.41
N LEU C 161 7.27 16.35 -33.73
CA LEU C 161 6.28 17.30 -34.23
C LEU C 161 4.84 16.92 -33.79
N ARG C 162 4.52 15.63 -33.74
CA ARG C 162 3.20 15.13 -33.34
C ARG C 162 2.90 15.42 -31.87
N PHE C 163 3.91 15.36 -30.99
CA PHE C 163 3.74 15.65 -29.57
C PHE C 163 3.51 17.14 -29.30
N LYS C 164 4.18 18.04 -30.07
CA LYS C 164 4.05 19.50 -29.91
C LYS C 164 2.72 19.97 -30.39
N ILE C 165 2.28 19.53 -31.59
CA ILE C 165 0.98 19.83 -32.19
C ILE C 165 -0.17 19.35 -31.28
N LEU C 166 -0.14 18.08 -30.83
CA LEU C 166 -1.18 17.51 -29.95
C LEU C 166 -1.30 18.23 -28.61
N ARG C 167 -0.17 18.69 -28.04
CA ARG C 167 -0.14 19.45 -26.79
C ARG C 167 -0.72 20.81 -26.95
N SER C 168 -0.43 21.48 -28.09
CA SER C 168 -0.95 22.81 -28.46
C SER C 168 -2.48 22.70 -28.73
N LEU C 169 -2.91 21.61 -29.42
CA LEU C 169 -4.32 21.29 -29.70
C LEU C 169 -5.14 21.09 -28.41
N GLN C 170 -4.55 20.40 -27.41
CA GLN C 170 -5.18 20.14 -26.11
C GLN C 170 -5.51 21.48 -25.43
N ALA C 171 -4.60 22.46 -25.53
CA ALA C 171 -4.78 23.77 -24.93
C ALA C 171 -5.90 24.54 -25.66
N PHE C 172 -5.96 24.45 -26.99
CA PHE C 172 -6.98 25.10 -27.84
C PHE C 172 -8.37 24.54 -27.55
N VAL C 173 -8.52 23.21 -27.65
CA VAL C 173 -9.83 22.54 -27.41
C VAL C 173 -10.37 22.73 -26.00
N ALA C 174 -9.48 22.97 -25.01
CA ALA C 174 -9.90 23.22 -23.63
C ALA C 174 -10.60 24.57 -23.54
N VAL C 175 -10.06 25.62 -24.17
CA VAL C 175 -10.66 26.97 -24.18
C VAL C 175 -12.02 26.90 -24.90
N ALA C 176 -12.05 26.24 -26.08
CA ALA C 176 -13.26 26.03 -26.88
C ALA C 176 -14.36 25.32 -26.05
N ALA C 177 -13.98 24.24 -25.36
CA ALA C 177 -14.88 23.48 -24.49
C ALA C 177 -15.49 24.39 -23.41
N ARG C 178 -14.69 25.29 -22.79
CA ARG C 178 -15.18 26.21 -21.77
C ARG C 178 -16.22 27.18 -22.38
N VAL C 179 -15.91 27.73 -23.56
CA VAL C 179 -16.79 28.62 -24.32
C VAL C 179 -18.16 27.97 -24.58
N PHE C 180 -18.18 26.77 -25.17
CA PHE C 180 -19.45 26.09 -25.48
C PHE C 180 -20.23 25.64 -24.26
N ALA C 181 -19.51 25.19 -23.21
CA ALA C 181 -20.14 24.77 -21.97
C ALA C 181 -20.83 25.98 -21.29
N HIS C 182 -20.17 27.15 -21.26
CA HIS C 182 -20.78 28.36 -20.70
C HIS C 182 -21.97 28.82 -21.55
N GLY C 183 -21.81 28.79 -22.87
CA GLY C 183 -22.84 29.14 -23.85
C GLY C 183 -24.09 28.29 -23.73
N ALA C 184 -23.93 26.96 -23.65
CA ALA C 184 -25.05 26.02 -23.48
C ALA C 184 -25.73 26.21 -22.11
N ALA C 185 -24.99 26.70 -21.13
CA ALA C 185 -25.53 26.89 -19.79
C ALA C 185 -26.29 28.20 -19.60
N THR C 186 -25.98 29.25 -20.38
CA THR C 186 -26.58 30.57 -20.18
C THR C 186 -27.12 31.25 -21.43
N LEU C 187 -26.53 30.99 -22.60
CA LEU C 187 -26.89 31.68 -23.85
C LEU C 187 -27.76 30.83 -24.79
N SER C 188 -28.21 29.66 -24.29
CA SER C 188 -29.01 28.70 -25.03
C SER C 188 -30.39 28.56 -24.38
N PRO C 189 -31.48 28.40 -25.17
CA PRO C 189 -31.52 28.27 -26.64
C PRO C 189 -31.72 29.59 -27.39
N ILE D 23 33.21 39.65 -14.95
CA ILE D 23 32.42 40.30 -13.92
C ILE D 23 31.13 40.91 -14.52
N TRP D 24 30.06 40.93 -13.75
CA TRP D 24 28.78 41.52 -14.14
C TRP D 24 28.03 42.09 -12.93
N GLU D 25 27.29 43.19 -13.12
CA GLU D 25 26.56 43.82 -12.04
C GLU D 25 25.24 43.08 -11.71
N LEU D 26 25.05 42.68 -10.43
CA LEU D 26 23.83 42.02 -9.98
C LEU D 26 22.77 43.08 -9.59
N LYS D 27 23.21 44.07 -8.81
CA LYS D 27 22.47 45.24 -8.33
C LYS D 27 23.51 46.30 -7.98
N LYS D 28 23.11 47.57 -7.75
CA LYS D 28 24.04 48.65 -7.41
C LYS D 28 25.06 48.22 -6.35
N ASP D 29 26.34 48.34 -6.71
CA ASP D 29 27.54 48.01 -5.91
C ASP D 29 27.73 46.53 -5.56
N VAL D 30 26.99 45.65 -6.27
CA VAL D 30 27.06 44.19 -6.09
C VAL D 30 27.37 43.55 -7.44
N TYR D 31 28.50 42.84 -7.51
CA TYR D 31 28.99 42.20 -8.73
C TYR D 31 29.20 40.72 -8.57
N VAL D 32 29.01 39.96 -9.68
CA VAL D 32 29.19 38.51 -9.68
C VAL D 32 30.37 38.20 -10.59
N VAL D 33 31.34 37.42 -10.06
CA VAL D 33 32.49 36.94 -10.81
C VAL D 33 32.26 35.44 -11.01
N GLU D 34 32.27 35.01 -12.26
CA GLU D 34 32.09 33.60 -12.62
C GLU D 34 33.42 32.88 -12.50
N LEU D 35 33.59 32.11 -11.41
CA LEU D 35 34.84 31.43 -11.17
C LEU D 35 34.79 29.98 -11.61
N ASP D 36 35.57 29.62 -12.65
CA ASP D 36 35.66 28.24 -13.12
C ASP D 36 36.78 27.61 -12.29
N TRP D 37 36.41 26.95 -11.16
CA TRP D 37 37.39 26.38 -10.26
C TRP D 37 37.76 24.97 -10.52
N TYR D 38 39.07 24.81 -10.58
CA TYR D 38 39.79 23.57 -10.59
C TYR D 38 41.19 23.80 -10.07
N PRO D 39 41.88 22.71 -9.77
CA PRO D 39 43.00 22.74 -8.82
C PRO D 39 43.95 23.90 -9.13
N ASP D 40 44.35 24.04 -10.39
CA ASP D 40 45.48 24.89 -10.75
C ASP D 40 45.03 26.08 -11.58
N ALA D 41 44.24 26.96 -10.96
CA ALA D 41 44.04 28.30 -11.50
C ALA D 41 43.02 28.30 -12.63
N PRO D 42 43.18 29.22 -13.56
CA PRO D 42 43.84 30.50 -13.27
C PRO D 42 43.06 31.68 -12.68
N GLY D 43 41.74 31.59 -12.69
CA GLY D 43 40.80 32.56 -12.17
C GLY D 43 40.49 33.69 -13.14
N GLU D 44 39.93 34.78 -12.63
CA GLU D 44 39.58 35.92 -13.44
C GLU D 44 40.32 37.15 -12.99
N MET D 45 40.92 37.87 -13.95
CA MET D 45 41.59 39.13 -13.67
C MET D 45 40.48 40.19 -13.64
N VAL D 46 40.23 40.75 -12.47
CA VAL D 46 39.17 41.74 -12.26
C VAL D 46 39.79 43.13 -11.97
N VAL D 47 39.26 44.15 -12.65
CA VAL D 47 39.68 45.53 -12.44
C VAL D 47 38.51 46.28 -11.76
N LEU D 48 38.72 46.70 -10.51
CA LEU D 48 37.72 47.48 -9.79
C LEU D 48 38.07 48.94 -9.94
N THR D 49 37.07 49.77 -10.18
CA THR D 49 37.27 51.21 -10.34
C THR D 49 36.55 51.96 -9.24
N CYS D 50 37.24 52.92 -8.61
CA CYS D 50 36.63 53.75 -7.60
C CYS D 50 35.63 54.70 -8.23
N ASP D 51 34.38 54.76 -7.69
CA ASP D 51 33.36 55.67 -8.18
C ASP D 51 33.54 57.02 -7.48
N THR D 52 34.45 57.84 -8.02
CA THR D 52 34.82 59.15 -7.51
C THR D 52 35.47 60.00 -8.62
N PRO D 53 35.38 61.34 -8.58
CA PRO D 53 36.10 62.14 -9.59
C PRO D 53 37.61 62.18 -9.32
N GLU D 54 38.04 61.76 -8.11
CA GLU D 54 39.43 61.74 -7.63
C GLU D 54 40.38 60.70 -8.28
N GLU D 55 41.68 61.04 -8.36
CA GLU D 55 42.73 60.22 -8.97
C GLU D 55 43.91 59.93 -8.02
N ASP D 56 44.13 60.82 -7.01
CA ASP D 56 45.25 60.75 -6.06
C ASP D 56 44.86 60.48 -4.60
N GLY D 57 45.76 59.81 -3.88
CA GLY D 57 45.59 59.42 -2.48
C GLY D 57 44.55 58.35 -2.19
N ILE D 58 44.14 57.54 -3.22
CA ILE D 58 43.15 56.49 -3.05
C ILE D 58 43.82 55.23 -2.50
N THR D 59 43.21 54.65 -1.48
CA THR D 59 43.62 53.43 -0.80
C THR D 59 42.44 52.41 -0.88
N TRP D 60 42.75 51.11 -1.05
CA TRP D 60 41.75 50.03 -1.09
C TRP D 60 41.96 49.07 0.07
N THR D 61 40.85 48.59 0.64
CA THR D 61 40.80 47.59 1.70
C THR D 61 39.77 46.54 1.31
N LEU D 62 39.80 45.41 2.02
CA LEU D 62 38.90 44.31 1.84
C LEU D 62 38.25 43.98 3.19
N ASP D 63 36.92 43.91 3.19
CA ASP D 63 36.09 43.57 4.32
C ASP D 63 36.38 44.34 5.60
N GLN D 64 36.83 43.69 6.67
CA GLN D 64 37.07 44.39 7.93
C GLN D 64 38.53 44.75 8.22
N SER D 65 39.47 44.28 7.38
CA SER D 65 40.90 44.51 7.57
C SER D 65 41.35 45.89 7.10
N SER D 66 42.28 46.49 7.86
CA SER D 66 42.85 47.80 7.59
C SER D 66 43.96 47.78 6.53
N GLU D 67 44.45 46.59 6.16
CA GLU D 67 45.50 46.32 5.18
C GLU D 67 45.22 46.98 3.85
N VAL D 68 46.14 47.85 3.40
CA VAL D 68 46.06 48.53 2.10
C VAL D 68 46.41 47.51 1.02
N LEU D 69 45.43 47.16 0.19
CA LEU D 69 45.57 46.19 -0.89
C LEU D 69 46.16 46.83 -2.13
N GLY D 70 45.97 48.13 -2.25
CA GLY D 70 46.46 48.89 -3.37
C GLY D 70 46.13 50.36 -3.27
N SER D 71 46.81 51.13 -4.13
CA SER D 71 46.67 52.56 -4.26
C SER D 71 46.27 52.88 -5.70
N GLY D 72 45.48 53.92 -5.86
CA GLY D 72 45.01 54.34 -7.16
C GLY D 72 43.52 54.19 -7.37
N LYS D 73 43.01 54.87 -8.41
CA LYS D 73 41.61 54.87 -8.85
C LYS D 73 41.13 53.45 -9.22
N THR D 74 42.05 52.59 -9.73
CA THR D 74 41.72 51.21 -10.09
C THR D 74 42.51 50.19 -9.25
N LEU D 75 41.91 49.02 -8.97
CA LEU D 75 42.56 47.91 -8.25
C LEU D 75 42.41 46.66 -9.10
N THR D 76 43.55 45.99 -9.39
CA THR D 76 43.53 44.74 -10.17
C THR D 76 43.61 43.55 -9.22
N ILE D 77 42.60 42.69 -9.30
CA ILE D 77 42.49 41.48 -8.47
C ILE D 77 42.48 40.24 -9.37
N GLN D 78 43.21 39.21 -8.98
CA GLN D 78 43.16 37.92 -9.65
C GLN D 78 42.22 37.10 -8.73
N VAL D 79 40.98 36.85 -9.20
CA VAL D 79 39.99 36.13 -8.40
C VAL D 79 40.12 34.66 -8.73
N LYS D 80 40.56 33.86 -7.75
CA LYS D 80 40.83 32.42 -7.92
C LYS D 80 40.09 31.54 -6.93
N GLU D 81 39.54 32.10 -5.87
CA GLU D 81 38.87 31.37 -4.81
C GLU D 81 37.99 32.34 -4.01
N PHE D 82 37.29 31.85 -2.97
CA PHE D 82 36.41 32.70 -2.15
C PHE D 82 37.15 33.74 -1.31
N GLY D 83 38.44 33.52 -1.05
CA GLY D 83 39.28 34.46 -0.30
C GLY D 83 39.45 35.82 -0.97
N ASP D 84 39.34 35.85 -2.32
CA ASP D 84 39.46 37.04 -3.16
C ASP D 84 38.08 37.75 -3.30
N ALA D 85 36.99 37.09 -2.86
CA ALA D 85 35.66 37.67 -2.85
C ALA D 85 35.47 38.47 -1.56
N GLY D 86 34.43 39.28 -1.52
CA GLY D 86 34.16 40.13 -0.36
C GLY D 86 33.89 41.56 -0.75
N GLN D 87 33.83 42.42 0.27
CA GLN D 87 33.59 43.85 0.09
C GLN D 87 34.89 44.64 0.01
N TYR D 88 35.10 45.21 -1.14
CA TYR D 88 36.25 46.08 -1.37
C TYR D 88 35.78 47.50 -1.19
N THR D 89 36.57 48.28 -0.46
CA THR D 89 36.27 49.65 -0.10
C THR D 89 37.37 50.55 -0.57
N CYS D 90 36.94 51.72 -1.04
CA CYS D 90 37.66 52.87 -1.54
C CYS D 90 37.84 53.86 -0.40
N HIS D 91 39.08 54.31 -0.16
CA HIS D 91 39.34 55.33 0.84
C HIS D 91 40.19 56.46 0.24
N LYS D 92 40.09 57.67 0.84
CA LYS D 92 40.87 58.89 0.55
C LYS D 92 40.62 59.86 1.70
N GLY D 93 41.70 60.32 2.30
CA GLY D 93 41.70 61.29 3.39
C GLY D 93 40.89 60.93 4.62
N GLY D 94 40.90 59.66 5.00
CA GLY D 94 40.18 59.20 6.17
C GLY D 94 38.71 58.97 5.93
N GLU D 95 38.27 59.05 4.66
CA GLU D 95 36.87 58.87 4.30
C GLU D 95 36.67 57.75 3.28
N VAL D 96 35.51 57.10 3.37
CA VAL D 96 35.10 56.06 2.42
C VAL D 96 34.59 56.77 1.15
N LEU D 97 35.09 56.40 -0.04
CA LEU D 97 34.59 56.99 -1.28
C LEU D 97 33.47 56.12 -1.84
N SER D 98 33.75 54.82 -2.07
CA SER D 98 32.79 53.85 -2.59
C SER D 98 33.15 52.43 -2.17
N HIS D 99 32.25 51.47 -2.45
CA HIS D 99 32.44 50.05 -2.13
C HIS D 99 31.87 49.16 -3.23
N SER D 100 32.43 47.95 -3.36
CA SER D 100 32.11 46.94 -4.36
C SER D 100 32.08 45.58 -3.68
N LEU D 101 30.90 44.94 -3.66
CA LEU D 101 30.80 43.61 -3.09
C LEU D 101 30.92 42.63 -4.24
N LEU D 102 31.87 41.71 -4.09
CA LEU D 102 32.14 40.65 -5.06
C LEU D 102 31.61 39.37 -4.52
N LEU D 103 30.73 38.76 -5.28
CA LEU D 103 30.20 37.44 -4.98
C LEU D 103 30.75 36.50 -6.05
N LEU D 104 30.87 35.20 -5.79
CA LEU D 104 31.32 34.28 -6.83
C LEU D 104 30.20 33.36 -7.30
N HIS D 105 30.16 33.09 -8.61
CA HIS D 105 29.30 32.07 -9.20
C HIS D 105 30.28 30.99 -9.58
N LYS D 106 30.37 29.96 -8.74
CA LYS D 106 31.38 28.92 -8.90
C LYS D 106 30.92 27.82 -9.80
N LYS D 107 31.83 27.46 -10.71
CA LYS D 107 31.69 26.41 -11.71
C LYS D 107 32.81 25.41 -11.43
N GLU D 108 32.44 24.14 -11.27
CA GLU D 108 33.39 23.05 -11.04
C GLU D 108 32.83 21.85 -11.79
N ASP D 109 33.68 21.14 -12.56
CA ASP D 109 33.31 19.99 -13.41
C ASP D 109 32.34 20.44 -14.51
N GLY D 110 32.50 21.69 -14.96
CA GLY D 110 31.66 22.29 -15.97
C GLY D 110 30.25 22.67 -15.56
N ILE D 111 29.85 22.33 -14.33
CA ILE D 111 28.53 22.77 -13.87
C ILE D 111 28.60 23.82 -12.73
N TRP D 112 27.57 24.69 -12.67
CA TRP D 112 27.40 25.71 -11.62
C TRP D 112 27.05 24.99 -10.31
N SER D 113 27.47 25.54 -9.16
CA SER D 113 27.16 24.99 -7.84
C SER D 113 25.66 25.15 -7.56
N THR D 114 25.06 24.12 -6.92
CA THR D 114 23.65 24.15 -6.53
C THR D 114 23.51 23.67 -5.09
N ASP D 115 24.29 24.30 -4.17
CA ASP D 115 24.33 24.00 -2.75
C ASP D 115 23.19 24.61 -1.95
N ILE D 116 22.80 25.85 -2.29
CA ILE D 116 21.81 26.61 -1.55
C ILE D 116 20.43 25.93 -1.58
N LEU D 117 19.96 25.52 -2.79
CA LEU D 117 18.69 24.82 -2.89
C LEU D 117 18.89 23.29 -2.99
N LYS D 118 18.02 22.59 -2.30
CA LYS D 118 17.98 21.14 -2.27
C LYS D 118 17.15 20.65 -3.47
N ASP D 119 17.63 19.58 -4.14
CA ASP D 119 16.92 18.92 -5.25
C ASP D 119 15.70 18.24 -4.64
N GLN D 120 14.49 18.72 -4.98
CA GLN D 120 13.22 18.22 -4.46
C GLN D 120 12.92 16.81 -4.97
N LYS D 121 13.34 16.54 -6.24
CA LYS D 121 13.29 15.25 -6.94
C LYS D 121 11.94 14.71 -7.38
N GLU D 122 10.94 14.59 -6.45
CA GLU D 122 9.59 14.05 -6.75
C GLU D 122 9.06 14.40 -8.17
N PRO D 123 9.06 15.69 -8.64
CA PRO D 123 8.60 15.97 -10.01
C PRO D 123 9.57 15.41 -11.08
N LYS D 124 10.86 15.81 -11.02
CA LYS D 124 11.97 15.36 -11.90
C LYS D 124 13.32 15.60 -11.22
N ASN D 125 14.43 14.99 -11.72
CA ASN D 125 15.78 15.22 -11.19
C ASN D 125 16.15 16.65 -11.54
N LYS D 126 16.88 17.36 -10.63
CA LYS D 126 17.25 18.76 -10.82
C LYS D 126 16.03 19.69 -10.72
N THR D 127 15.07 19.33 -9.84
CA THR D 127 13.90 20.15 -9.53
C THR D 127 14.23 20.91 -8.24
N PHE D 128 14.62 22.17 -8.39
CA PHE D 128 14.97 23.04 -7.27
C PHE D 128 13.79 23.93 -6.92
N LEU D 129 13.08 24.44 -7.95
CA LEU D 129 11.88 25.27 -7.78
C LEU D 129 10.64 24.48 -8.14
N ARG D 130 9.56 24.75 -7.44
CA ARG D 130 8.26 24.13 -7.71
C ARG D 130 7.22 25.22 -7.66
N CYS D 131 6.38 25.29 -8.69
CA CYS D 131 5.31 26.28 -8.76
C CYS D 131 3.96 25.61 -8.88
N GLU D 132 2.93 26.28 -8.42
CA GLU D 132 1.56 25.77 -8.42
C GLU D 132 0.58 26.94 -8.40
N ALA D 133 -0.57 26.77 -9.05
CA ALA D 133 -1.64 27.75 -9.13
C ALA D 133 -2.88 27.01 -8.65
N LYS D 134 -3.78 27.70 -7.95
CA LYS D 134 -5.04 27.13 -7.43
C LYS D 134 -6.20 27.41 -8.38
N ASN D 135 -5.96 28.28 -9.39
CA ASN D 135 -6.94 28.76 -10.37
C ASN D 135 -6.23 29.51 -11.54
N TYR D 136 -7.01 30.09 -12.45
CA TYR D 136 -6.50 30.74 -13.65
C TYR D 136 -6.34 32.25 -13.50
N SER D 137 -6.42 32.77 -12.28
CA SER D 137 -6.34 34.21 -12.00
C SER D 137 -5.09 34.94 -12.45
N GLY D 138 -3.99 34.22 -12.61
CA GLY D 138 -2.69 34.77 -12.96
C GLY D 138 -1.81 34.83 -11.75
N ARG D 139 -2.37 34.41 -10.60
CA ARG D 139 -1.67 34.35 -9.32
C ARG D 139 -1.20 32.91 -9.13
N PHE D 140 0.05 32.74 -8.70
CA PHE D 140 0.70 31.44 -8.45
C PHE D 140 1.75 31.58 -7.34
N THR D 141 2.22 30.43 -6.83
CA THR D 141 3.20 30.29 -5.77
C THR D 141 4.32 29.39 -6.25
N CYS D 142 5.55 29.76 -5.94
CA CYS D 142 6.71 28.91 -6.16
C CYS D 142 7.32 28.62 -4.79
N TRP D 143 7.90 27.45 -4.63
CA TRP D 143 8.56 27.09 -3.38
C TRP D 143 9.84 26.28 -3.61
N TRP D 144 10.74 26.35 -2.64
CA TRP D 144 12.03 25.65 -2.67
C TRP D 144 12.48 25.30 -1.25
N LEU D 145 13.47 24.41 -1.13
CA LEU D 145 14.01 23.92 0.14
C LEU D 145 15.47 24.24 0.28
N THR D 146 15.90 24.53 1.52
CA THR D 146 17.29 24.83 1.85
C THR D 146 17.66 24.23 3.19
N THR D 147 18.95 23.95 3.42
CA THR D 147 19.47 23.46 4.70
C THR D 147 20.12 24.62 5.47
N ILE D 148 20.20 25.79 4.87
CA ILE D 148 20.84 27.00 5.42
C ILE D 148 19.90 27.83 6.29
N SER D 149 20.35 28.32 7.46
CA SER D 149 19.53 29.18 8.34
C SER D 149 20.01 30.63 8.50
N THR D 150 21.29 30.90 8.19
CA THR D 150 21.90 32.24 8.33
C THR D 150 22.71 32.69 7.14
N ASP D 151 22.89 34.03 7.01
CA ASP D 151 23.62 34.71 5.92
C ASP D 151 23.03 34.36 4.58
N LEU D 152 21.71 34.29 4.52
CA LEU D 152 20.94 33.87 3.35
C LEU D 152 20.00 34.95 2.86
N THR D 153 19.97 35.13 1.55
CA THR D 153 19.04 36.04 0.86
C THR D 153 18.57 35.41 -0.45
N PHE D 154 17.30 35.59 -0.76
CA PHE D 154 16.67 35.15 -1.99
C PHE D 154 16.04 36.36 -2.64
N SER D 155 16.10 36.41 -3.97
CA SER D 155 15.50 37.49 -4.77
C SER D 155 14.74 36.81 -5.91
N VAL D 156 13.46 37.12 -6.05
CA VAL D 156 12.56 36.52 -7.06
C VAL D 156 12.12 37.52 -8.11
N LYS D 157 12.30 37.18 -9.40
CA LYS D 157 11.86 37.94 -10.59
C LYS D 157 11.06 36.99 -11.51
N SER D 158 10.13 37.54 -12.28
CA SER D 158 9.29 36.77 -13.18
C SER D 158 8.74 37.62 -14.33
N SER D 159 8.45 36.97 -15.48
CA SER D 159 7.86 37.59 -16.66
C SER D 159 7.23 36.57 -17.60
N ARG D 160 6.32 37.02 -18.48
CA ARG D 160 5.74 36.15 -19.48
C ARG D 160 6.42 36.48 -20.79
N GLY D 161 7.14 35.52 -21.32
CA GLY D 161 7.94 35.67 -22.53
C GLY D 161 9.35 36.12 -22.18
N SER D 162 10.27 35.92 -23.13
CA SER D 162 11.69 36.29 -22.96
C SER D 162 12.10 37.40 -23.90
N SER D 163 11.72 37.31 -25.21
CA SER D 163 12.06 38.32 -26.22
C SER D 163 11.50 39.71 -25.83
N ASP D 164 10.17 39.80 -25.64
CA ASP D 164 9.47 41.01 -25.22
C ASP D 164 8.65 40.62 -23.97
N PRO D 165 9.26 40.64 -22.75
CA PRO D 165 8.51 40.19 -21.56
C PRO D 165 7.42 41.12 -21.07
N GLN D 166 6.31 40.51 -20.63
CA GLN D 166 5.15 41.16 -20.03
C GLN D 166 5.36 41.01 -18.52
N GLY D 167 4.93 42.01 -17.78
CA GLY D 167 5.12 42.05 -16.33
C GLY D 167 4.43 40.98 -15.49
N VAL D 168 5.16 40.57 -14.46
CA VAL D 168 4.76 39.65 -13.39
C VAL D 168 5.40 40.23 -12.13
N THR D 169 4.59 40.44 -11.11
CA THR D 169 5.00 41.01 -9.84
C THR D 169 5.09 39.92 -8.80
N CYS D 170 6.27 39.77 -8.19
CA CYS D 170 6.51 38.78 -7.14
C CYS D 170 6.69 39.47 -5.81
N GLY D 171 6.23 38.81 -4.76
CA GLY D 171 6.42 39.27 -3.39
C GLY D 171 7.78 38.86 -2.89
N ALA D 172 7.99 38.94 -1.59
CA ALA D 172 9.26 38.57 -0.98
C ALA D 172 9.19 37.09 -0.64
N ALA D 173 10.35 36.40 -0.77
CA ALA D 173 10.50 35.01 -0.39
C ALA D 173 10.40 34.94 1.12
N THR D 174 9.56 34.05 1.65
CA THR D 174 9.36 33.94 3.09
C THR D 174 9.43 32.52 3.54
N LEU D 175 9.93 32.32 4.77
CA LEU D 175 10.01 31.00 5.39
C LEU D 175 8.58 30.53 5.68
N SER D 176 8.19 29.40 5.11
CA SER D 176 6.83 28.88 5.23
C SER D 176 6.72 27.58 6.03
N ALA D 177 7.84 26.87 6.22
CA ALA D 177 7.91 25.62 6.97
C ALA D 177 9.34 25.24 7.33
N GLU D 178 9.51 24.26 8.24
CA GLU D 178 10.79 23.69 8.71
C GLU D 178 10.53 22.25 9.16
N ARG D 179 11.54 21.36 8.97
CA ARG D 179 11.45 19.93 9.27
C ARG D 179 12.82 19.26 9.22
N VAL D 180 12.96 18.04 9.80
CA VAL D 180 14.23 17.27 9.78
C VAL D 180 14.06 16.16 8.73
N ARG D 181 14.37 16.46 7.46
CA ARG D 181 14.22 15.52 6.34
C ARG D 181 15.37 15.66 5.35
N ASN D 184 19.35 16.08 8.33
CA ASN D 184 19.51 17.51 8.54
C ASN D 184 18.14 18.24 8.53
N LYS D 185 18.09 19.46 9.10
CA LYS D 185 16.88 20.30 9.10
C LYS D 185 16.73 21.00 7.74
N GLU D 186 15.53 20.97 7.18
CA GLU D 186 15.22 21.63 5.92
C GLU D 186 14.17 22.72 6.08
N TYR D 187 14.46 23.89 5.55
CA TYR D 187 13.63 25.06 5.61
C TYR D 187 12.99 25.28 4.25
N GLU D 188 11.67 25.44 4.23
CA GLU D 188 10.93 25.69 3.01
C GLU D 188 10.69 27.18 2.84
N TYR D 189 10.97 27.71 1.65
CA TYR D 189 10.68 29.12 1.34
C TYR D 189 9.63 29.14 0.24
N SER D 190 8.78 30.13 0.25
CA SER D 190 7.75 30.28 -0.75
C SER D 190 7.62 31.72 -1.11
N VAL D 191 7.13 31.98 -2.33
CA VAL D 191 6.92 33.33 -2.87
C VAL D 191 5.60 33.35 -3.62
N GLU D 192 4.86 34.46 -3.54
CA GLU D 192 3.62 34.58 -4.28
C GLU D 192 3.84 35.60 -5.38
N CYS D 193 3.58 35.18 -6.62
CA CYS D 193 3.74 35.99 -7.82
C CYS D 193 2.39 36.25 -8.48
N GLN D 194 2.30 37.31 -9.28
CA GLN D 194 1.08 37.68 -9.97
C GLN D 194 1.32 38.29 -11.35
N GLU D 195 0.69 37.72 -12.39
CA GLU D 195 0.76 38.27 -13.75
C GLU D 195 -0.10 39.55 -13.78
N ASP D 196 0.52 40.68 -14.07
CA ASP D 196 -0.11 42.01 -14.10
C ASP D 196 -1.34 42.13 -15.00
N SER D 197 -1.20 41.76 -16.29
CA SER D 197 -2.34 41.78 -17.22
C SER D 197 -2.71 40.35 -17.70
N ALA D 198 -3.31 39.61 -16.78
CA ALA D 198 -3.73 38.23 -17.01
C ALA D 198 -5.07 38.13 -17.70
N CYS D 199 -5.23 37.16 -18.60
CA CYS D 199 -6.50 36.88 -19.27
C CYS D 199 -6.83 35.43 -18.98
N PRO D 200 -7.54 35.18 -17.86
CA PRO D 200 -7.90 33.80 -17.49
C PRO D 200 -8.63 32.97 -18.54
N ALA D 201 -9.38 33.60 -19.44
CA ALA D 201 -10.18 32.91 -20.46
C ALA D 201 -9.44 32.76 -21.81
N ALA D 202 -8.21 33.24 -21.93
CA ALA D 202 -7.49 33.13 -23.19
C ALA D 202 -6.56 31.92 -23.18
N GLU D 203 -5.96 31.60 -24.34
CA GLU D 203 -5.05 30.49 -24.50
C GLU D 203 -3.61 31.02 -24.39
N GLU D 204 -2.85 30.53 -23.38
CA GLU D 204 -1.44 30.89 -23.16
C GLU D 204 -0.59 30.39 -24.35
N SER D 205 0.18 31.27 -24.99
CA SER D 205 1.05 30.94 -26.13
C SER D 205 2.55 31.05 -25.76
N LEU D 206 2.89 31.92 -24.78
CA LEU D 206 4.26 32.09 -24.28
C LEU D 206 4.28 31.69 -22.81
N PRO D 207 5.30 30.95 -22.36
CA PRO D 207 5.32 30.53 -20.95
C PRO D 207 5.84 31.59 -20.00
N ILE D 208 5.45 31.47 -18.73
CA ILE D 208 5.96 32.30 -17.66
C ILE D 208 7.34 31.76 -17.28
N GLU D 209 8.29 32.68 -16.98
CA GLU D 209 9.64 32.40 -16.47
C GLU D 209 9.75 32.88 -15.04
N VAL D 210 10.24 32.03 -14.15
CA VAL D 210 10.50 32.36 -12.74
C VAL D 210 12.01 32.25 -12.52
N MET D 211 12.64 33.33 -12.03
CA MET D 211 14.07 33.39 -11.73
C MET D 211 14.31 33.69 -10.26
N VAL D 212 15.10 32.87 -9.61
CA VAL D 212 15.46 33.02 -8.20
C VAL D 212 16.98 33.19 -8.04
N ASP D 213 17.41 34.28 -7.38
CA ASP D 213 18.82 34.55 -7.03
C ASP D 213 18.97 34.07 -5.59
N ALA D 214 20.02 33.31 -5.31
CA ALA D 214 20.25 32.81 -3.96
C ALA D 214 21.65 33.20 -3.56
N VAL D 215 21.79 33.85 -2.41
CA VAL D 215 23.09 34.28 -1.92
C VAL D 215 23.34 33.75 -0.52
N HIS D 216 24.37 32.92 -0.37
CA HIS D 216 24.85 32.53 0.95
C HIS D 216 26.23 33.13 1.23
N LYS D 217 26.29 34.05 2.19
CA LYS D 217 27.54 34.72 2.54
C LYS D 217 28.15 35.42 1.34
N LEU D 218 29.05 34.72 0.64
CA LEU D 218 29.75 35.29 -0.50
C LEU D 218 29.45 34.51 -1.77
N LYS D 219 28.55 33.54 -1.67
CA LYS D 219 28.34 32.57 -2.75
C LYS D 219 27.04 32.85 -3.48
N TYR D 220 27.12 33.00 -4.80
CA TYR D 220 25.94 33.34 -5.62
C TYR D 220 25.46 32.11 -6.41
N GLU D 221 24.14 31.87 -6.41
CA GLU D 221 23.50 30.80 -7.20
C GLU D 221 22.24 31.30 -7.89
N ASN D 222 21.80 30.56 -8.92
CA ASN D 222 20.67 30.88 -9.78
C ASN D 222 19.78 29.69 -10.02
N TYR D 223 18.46 29.95 -10.13
CA TYR D 223 17.49 28.89 -10.39
C TYR D 223 16.40 29.45 -11.25
N THR D 224 16.00 28.70 -12.28
CA THR D 224 14.93 29.12 -13.23
C THR D 224 13.85 28.06 -13.40
N SER D 225 12.61 28.50 -13.67
CA SER D 225 11.49 27.62 -13.97
C SER D 225 10.67 28.21 -15.11
N SER D 226 10.29 27.38 -16.08
CA SER D 226 9.46 27.80 -17.22
C SER D 226 8.24 26.92 -17.30
N PHE D 227 7.06 27.54 -17.32
CA PHE D 227 5.77 26.81 -17.35
C PHE D 227 4.63 27.67 -17.90
N PHE D 228 3.49 27.03 -18.19
CA PHE D 228 2.24 27.67 -18.53
C PHE D 228 1.41 27.47 -17.29
N ILE D 229 0.63 28.48 -16.90
CA ILE D 229 -0.26 28.41 -15.73
C ILE D 229 -1.10 27.15 -15.81
N ARG D 230 -1.69 26.86 -16.97
CA ARG D 230 -2.53 25.66 -17.18
C ARG D 230 -1.89 24.34 -16.74
N ASP D 231 -0.55 24.25 -16.82
CA ASP D 231 0.24 23.06 -16.48
C ASP D 231 0.55 22.91 -14.98
N ILE D 232 0.55 24.02 -14.25
CA ILE D 232 0.82 24.05 -12.82
C ILE D 232 -0.46 24.14 -11.96
N ILE D 233 -1.63 23.97 -12.60
CA ILE D 233 -2.93 24.00 -11.92
C ILE D 233 -3.13 22.77 -11.05
N LYS D 234 -3.45 23.01 -9.79
CA LYS D 234 -3.81 21.99 -8.82
C LYS D 234 -4.96 22.61 -8.01
N PRO D 235 -6.23 22.24 -8.27
CA PRO D 235 -7.33 22.87 -7.51
C PRO D 235 -7.25 22.49 -6.04
N ASP D 236 -7.95 23.23 -5.19
CA ASP D 236 -8.05 22.89 -3.78
C ASP D 236 -9.01 21.66 -3.72
N PRO D 237 -9.08 20.93 -2.59
CA PRO D 237 -9.98 19.75 -2.57
C PRO D 237 -11.47 20.11 -2.62
N PRO D 238 -12.35 19.20 -3.05
CA PRO D 238 -13.80 19.50 -2.97
C PRO D 238 -14.16 19.79 -1.50
N LYS D 239 -15.18 20.59 -1.26
CA LYS D 239 -15.51 20.89 0.12
C LYS D 239 -16.91 20.43 0.49
N ASN D 240 -17.19 20.42 1.81
CA ASN D 240 -18.46 20.08 2.43
C ASN D 240 -19.07 18.76 1.96
N LEU D 241 -18.34 17.67 2.22
CA LEU D 241 -18.76 16.30 1.83
C LEU D 241 -19.94 15.90 2.67
N GLN D 242 -21.02 15.50 2.02
CA GLN D 242 -22.25 15.12 2.70
C GLN D 242 -22.78 13.78 2.21
N LEU D 243 -22.95 12.87 3.15
CA LEU D 243 -23.46 11.54 2.87
C LEU D 243 -24.90 11.36 3.34
N LYS D 244 -25.83 11.34 2.36
CA LYS D 244 -27.27 11.18 2.52
C LYS D 244 -27.57 9.67 2.44
N PRO D 245 -27.80 9.00 3.61
CA PRO D 245 -28.10 7.56 3.57
C PRO D 245 -29.44 7.28 2.88
N LEU D 246 -29.48 6.23 2.03
CA LEU D 246 -30.69 5.83 1.30
C LEU D 246 -31.24 4.53 1.88
N GLN D 251 -25.65 2.10 0.69
CA GLN D 251 -26.22 2.74 -0.49
C GLN D 251 -26.43 4.24 -0.24
N VAL D 252 -25.31 4.95 -0.01
CA VAL D 252 -25.28 6.39 0.32
C VAL D 252 -25.21 7.35 -0.91
N GLU D 253 -25.83 8.53 -0.76
CA GLU D 253 -25.80 9.62 -1.73
C GLU D 253 -24.74 10.60 -1.23
N VAL D 254 -23.59 10.67 -1.91
CA VAL D 254 -22.49 11.56 -1.58
C VAL D 254 -22.65 12.88 -2.33
N SER D 255 -22.46 14.00 -1.64
CA SER D 255 -22.49 15.32 -2.24
C SER D 255 -21.29 16.14 -1.77
N TRP D 256 -20.86 17.12 -2.57
CA TRP D 256 -19.76 18.03 -2.24
C TRP D 256 -19.93 19.33 -3.04
N GLU D 257 -19.02 20.26 -2.88
CA GLU D 257 -19.05 21.54 -3.59
C GLU D 257 -17.68 21.84 -4.16
N TYR D 258 -17.63 22.76 -5.13
CA TYR D 258 -16.38 23.24 -5.75
C TYR D 258 -15.56 23.93 -4.65
N PRO D 259 -14.19 23.90 -4.71
CA PRO D 259 -13.42 24.64 -3.69
C PRO D 259 -13.65 26.15 -3.87
N ASP D 260 -13.55 26.94 -2.78
CA ASP D 260 -13.79 28.38 -2.81
C ASP D 260 -12.78 29.19 -3.62
N THR D 261 -11.53 28.69 -3.74
CA THR D 261 -10.42 29.33 -4.44
C THR D 261 -10.47 29.10 -5.94
N TRP D 262 -11.30 28.16 -6.43
CA TRP D 262 -11.38 27.80 -7.85
C TRP D 262 -11.96 28.93 -8.71
N SER D 263 -11.52 29.02 -9.99
CA SER D 263 -11.94 30.06 -10.94
C SER D 263 -13.47 30.18 -11.16
N THR D 264 -13.97 31.42 -11.27
CA THR D 264 -15.38 31.73 -11.52
C THR D 264 -15.55 32.43 -12.88
N PRO D 265 -16.70 32.22 -13.59
CA PRO D 265 -17.85 31.34 -13.22
C PRO D 265 -17.55 29.85 -13.42
N HIS D 266 -18.10 29.00 -12.53
CA HIS D 266 -17.91 27.55 -12.55
C HIS D 266 -18.50 26.90 -13.79
N SER D 267 -19.40 27.59 -14.51
CA SER D 267 -20.04 27.12 -15.75
C SER D 267 -19.06 27.28 -16.91
N TYR D 268 -18.06 28.16 -16.74
CA TYR D 268 -16.99 28.35 -17.71
C TYR D 268 -15.82 27.46 -17.28
N PHE D 269 -15.27 27.69 -16.06
CA PHE D 269 -14.18 26.91 -15.46
C PHE D 269 -14.72 25.70 -14.69
N SER D 270 -15.15 24.69 -15.44
CA SER D 270 -15.71 23.45 -14.90
C SER D 270 -14.63 22.54 -14.35
N LEU D 271 -14.99 21.75 -13.33
CA LEU D 271 -14.16 20.73 -12.72
C LEU D 271 -14.82 19.37 -12.94
N THR D 272 -13.99 18.34 -12.89
CA THR D 272 -14.38 16.93 -12.96
C THR D 272 -13.96 16.31 -11.60
N PHE D 273 -14.67 15.27 -11.14
CA PHE D 273 -14.44 14.65 -9.83
C PHE D 273 -14.24 13.14 -9.88
N CYS D 274 -13.53 12.64 -8.87
CA CYS D 274 -13.27 11.23 -8.68
C CYS D 274 -13.67 10.88 -7.26
N VAL D 275 -14.58 9.91 -7.12
CA VAL D 275 -15.09 9.46 -5.84
C VAL D 275 -14.55 8.05 -5.55
N GLN D 276 -13.96 7.86 -4.38
CA GLN D 276 -13.39 6.60 -3.94
C GLN D 276 -13.98 6.11 -2.61
N VAL D 277 -14.36 4.82 -2.56
CA VAL D 277 -14.82 4.12 -1.36
C VAL D 277 -13.72 3.09 -1.10
N GLN D 278 -12.98 3.26 0.01
CA GLN D 278 -11.87 2.36 0.34
C GLN D 278 -11.66 2.13 1.84
N GLY D 279 -11.04 0.99 2.14
CA GLY D 279 -10.70 0.55 3.48
C GLY D 279 -9.19 0.34 3.62
N ASP D 287 -14.11 0.55 -6.59
CA ASP D 287 -13.76 1.62 -5.66
C ASP D 287 -14.02 3.04 -6.21
N ARG D 288 -13.77 3.26 -7.52
CA ARG D 288 -13.83 4.58 -8.15
C ARG D 288 -14.99 4.90 -9.10
N VAL D 289 -15.59 6.10 -8.93
CA VAL D 289 -16.65 6.70 -9.75
C VAL D 289 -16.17 8.08 -10.22
N PHE D 290 -16.11 8.28 -11.53
CA PHE D 290 -15.75 9.55 -12.17
C PHE D 290 -17.01 10.24 -12.62
N THR D 291 -17.20 11.51 -12.21
CA THR D 291 -18.38 12.31 -12.54
C THR D 291 -18.02 13.77 -12.71
N ASP D 292 -18.81 14.50 -13.52
CA ASP D 292 -18.73 15.94 -13.73
C ASP D 292 -19.70 16.65 -12.74
N LYS D 293 -20.64 15.89 -12.16
CA LYS D 293 -21.60 16.35 -11.16
C LYS D 293 -20.98 16.44 -9.77
N THR D 294 -21.66 17.13 -8.85
CA THR D 294 -21.21 17.30 -7.47
C THR D 294 -21.88 16.30 -6.54
N SER D 295 -22.46 15.24 -7.11
CA SER D 295 -23.06 14.16 -6.34
C SER D 295 -22.86 12.80 -7.04
N ALA D 296 -22.85 11.74 -6.22
CA ALA D 296 -22.68 10.37 -6.66
C ALA D 296 -23.34 9.43 -5.64
N THR D 297 -23.65 8.22 -6.09
CA THR D 297 -24.25 7.17 -5.26
C THR D 297 -23.26 6.01 -5.19
N VAL D 298 -22.92 5.62 -3.96
CA VAL D 298 -21.97 4.55 -3.66
C VAL D 298 -22.51 3.67 -2.52
N ILE D 299 -21.88 2.50 -2.28
CA ILE D 299 -22.24 1.62 -1.18
C ILE D 299 -21.18 1.68 -0.06
N CYS D 300 -21.62 2.14 1.12
CA CYS D 300 -20.78 2.35 2.31
C CYS D 300 -20.60 1.11 3.16
N ARG D 301 -19.33 0.72 3.36
CA ARG D 301 -18.93 -0.44 4.17
C ARG D 301 -18.97 -0.07 5.68
N LYS D 302 -18.71 -1.07 6.57
CA LYS D 302 -18.70 -0.91 8.03
C LYS D 302 -17.69 0.19 8.44
N ASN D 303 -18.21 1.43 8.58
CA ASN D 303 -17.48 2.67 8.89
C ASN D 303 -16.21 2.84 8.04
N ALA D 304 -16.37 2.71 6.70
CA ALA D 304 -15.27 2.87 5.74
C ALA D 304 -15.07 4.35 5.45
N SER D 305 -14.32 4.69 4.38
CA SER D 305 -14.07 6.07 4.01
C SER D 305 -14.49 6.38 2.58
N ILE D 306 -15.12 7.56 2.39
CA ILE D 306 -15.48 8.08 1.08
C ILE D 306 -14.61 9.30 0.84
N SER D 307 -13.78 9.22 -0.22
CA SER D 307 -12.87 10.29 -0.62
C SER D 307 -13.26 10.88 -1.98
N VAL D 308 -13.08 12.20 -2.14
CA VAL D 308 -13.35 12.93 -3.39
C VAL D 308 -12.16 13.84 -3.70
N ARG D 309 -11.78 13.89 -4.97
CA ARG D 309 -10.75 14.79 -5.49
C ARG D 309 -11.24 15.42 -6.82
N ALA D 310 -10.72 16.60 -7.16
CA ALA D 310 -11.12 17.40 -8.32
C ALA D 310 -9.97 17.64 -9.30
N GLN D 311 -10.30 18.02 -10.53
CA GLN D 311 -9.35 18.30 -11.60
C GLN D 311 -10.08 19.16 -12.64
N ASP D 312 -9.33 19.91 -13.44
CA ASP D 312 -9.90 20.69 -14.54
C ASP D 312 -10.60 19.68 -15.49
N ARG D 313 -11.84 19.96 -15.86
CA ARG D 313 -12.63 19.06 -16.72
C ARG D 313 -12.08 18.93 -18.14
N TYR D 314 -11.43 19.98 -18.67
CA TYR D 314 -10.99 20.05 -20.06
C TYR D 314 -9.50 19.94 -20.31
N TYR D 315 -8.67 20.09 -19.27
CA TYR D 315 -7.22 20.04 -19.41
C TYR D 315 -6.60 19.18 -18.33
N SER D 316 -5.79 18.21 -18.76
CA SER D 316 -5.16 17.24 -17.88
C SER D 316 -4.04 17.79 -17.02
N SER D 317 -4.38 18.57 -15.99
CA SER D 317 -3.44 19.07 -15.00
C SER D 317 -3.59 18.20 -13.74
N SER D 318 -3.03 18.63 -12.61
CA SER D 318 -3.04 17.85 -11.38
C SER D 318 -4.40 17.73 -10.71
N TRP D 319 -4.59 16.58 -10.05
CA TRP D 319 -5.77 16.31 -9.26
C TRP D 319 -5.50 16.97 -7.93
N SER D 320 -6.53 17.50 -7.31
CA SER D 320 -6.46 18.08 -5.98
C SER D 320 -6.09 16.99 -4.93
N GLU D 321 -5.87 17.40 -3.67
CA GLU D 321 -5.70 16.50 -2.54
C GLU D 321 -7.09 15.90 -2.30
N TRP D 322 -7.16 14.74 -1.64
CA TRP D 322 -8.42 14.08 -1.34
C TRP D 322 -9.15 14.80 -0.20
N ALA D 323 -10.47 14.93 -0.35
CA ALA D 323 -11.41 15.42 0.65
C ALA D 323 -12.04 14.12 1.12
N SER D 324 -12.07 13.85 2.45
CA SER D 324 -12.60 12.58 2.93
C SER D 324 -13.60 12.67 4.06
N VAL D 325 -14.51 11.68 4.13
CA VAL D 325 -15.55 11.59 5.14
C VAL D 325 -15.82 10.10 5.48
N PRO D 326 -15.88 9.73 6.77
CA PRO D 326 -16.12 8.32 7.12
C PRO D 326 -17.59 7.90 6.96
N CYS D 327 -17.83 6.60 6.71
CA CYS D 327 -19.17 6.03 6.55
C CYS D 327 -19.99 6.12 7.86
N GLU E 1 -22.70 52.17 -16.59
CA GLU E 1 -23.25 50.87 -16.99
C GLU E 1 -23.31 49.88 -15.82
N VAL E 2 -22.13 49.32 -15.38
CA VAL E 2 -22.05 48.34 -14.28
C VAL E 2 -22.33 49.05 -12.96
N GLN E 3 -23.30 48.55 -12.21
CA GLN E 3 -23.68 49.09 -10.90
C GLN E 3 -24.08 47.98 -9.95
N LEU E 4 -23.72 48.15 -8.66
CA LEU E 4 -24.08 47.25 -7.55
C LEU E 4 -24.69 48.12 -6.45
N VAL E 5 -25.98 47.96 -6.15
CA VAL E 5 -26.66 48.76 -5.14
C VAL E 5 -27.06 47.89 -3.93
N GLU E 6 -26.43 48.11 -2.76
CA GLU E 6 -26.77 47.39 -1.50
C GLU E 6 -27.98 48.04 -0.84
N SER E 7 -28.69 47.26 -0.03
CA SER E 7 -29.85 47.70 0.77
C SER E 7 -29.88 46.83 2.02
N GLY E 8 -30.66 47.27 2.99
CA GLY E 8 -30.99 46.50 4.17
C GLY E 8 -30.18 46.67 5.43
N GLY E 9 -29.20 47.56 5.43
CA GLY E 9 -28.41 47.74 6.64
C GLY E 9 -29.12 48.58 7.69
N GLY E 10 -28.92 48.27 8.95
CA GLY E 10 -29.50 49.06 10.01
C GLY E 10 -29.07 48.69 11.41
N LEU E 11 -29.68 49.37 12.40
CA LEU E 11 -29.44 49.16 13.82
C LEU E 11 -30.32 48.05 14.36
N VAL E 12 -29.68 47.00 14.81
CA VAL E 12 -30.30 45.80 15.35
C VAL E 12 -29.66 45.47 16.73
N GLN E 13 -30.35 44.66 17.55
CA GLN E 13 -29.95 44.21 18.89
C GLN E 13 -29.28 42.81 18.76
N PRO E 14 -28.31 42.40 19.64
CA PRO E 14 -27.72 41.05 19.51
C PRO E 14 -28.77 39.94 19.47
N GLY E 15 -28.57 38.95 18.60
CA GLY E 15 -29.52 37.86 18.41
C GLY E 15 -30.51 38.13 17.28
N GLY E 16 -30.57 39.39 16.88
CA GLY E 16 -31.41 39.87 15.79
C GLY E 16 -31.01 39.38 14.41
N SER E 17 -31.78 39.80 13.41
CA SER E 17 -31.60 39.42 12.02
C SER E 17 -31.66 40.58 11.10
N LEU E 18 -31.04 40.42 9.93
CA LEU E 18 -30.99 41.42 8.89
C LEU E 18 -30.83 40.66 7.59
N ARG E 19 -31.44 41.17 6.51
CA ARG E 19 -31.28 40.59 5.18
C ARG E 19 -30.78 41.69 4.26
N LEU E 20 -29.53 41.55 3.81
CA LEU E 20 -28.95 42.54 2.90
C LEU E 20 -29.19 42.13 1.47
N SER E 21 -29.33 43.11 0.55
CA SER E 21 -29.51 42.77 -0.87
C SER E 21 -28.57 43.56 -1.75
N CYS E 22 -28.18 43.02 -2.88
CA CYS E 22 -27.28 43.69 -3.80
C CYS E 22 -27.87 43.62 -5.20
N ALA E 23 -28.47 44.72 -5.67
CA ALA E 23 -29.09 44.76 -6.99
C ALA E 23 -28.07 45.13 -8.07
N ALA E 24 -27.74 44.18 -8.95
CA ALA E 24 -26.75 44.36 -10.01
C ALA E 24 -27.34 44.77 -11.34
N SER E 25 -26.59 45.53 -12.13
CA SER E 25 -27.05 46.01 -13.42
C SER E 25 -25.83 46.29 -14.29
N GLY E 26 -25.98 46.20 -15.61
CA GLY E 26 -24.90 46.36 -16.58
C GLY E 26 -24.23 45.04 -16.95
N PHE E 27 -24.56 43.97 -16.21
CA PHE E 27 -24.07 42.61 -16.43
C PHE E 27 -25.06 41.60 -15.84
N THR E 28 -24.88 40.32 -16.20
CA THR E 28 -25.76 39.29 -15.64
C THR E 28 -25.08 38.40 -14.62
N LEU E 29 -25.74 38.11 -13.48
CA LEU E 29 -25.21 37.28 -12.39
C LEU E 29 -24.51 36.02 -12.87
N ASP E 30 -25.13 35.27 -13.81
CA ASP E 30 -24.55 34.04 -14.36
C ASP E 30 -23.10 34.15 -14.84
N ASP E 31 -22.73 35.33 -15.35
CA ASP E 31 -21.41 35.58 -15.88
C ASP E 31 -20.30 35.82 -14.86
N TYR E 32 -20.63 36.29 -13.65
CA TYR E 32 -19.67 36.70 -12.62
C TYR E 32 -20.04 36.33 -11.22
N ALA E 33 -19.02 35.98 -10.39
CA ALA E 33 -19.31 35.74 -8.97
C ALA E 33 -19.42 37.10 -8.23
N ILE E 34 -20.06 37.08 -7.08
CA ILE E 34 -20.36 38.23 -6.28
C ILE E 34 -19.88 37.93 -4.88
N ALA E 35 -19.18 38.89 -4.30
CA ALA E 35 -18.66 38.77 -2.96
C ALA E 35 -19.23 39.90 -2.09
N TRP E 36 -19.33 39.62 -0.79
CA TRP E 36 -19.66 40.56 0.26
C TRP E 36 -18.40 40.76 1.13
N PHE E 37 -18.07 42.00 1.36
CA PHE E 37 -16.96 42.40 2.21
C PHE E 37 -17.55 43.18 3.36
N ARG E 38 -16.76 43.31 4.42
CA ARG E 38 -17.13 44.05 5.62
C ARG E 38 -15.90 44.77 6.16
N GLN E 39 -16.09 46.01 6.56
CA GLN E 39 -15.07 46.83 7.22
C GLN E 39 -15.65 47.20 8.58
N ALA E 40 -15.19 46.54 9.65
CA ALA E 40 -15.61 46.86 11.01
C ALA E 40 -14.87 48.15 11.44
N PRO E 41 -15.45 48.99 12.33
CA PRO E 41 -14.76 50.24 12.75
C PRO E 41 -13.39 50.01 13.37
N GLY E 42 -12.35 50.56 12.72
CA GLY E 42 -10.96 50.44 13.16
C GLY E 42 -10.23 49.22 12.64
N LYS E 43 -10.89 48.44 11.77
CA LYS E 43 -10.35 47.24 11.16
C LYS E 43 -10.31 47.40 9.65
N GLU E 44 -9.51 46.60 8.95
CA GLU E 44 -9.50 46.67 7.50
C GLU E 44 -10.63 45.85 6.86
N ARG E 45 -10.90 46.09 5.56
CA ARG E 45 -11.91 45.41 4.75
C ARG E 45 -11.59 43.91 4.79
N GLU E 46 -12.63 43.06 4.94
CA GLU E 46 -12.45 41.61 4.98
C GLU E 46 -13.59 40.91 4.24
N GLY E 47 -13.26 39.86 3.49
CA GLY E 47 -14.22 39.03 2.77
C GLY E 47 -15.11 38.30 3.73
N VAL E 48 -16.41 38.26 3.44
CA VAL E 48 -17.42 37.63 4.32
C VAL E 48 -17.99 36.39 3.68
N SER E 49 -18.39 36.54 2.43
CA SER E 49 -19.07 35.55 1.64
C SER E 49 -18.85 35.82 0.15
N GLY E 50 -19.13 34.80 -0.68
CA GLY E 50 -19.07 34.81 -2.13
C GLY E 50 -20.07 33.82 -2.69
N ILE E 51 -20.62 34.09 -3.88
CA ILE E 51 -21.62 33.24 -4.54
C ILE E 51 -21.41 33.14 -6.08
N ASP E 52 -21.53 31.92 -6.63
CA ASP E 52 -21.52 31.59 -8.06
C ASP E 52 -23.00 31.31 -8.34
N SER E 53 -23.72 32.32 -8.89
CA SER E 53 -25.15 32.31 -9.24
C SER E 53 -25.54 31.20 -10.20
N GLY E 54 -24.59 30.81 -11.05
CA GLY E 54 -24.74 29.72 -12.01
C GLY E 54 -25.05 28.40 -11.35
N ASP E 55 -24.30 28.02 -10.31
CA ASP E 55 -24.47 26.72 -9.65
C ASP E 55 -24.85 26.70 -8.16
N GLY E 56 -24.97 27.87 -7.55
CA GLY E 56 -25.33 28.00 -6.14
C GLY E 56 -24.19 27.89 -5.16
N SER E 57 -22.90 27.78 -5.66
CA SER E 57 -21.71 27.69 -4.82
C SER E 57 -21.59 28.93 -3.93
N ALA E 58 -21.33 28.70 -2.64
CA ALA E 58 -21.22 29.73 -1.62
C ALA E 58 -20.00 29.51 -0.74
N TYR E 59 -19.39 30.62 -0.31
CA TYR E 59 -18.23 30.67 0.60
C TYR E 59 -18.63 31.51 1.78
N TYR E 60 -18.16 31.15 2.97
CA TYR E 60 -18.40 31.91 4.20
C TYR E 60 -17.12 31.98 4.98
N ALA E 61 -16.80 33.18 5.48
CA ALA E 61 -15.65 33.38 6.36
C ALA E 61 -15.97 32.60 7.64
N ASP E 62 -14.94 32.12 8.35
CA ASP E 62 -15.08 31.34 9.58
C ASP E 62 -15.89 32.07 10.65
N SER E 63 -15.78 33.41 10.72
CA SER E 63 -16.47 34.27 11.70
C SER E 63 -17.98 34.36 11.51
N VAL E 64 -18.48 34.05 10.30
CA VAL E 64 -19.90 34.13 9.98
C VAL E 64 -20.56 32.78 9.66
N LYS E 65 -19.75 31.72 9.44
CA LYS E 65 -20.26 30.37 9.13
C LYS E 65 -21.30 29.86 10.16
N GLY E 66 -22.43 29.35 9.65
CA GLY E 66 -23.51 28.84 10.47
C GLY E 66 -24.54 29.88 10.85
N ARG E 67 -24.24 31.19 10.62
CA ARG E 67 -25.13 32.31 10.98
C ARG E 67 -25.61 33.10 9.77
N PHE E 68 -24.77 33.21 8.73
CA PHE E 68 -24.98 33.98 7.52
C PHE E 68 -25.27 33.02 6.37
N THR E 69 -26.08 33.46 5.39
CA THR E 69 -26.46 32.67 4.22
C THR E 69 -26.54 33.53 2.97
N ILE E 70 -25.74 33.20 2.00
CA ILE E 70 -25.75 33.92 0.73
C ILE E 70 -26.68 33.18 -0.27
N SER E 71 -27.43 33.92 -1.05
CA SER E 71 -28.32 33.33 -2.07
C SER E 71 -28.47 34.30 -3.26
N SER E 72 -29.02 33.81 -4.36
CA SER E 72 -29.22 34.71 -5.50
C SER E 72 -30.58 34.56 -6.13
N ASP E 73 -31.09 35.66 -6.67
CA ASP E 73 -32.34 35.68 -7.40
C ASP E 73 -31.99 36.13 -8.81
N ASN E 74 -31.74 35.16 -9.70
CA ASN E 74 -31.37 35.41 -11.09
C ASN E 74 -32.44 36.19 -11.86
N ALA E 75 -33.74 36.02 -11.48
CA ALA E 75 -34.86 36.72 -12.09
C ALA E 75 -34.87 38.20 -11.73
N LYS E 76 -34.40 38.55 -10.51
CA LYS E 76 -34.30 39.94 -10.08
C LYS E 76 -32.86 40.46 -10.24
N ASN E 77 -31.91 39.57 -10.71
CA ASN E 77 -30.48 39.91 -10.92
C ASN E 77 -29.81 40.44 -9.63
N THR E 78 -30.32 39.97 -8.47
CA THR E 78 -29.82 40.38 -7.15
C THR E 78 -29.26 39.24 -6.27
N VAL E 79 -28.33 39.60 -5.35
CA VAL E 79 -27.70 38.71 -4.36
C VAL E 79 -28.18 39.07 -2.96
N TYR E 80 -28.40 38.08 -2.12
CA TYR E 80 -28.89 38.29 -0.75
C TYR E 80 -27.95 37.80 0.30
N LEU E 81 -27.87 38.53 1.42
CA LEU E 81 -27.05 38.14 2.55
C LEU E 81 -27.88 38.11 3.81
N GLN E 82 -28.34 36.91 4.14
CA GLN E 82 -29.13 36.62 5.31
C GLN E 82 -28.17 36.52 6.49
N MET E 83 -28.39 37.37 7.49
CA MET E 83 -27.54 37.47 8.68
C MET E 83 -28.36 37.16 9.92
N ASN E 84 -28.23 35.93 10.44
CA ASN E 84 -28.94 35.49 11.63
C ASN E 84 -28.04 35.56 12.86
N SER E 85 -28.63 35.51 14.08
CA SER E 85 -27.90 35.54 15.37
C SER E 85 -26.79 36.60 15.39
N LEU E 86 -27.17 37.85 15.12
CA LEU E 86 -26.25 38.98 15.04
C LEU E 86 -25.51 39.25 16.33
N ARG E 87 -24.19 39.44 16.24
CA ARG E 87 -23.32 39.69 17.41
C ARG E 87 -22.76 41.09 17.32
N PRO E 88 -22.46 41.77 18.47
CA PRO E 88 -21.88 43.13 18.39
C PRO E 88 -20.68 43.28 17.46
N GLU E 89 -19.83 42.22 17.30
CA GLU E 89 -18.65 42.24 16.39
C GLU E 89 -18.98 42.20 14.88
N ASP E 90 -20.28 42.08 14.56
CA ASP E 90 -20.79 42.06 13.19
C ASP E 90 -21.03 43.49 12.70
N THR E 91 -20.88 44.51 13.61
CA THR E 91 -21.03 45.95 13.34
C THR E 91 -19.99 46.34 12.31
N ALA E 92 -20.42 46.82 11.14
CA ALA E 92 -19.52 47.16 10.04
C ALA E 92 -20.23 47.84 8.89
N VAL E 93 -19.45 48.26 7.88
CA VAL E 93 -20.00 48.67 6.58
C VAL E 93 -19.88 47.42 5.72
N TYR E 94 -21.00 46.98 5.18
CA TYR E 94 -21.05 45.83 4.29
C TYR E 94 -21.02 46.27 2.80
N TYR E 95 -20.07 45.75 2.03
CA TYR E 95 -19.92 46.04 0.60
C TYR E 95 -20.17 44.83 -0.28
N CYS E 96 -20.84 45.05 -1.38
CA CYS E 96 -21.09 44.08 -2.41
C CYS E 96 -20.07 44.42 -3.53
N ALA E 97 -19.45 43.38 -4.08
CA ALA E 97 -18.44 43.54 -5.11
C ALA E 97 -18.52 42.43 -6.11
N ARG E 98 -18.04 42.68 -7.34
CA ARG E 98 -18.06 41.71 -8.43
C ARG E 98 -16.68 41.12 -8.62
N VAL E 99 -16.58 39.79 -8.58
CA VAL E 99 -15.35 39.00 -8.71
C VAL E 99 -14.90 39.04 -10.15
N ARG E 100 -13.63 39.38 -10.41
CA ARG E 100 -13.02 39.40 -11.74
C ARG E 100 -13.04 37.96 -12.29
N THR E 101 -13.27 37.81 -13.62
CA THR E 101 -13.28 36.46 -14.19
C THR E 101 -11.98 35.73 -13.93
N GLY E 102 -12.12 34.50 -13.45
CA GLY E 102 -10.98 33.63 -13.16
C GLY E 102 -10.53 33.59 -11.72
N TRP E 103 -11.12 34.42 -10.86
CA TRP E 103 -10.79 34.44 -9.43
C TRP E 103 -11.85 33.60 -8.66
N GLY E 104 -11.52 33.19 -7.43
CA GLY E 104 -12.43 32.38 -6.62
C GLY E 104 -13.45 33.17 -5.81
N LEU E 105 -14.39 32.44 -5.20
CA LEU E 105 -15.43 33.02 -4.34
C LEU E 105 -14.84 33.84 -3.18
N ASN E 106 -13.66 33.44 -2.67
CA ASN E 106 -12.97 34.08 -1.54
C ASN E 106 -11.77 34.94 -2.02
N ALA E 107 -11.83 35.40 -3.27
CA ALA E 107 -10.82 36.27 -3.86
C ALA E 107 -10.61 37.55 -2.99
N PRO E 108 -9.39 38.11 -2.94
CA PRO E 108 -9.19 39.31 -2.09
C PRO E 108 -9.71 40.57 -2.77
N ASP E 109 -9.84 41.66 -1.97
CA ASP E 109 -10.34 42.98 -2.40
C ASP E 109 -9.76 43.51 -3.71
N TYR E 110 -8.46 43.31 -3.97
CA TYR E 110 -7.87 43.77 -5.23
C TYR E 110 -8.37 42.98 -6.48
N ALA E 111 -9.00 41.81 -6.26
CA ALA E 111 -9.55 40.95 -7.32
C ALA E 111 -10.99 41.29 -7.69
N MET E 112 -11.56 42.32 -7.03
CA MET E 112 -12.91 42.81 -7.32
C MET E 112 -12.77 43.93 -8.38
N ASP E 113 -13.53 43.91 -9.49
CA ASP E 113 -13.43 45.01 -10.48
C ASP E 113 -14.47 46.13 -10.28
N TYR E 114 -15.55 45.84 -9.55
CA TYR E 114 -16.62 46.78 -9.22
C TYR E 114 -17.06 46.60 -7.80
N TRP E 115 -17.46 47.70 -7.16
CA TRP E 115 -17.91 47.77 -5.77
C TRP E 115 -19.18 48.59 -5.64
N GLY E 116 -19.95 48.28 -4.60
CA GLY E 116 -21.13 49.02 -4.22
C GLY E 116 -20.68 50.13 -3.29
N LYS E 117 -21.63 50.99 -2.86
CA LYS E 117 -21.36 52.13 -1.97
C LYS E 117 -21.50 51.79 -0.50
N GLY E 118 -21.86 50.54 -0.21
CA GLY E 118 -22.00 50.04 1.15
C GLY E 118 -23.32 50.28 1.86
N THR E 119 -23.57 49.45 2.87
CA THR E 119 -24.72 49.50 3.77
C THR E 119 -24.16 49.23 5.18
N LEU E 120 -24.51 50.08 6.16
CA LEU E 120 -24.04 49.97 7.54
C LEU E 120 -24.95 49.09 8.42
N VAL E 121 -24.33 48.20 9.20
CA VAL E 121 -25.01 47.31 10.14
C VAL E 121 -24.46 47.61 11.52
N THR E 122 -25.34 47.90 12.49
CA THR E 122 -24.95 48.22 13.87
C THR E 122 -25.62 47.27 14.83
N VAL E 123 -24.82 46.48 15.55
CA VAL E 123 -25.35 45.52 16.52
C VAL E 123 -24.99 46.06 17.90
N SER E 124 -25.93 46.77 18.51
CA SER E 124 -25.66 47.41 19.78
C SER E 124 -26.12 46.61 21.02
N SER E 125 -25.12 46.28 21.90
CA SER E 125 -25.25 45.53 23.14
C SER E 125 -25.42 46.49 24.34
N VAL F 2 -3.79 8.07 -14.90
CA VAL F 2 -3.95 6.79 -15.60
C VAL F 2 -3.52 5.60 -14.73
N GLN F 3 -4.25 5.41 -13.61
CA GLN F 3 -3.97 4.35 -12.64
C GLN F 3 -4.49 2.96 -13.07
N LEU F 4 -3.58 2.16 -13.64
CA LEU F 4 -3.89 0.80 -14.07
C LEU F 4 -3.36 -0.15 -13.01
N VAL F 5 -4.25 -1.00 -12.50
CA VAL F 5 -3.96 -1.96 -11.44
C VAL F 5 -3.80 -3.33 -12.03
N GLU F 6 -2.55 -3.82 -12.04
CA GLU F 6 -2.22 -5.15 -12.55
C GLU F 6 -2.53 -6.20 -11.49
N SER F 7 -3.01 -7.36 -11.96
CA SER F 7 -3.30 -8.55 -11.16
C SER F 7 -3.27 -9.77 -12.09
N GLY F 8 -3.33 -10.97 -11.49
CA GLY F 8 -3.33 -12.22 -12.25
C GLY F 8 -2.04 -13.00 -12.27
N GLY F 9 -0.99 -12.43 -11.68
CA GLY F 9 0.32 -13.06 -11.60
C GLY F 9 0.37 -14.25 -10.67
N GLY F 10 1.48 -14.96 -10.69
CA GLY F 10 1.68 -16.11 -9.83
C GLY F 10 2.81 -17.02 -10.24
N LEU F 11 3.06 -18.05 -9.41
CA LEU F 11 4.08 -19.06 -9.68
C LEU F 11 3.42 -20.17 -10.49
N VAL F 12 4.02 -20.50 -11.63
CA VAL F 12 3.50 -21.53 -12.54
C VAL F 12 4.64 -22.44 -13.05
N GLN F 13 4.30 -23.62 -13.58
CA GLN F 13 5.28 -24.60 -14.11
C GLN F 13 5.59 -24.31 -15.58
N PRO F 14 6.78 -24.70 -16.13
CA PRO F 14 7.06 -24.43 -17.55
C PRO F 14 6.08 -25.16 -18.46
N GLY F 15 5.54 -24.41 -19.42
CA GLY F 15 4.52 -24.89 -20.36
C GLY F 15 3.13 -24.65 -19.80
N GLY F 16 3.07 -23.88 -18.71
CA GLY F 16 1.84 -23.51 -18.02
C GLY F 16 1.21 -22.24 -18.53
N SER F 17 0.03 -21.89 -17.99
CA SER F 17 -0.74 -20.74 -18.40
C SER F 17 -1.02 -19.75 -17.29
N LEU F 18 -1.24 -18.49 -17.67
CA LEU F 18 -1.56 -17.40 -16.75
C LEU F 18 -2.34 -16.33 -17.51
N ARG F 19 -3.29 -15.66 -16.82
CA ARG F 19 -4.08 -14.58 -17.42
C ARG F 19 -3.98 -13.34 -16.54
N LEU F 20 -3.20 -12.36 -17.02
CA LEU F 20 -3.03 -11.09 -16.31
C LEU F 20 -4.15 -10.14 -16.69
N SER F 21 -4.65 -9.38 -15.72
CA SER F 21 -5.66 -8.34 -15.99
C SER F 21 -5.13 -7.01 -15.48
N CYS F 22 -5.40 -5.97 -16.24
CA CYS F 22 -4.96 -4.61 -16.05
C CYS F 22 -6.22 -3.79 -15.94
N ALA F 23 -6.54 -3.24 -14.77
CA ALA F 23 -7.81 -2.53 -14.65
C ALA F 23 -7.70 -1.15 -14.08
N ALA F 24 -8.54 -0.23 -14.62
CA ALA F 24 -8.65 1.18 -14.17
C ALA F 24 -10.10 1.45 -13.81
N SER F 25 -10.46 1.18 -12.53
CA SER F 25 -11.80 1.31 -11.96
C SER F 25 -12.57 2.56 -12.35
N GLY F 26 -13.61 2.37 -13.14
CA GLY F 26 -14.52 3.43 -13.59
C GLY F 26 -14.00 4.46 -14.57
N PHE F 27 -12.75 4.32 -15.05
CA PHE F 27 -12.08 5.24 -15.99
C PHE F 27 -12.40 4.93 -17.48
N THR F 28 -12.27 5.95 -18.35
CA THR F 28 -12.51 5.88 -19.81
C THR F 28 -11.25 5.48 -20.59
N LEU F 29 -11.25 4.24 -21.12
CA LEU F 29 -10.13 3.70 -21.90
C LEU F 29 -10.53 3.48 -23.36
N ASP F 30 -11.66 4.04 -23.76
CA ASP F 30 -12.28 3.89 -25.08
C ASP F 30 -11.39 4.29 -26.24
N TYR F 31 -10.50 5.27 -25.99
CA TYR F 31 -9.62 5.81 -27.00
C TYR F 31 -8.15 5.66 -26.67
N LEU F 32 -7.84 4.88 -25.62
CA LEU F 32 -6.46 4.65 -25.17
C LEU F 32 -5.84 3.30 -25.62
N ALA F 33 -4.65 3.40 -26.25
CA ALA F 33 -3.88 2.24 -26.63
C ALA F 33 -3.10 1.81 -25.35
N ILE F 34 -3.17 0.53 -24.97
CA ILE F 34 -2.58 0.04 -23.71
C ILE F 34 -1.55 -1.06 -24.01
N GLY F 35 -0.45 -1.02 -23.30
CA GLY F 35 0.61 -1.99 -23.48
C GLY F 35 0.96 -2.72 -22.22
N TRP F 36 1.48 -3.94 -22.39
CA TRP F 36 2.00 -4.80 -21.36
C TRP F 36 3.51 -4.81 -21.52
N PHE F 37 4.20 -4.59 -20.41
CA PHE F 37 5.65 -4.54 -20.34
C PHE F 37 6.09 -5.49 -19.23
N ARG F 38 7.39 -5.84 -19.26
CA ARG F 38 7.96 -6.79 -18.31
C ARG F 38 9.39 -6.38 -17.94
N GLN F 39 9.76 -6.57 -16.67
CA GLN F 39 11.12 -6.30 -16.25
C GLN F 39 11.59 -7.34 -15.27
N ALA F 40 12.53 -8.18 -15.72
CA ALA F 40 13.13 -9.18 -14.83
C ALA F 40 14.16 -8.41 -13.99
N PRO F 41 14.38 -8.75 -12.70
CA PRO F 41 15.37 -7.96 -11.92
C PRO F 41 16.80 -7.99 -12.49
N GLY F 42 17.36 -6.81 -12.73
CA GLY F 42 18.68 -6.67 -13.33
C GLY F 42 18.67 -6.41 -14.84
N LYS F 43 17.61 -6.88 -15.56
CA LYS F 43 17.43 -6.67 -17.01
C LYS F 43 16.70 -5.33 -17.26
N GLU F 44 16.68 -4.85 -18.52
CA GLU F 44 15.94 -3.64 -18.86
C GLU F 44 14.44 -3.93 -19.11
N ARG F 45 13.56 -2.91 -18.95
CA ARG F 45 12.13 -3.01 -19.21
C ARG F 45 12.00 -3.27 -20.71
N GLU F 46 11.20 -4.27 -21.07
CA GLU F 46 10.95 -4.61 -22.47
C GLU F 46 9.44 -4.59 -22.73
N GLY F 47 9.08 -4.25 -23.94
CA GLY F 47 7.70 -4.19 -24.39
C GLY F 47 7.27 -5.60 -24.70
N VAL F 48 6.08 -6.00 -24.25
CA VAL F 48 5.62 -7.37 -24.45
C VAL F 48 4.58 -7.43 -25.55
N SER F 49 3.48 -6.74 -25.32
CA SER F 49 2.33 -6.71 -26.19
C SER F 49 1.58 -5.39 -26.02
N CYS F 50 0.85 -4.97 -27.07
CA CYS F 50 0.08 -3.73 -27.08
C CYS F 50 -1.24 -3.86 -27.85
N VAL F 51 -2.30 -3.19 -27.35
CA VAL F 51 -3.67 -3.18 -27.93
C VAL F 51 -4.09 -1.80 -28.31
N SER F 52 -4.63 -1.66 -29.51
CA SER F 52 -5.16 -0.39 -29.98
C SER F 52 -6.50 -0.12 -29.21
N SER F 53 -7.00 1.12 -29.23
CA SER F 53 -8.25 1.52 -28.55
C SER F 53 -9.46 0.58 -28.79
N SER F 54 -9.74 0.20 -30.04
CA SER F 54 -10.89 -0.65 -30.37
C SER F 54 -10.63 -2.13 -30.13
N GLY F 55 -9.36 -2.51 -29.98
CA GLY F 55 -8.96 -3.90 -29.81
C GLY F 55 -8.65 -4.62 -31.10
N GLN F 56 -8.84 -3.95 -32.26
CA GLN F 56 -8.65 -4.53 -33.60
C GLN F 56 -7.23 -4.72 -34.01
N TYR F 57 -6.31 -3.88 -33.47
CA TYR F 57 -4.88 -3.91 -33.82
C TYR F 57 -4.01 -4.28 -32.66
N THR F 58 -3.29 -5.39 -32.77
CA THR F 58 -2.41 -5.94 -31.73
C THR F 58 -0.96 -6.09 -32.20
N TYR F 59 -0.01 -5.90 -31.28
CA TYR F 59 1.43 -5.90 -31.56
C TYR F 59 2.15 -6.72 -30.48
N TYR F 60 3.08 -7.55 -30.90
CA TYR F 60 3.78 -8.43 -29.95
C TYR F 60 5.27 -8.40 -30.15
N ALA F 61 6.03 -8.56 -29.05
CA ALA F 61 7.48 -8.67 -29.13
C ALA F 61 7.76 -10.07 -29.74
N ASP F 62 8.83 -10.20 -30.56
CA ASP F 62 9.16 -11.47 -31.24
C ASP F 62 9.29 -12.68 -30.32
N SER F 63 9.73 -12.45 -29.08
CA SER F 63 9.90 -13.49 -28.06
C SER F 63 8.61 -14.09 -27.49
N VAL F 64 7.44 -13.44 -27.71
CA VAL F 64 6.16 -13.91 -27.15
C VAL F 64 5.11 -14.37 -28.17
N LYS F 65 5.34 -14.13 -29.46
CA LYS F 65 4.37 -14.53 -30.49
C LYS F 65 4.06 -16.00 -30.52
N GLY F 66 2.77 -16.29 -30.64
CA GLY F 66 2.24 -17.65 -30.66
C GLY F 66 1.93 -18.21 -29.28
N ARG F 67 2.34 -17.49 -28.27
CA ARG F 67 2.16 -17.91 -26.89
C ARG F 67 1.27 -16.95 -26.12
N PHE F 68 1.55 -15.67 -26.27
CA PHE F 68 0.78 -14.60 -25.65
C PHE F 68 -0.30 -14.06 -26.58
N THR F 69 -1.44 -13.62 -25.99
CA THR F 69 -2.59 -13.02 -26.67
C THR F 69 -3.13 -11.88 -25.81
N ILE F 70 -3.10 -10.65 -26.35
CA ILE F 70 -3.62 -9.46 -25.66
C ILE F 70 -5.08 -9.21 -26.11
N SER F 71 -5.92 -8.71 -25.19
CA SER F 71 -7.32 -8.39 -25.46
C SER F 71 -7.80 -7.32 -24.47
N ARG F 72 -8.97 -6.72 -24.73
CA ARG F 72 -9.50 -5.70 -23.86
C ARG F 72 -11.00 -5.71 -23.79
N ASP F 73 -11.52 -5.11 -22.72
CA ASP F 73 -12.95 -4.93 -22.51
C ASP F 73 -13.11 -3.50 -21.99
N ASN F 74 -13.52 -2.61 -22.89
CA ASN F 74 -13.69 -1.19 -22.64
C ASN F 74 -14.84 -0.92 -21.68
N ALA F 75 -15.91 -1.70 -21.79
CA ALA F 75 -17.06 -1.54 -20.89
C ALA F 75 -16.65 -1.73 -19.43
N GLU F 76 -15.63 -2.53 -19.21
CA GLU F 76 -15.13 -2.79 -17.86
C GLU F 76 -13.77 -2.13 -17.64
N SER F 77 -13.28 -1.45 -18.67
CA SER F 77 -12.02 -0.71 -18.56
C SER F 77 -10.93 -1.58 -17.96
N THR F 78 -10.67 -2.73 -18.58
CA THR F 78 -9.59 -3.61 -18.16
C THR F 78 -8.99 -4.35 -19.36
N VAL F 79 -7.68 -4.59 -19.30
CA VAL F 79 -6.97 -5.25 -20.39
C VAL F 79 -6.41 -6.59 -19.95
N TYR F 80 -6.41 -7.55 -20.87
CA TYR F 80 -6.05 -8.93 -20.53
C TYR F 80 -4.79 -9.37 -21.27
N LEU F 81 -3.98 -10.19 -20.61
CA LEU F 81 -2.81 -10.77 -21.23
C LEU F 81 -2.76 -12.29 -20.99
N GLN F 82 -3.26 -13.08 -21.96
CA GLN F 82 -3.26 -14.54 -21.89
C GLN F 82 -1.87 -15.02 -22.24
N MET F 83 -1.26 -15.74 -21.30
CA MET F 83 0.09 -16.25 -21.46
C MET F 83 0.05 -17.78 -21.47
N ASN F 84 0.23 -18.36 -22.64
CA ASN F 84 0.25 -19.82 -22.78
C ASN F 84 1.69 -20.28 -22.99
N SER F 85 1.98 -21.58 -22.77
CA SER F 85 3.30 -22.22 -22.96
C SER F 85 4.42 -21.39 -22.33
N LEU F 86 4.24 -21.06 -21.02
CA LEU F 86 5.18 -20.24 -20.28
C LEU F 86 6.56 -20.87 -20.09
N LYS F 87 7.63 -20.05 -20.16
CA LYS F 87 9.03 -20.49 -20.04
C LYS F 87 9.79 -19.71 -18.99
N PRO F 88 10.83 -20.30 -18.33
CA PRO F 88 11.55 -19.55 -17.27
C PRO F 88 11.95 -18.12 -17.64
N GLU F 89 12.28 -17.88 -18.94
CA GLU F 89 12.72 -16.59 -19.51
C GLU F 89 11.61 -15.52 -19.46
N ASP F 90 10.36 -15.98 -19.26
CA ASP F 90 9.19 -15.12 -19.11
C ASP F 90 9.01 -14.60 -17.67
N THR F 91 9.86 -15.06 -16.71
CA THR F 91 9.86 -14.66 -15.30
C THR F 91 10.29 -13.20 -15.17
N ALA F 92 9.36 -12.36 -14.69
CA ALA F 92 9.55 -10.91 -14.52
C ALA F 92 8.34 -10.32 -13.78
N VAL F 93 8.43 -9.01 -13.45
CA VAL F 93 7.30 -8.26 -12.92
C VAL F 93 6.64 -7.67 -14.19
N TYR F 94 5.33 -7.90 -14.37
CA TYR F 94 4.63 -7.43 -15.54
C TYR F 94 3.88 -6.15 -15.25
N TYR F 95 4.26 -5.10 -15.96
CA TYR F 95 3.68 -3.78 -15.83
C TYR F 95 2.80 -3.47 -17.00
N CYS F 96 1.80 -2.67 -16.74
CA CYS F 96 0.79 -2.23 -17.68
C CYS F 96 0.84 -0.71 -17.76
N ALA F 97 0.79 -0.16 -18.97
CA ALA F 97 0.85 1.30 -19.16
C ALA F 97 0.20 1.76 -20.44
N THR F 98 -0.14 3.06 -20.51
CA THR F 98 -0.69 3.69 -21.71
C THR F 98 0.45 3.78 -22.70
N ASP F 99 0.25 3.22 -23.89
CA ASP F 99 1.24 3.28 -24.94
C ASP F 99 0.59 3.88 -26.20
N PRO F 100 0.52 5.22 -26.29
CA PRO F 100 -0.14 5.86 -27.46
C PRO F 100 0.43 5.41 -28.79
N GLU F 101 -0.46 5.03 -29.72
CA GLU F 101 -0.12 4.52 -31.06
C GLU F 101 0.74 3.24 -31.01
N CYS F 102 0.82 2.62 -29.81
CA CYS F 102 1.61 1.42 -29.52
C CYS F 102 3.10 1.62 -29.88
N TYR F 103 3.57 2.90 -29.89
CA TYR F 103 4.93 3.32 -30.23
C TYR F 103 6.00 2.49 -29.59
N ARG F 104 6.00 2.42 -28.25
CA ARG F 104 6.97 1.68 -27.45
C ARG F 104 7.06 0.22 -27.83
N VAL F 105 5.92 -0.49 -27.84
CA VAL F 105 5.90 -1.92 -28.15
C VAL F 105 6.32 -2.17 -29.59
N ARG F 106 5.99 -1.25 -30.48
CA ARG F 106 6.33 -1.34 -31.90
C ARG F 106 7.78 -1.04 -32.24
N GLY F 107 8.43 -0.32 -31.35
CA GLY F 107 9.86 -0.21 -31.34
C GLY F 107 10.33 1.14 -31.76
N TYR F 108 9.44 2.10 -31.80
CA TYR F 108 9.79 3.49 -31.83
C TYR F 108 9.32 3.84 -30.49
N TYR F 109 10.04 4.67 -29.76
CA TYR F 109 9.86 4.70 -28.33
C TYR F 109 9.46 6.08 -27.95
N ASN F 110 8.21 6.25 -27.52
CA ASN F 110 7.69 7.45 -26.88
C ASN F 110 8.77 8.18 -26.16
N GLY F 111 9.34 7.49 -25.20
CA GLY F 111 10.28 8.09 -24.31
C GLY F 111 9.73 9.39 -23.80
N GLU F 112 8.42 9.52 -23.85
CA GLU F 112 7.79 10.55 -23.10
C GLU F 112 7.83 10.12 -21.66
N TYR F 113 8.54 9.02 -21.37
CA TYR F 113 8.00 7.99 -20.49
C TYR F 113 9.04 7.56 -19.45
N ASP F 114 8.67 7.67 -18.18
CA ASP F 114 8.30 6.51 -17.39
C ASP F 114 7.10 6.80 -16.49
N TYR F 115 6.07 5.97 -16.58
CA TYR F 115 5.10 5.81 -15.50
C TYR F 115 4.50 4.42 -15.49
N TRP F 116 4.35 3.86 -14.30
CA TRP F 116 4.38 2.40 -14.12
C TRP F 116 3.40 1.95 -13.06
N GLY F 117 3.81 2.02 -11.80
CA GLY F 117 3.03 1.48 -10.70
C GLY F 117 3.50 0.11 -10.27
N GLN F 118 2.65 -0.59 -9.52
CA GLN F 118 3.07 -1.79 -8.81
C GLN F 118 3.59 -2.97 -9.67
N GLY F 119 2.76 -3.44 -10.59
CA GLY F 119 3.04 -4.59 -11.43
C GLY F 119 2.44 -5.83 -10.84
N THR F 120 2.70 -6.99 -11.47
CA THR F 120 2.25 -8.30 -11.06
C THR F 120 3.37 -9.30 -11.37
N GLN F 121 3.85 -10.00 -10.34
CA GLN F 121 4.94 -10.93 -10.51
C GLN F 121 4.49 -12.20 -11.20
N VAL F 122 5.32 -12.66 -12.13
CA VAL F 122 5.11 -13.90 -12.85
C VAL F 122 6.40 -14.70 -12.68
N THR F 123 6.28 -15.89 -12.09
CA THR F 123 7.41 -16.80 -11.87
C THR F 123 7.12 -18.13 -12.56
N VAL F 124 8.04 -18.54 -13.43
CA VAL F 124 7.93 -19.80 -14.18
C VAL F 124 8.99 -20.77 -13.59
N SER F 125 8.51 -21.80 -12.85
CA SER F 125 9.29 -22.85 -12.14
C SER F 125 10.51 -23.39 -12.91
N SER F 126 11.72 -23.25 -12.32
CA SER F 126 13.01 -23.70 -12.89
C SER F 126 14.11 -23.56 -11.85
N GLU G 1 -33.78 -7.57 37.80
CA GLU G 1 -34.69 -8.71 37.83
C GLU G 1 -33.95 -10.05 37.85
N VAL G 2 -32.91 -10.21 36.99
CA VAL G 2 -32.09 -11.43 36.90
C VAL G 2 -31.38 -11.69 38.22
N GLN G 3 -31.66 -12.86 38.81
CA GLN G 3 -31.17 -13.36 40.11
C GLN G 3 -30.83 -14.86 40.06
N LEU G 4 -29.77 -15.22 40.79
CA LEU G 4 -29.35 -16.59 40.96
C LEU G 4 -29.16 -16.79 42.47
N VAL G 5 -30.04 -17.56 43.09
CA VAL G 5 -30.00 -17.75 44.54
C VAL G 5 -29.60 -19.16 44.94
N GLU G 6 -28.37 -19.32 45.44
CA GLU G 6 -27.87 -20.62 45.88
C GLU G 6 -28.42 -20.99 47.24
N SER G 7 -28.32 -22.27 47.59
CA SER G 7 -28.70 -22.80 48.89
C SER G 7 -28.14 -24.18 49.06
N GLY G 8 -28.02 -24.59 50.32
CA GLY G 8 -27.59 -25.92 50.66
C GLY G 8 -26.24 -26.04 51.31
N GLY G 9 -25.52 -24.93 51.43
CA GLY G 9 -24.19 -24.95 52.07
C GLY G 9 -24.19 -25.48 53.50
N GLY G 10 -23.05 -25.95 53.97
CA GLY G 10 -22.97 -26.46 55.33
C GLY G 10 -21.67 -27.14 55.68
N LEU G 11 -21.59 -27.63 56.94
CA LEU G 11 -20.45 -28.35 57.47
C LEU G 11 -20.66 -29.82 57.18
N VAL G 12 -19.67 -30.44 56.48
CA VAL G 12 -19.74 -31.82 56.05
C VAL G 12 -18.51 -32.62 56.44
N GLN G 13 -18.73 -33.83 56.94
CA GLN G 13 -17.69 -34.79 57.33
C GLN G 13 -17.03 -35.43 56.08
N PRO G 14 -15.68 -35.61 56.03
CA PRO G 14 -15.08 -36.26 54.84
C PRO G 14 -15.78 -37.56 54.51
N GLY G 15 -16.06 -37.76 53.23
CA GLY G 15 -16.81 -38.91 52.72
C GLY G 15 -18.31 -38.62 52.68
N GLY G 16 -18.71 -37.45 53.17
CA GLY G 16 -20.10 -37.01 53.27
C GLY G 16 -20.72 -36.60 51.96
N SER G 17 -22.05 -36.52 51.94
CA SER G 17 -22.81 -36.16 50.76
C SER G 17 -23.68 -34.95 51.03
N LEU G 18 -23.74 -34.03 50.05
CA LEU G 18 -24.48 -32.77 50.13
C LEU G 18 -25.08 -32.40 48.77
N ARG G 19 -26.27 -31.79 48.80
CA ARG G 19 -27.02 -31.34 47.62
C ARG G 19 -27.15 -29.83 47.66
N LEU G 20 -26.76 -29.14 46.57
CA LEU G 20 -26.87 -27.70 46.39
C LEU G 20 -27.95 -27.36 45.41
N SER G 21 -28.60 -26.22 45.58
CA SER G 21 -29.60 -25.80 44.63
C SER G 21 -29.38 -24.36 44.22
N CYS G 22 -29.88 -24.00 43.03
CA CYS G 22 -29.74 -22.65 42.49
C CYS G 22 -31.06 -22.23 41.90
N ALA G 23 -31.73 -21.25 42.52
CA ALA G 23 -33.02 -20.78 41.99
C ALA G 23 -32.83 -19.59 41.05
N ALA G 24 -33.15 -19.79 39.77
CA ALA G 24 -33.04 -18.79 38.72
C ALA G 24 -34.33 -17.96 38.58
N SER G 25 -34.13 -16.68 38.27
CA SER G 25 -35.13 -15.62 38.06
C SER G 25 -34.31 -14.48 37.42
N GLY G 26 -34.83 -13.63 36.54
CA GLY G 26 -36.10 -13.65 35.86
C GLY G 26 -35.71 -13.70 34.41
N PHE G 27 -35.35 -14.90 33.98
CA PHE G 27 -34.95 -15.34 32.65
C PHE G 27 -35.38 -16.81 32.63
N THR G 28 -35.50 -17.42 31.45
CA THR G 28 -35.95 -18.80 31.41
C THR G 28 -34.76 -19.75 31.24
N LEU G 29 -34.71 -20.84 32.06
CA LEU G 29 -33.62 -21.81 32.00
C LEU G 29 -33.31 -22.29 30.59
N ASP G 30 -34.33 -22.68 29.78
CA ASP G 30 -34.10 -23.21 28.43
C ASP G 30 -33.43 -22.27 27.40
N ASP G 31 -33.23 -21.01 27.79
CA ASP G 31 -32.56 -20.03 26.95
C ASP G 31 -31.05 -20.02 27.16
N TYR G 32 -30.62 -20.54 28.33
CA TYR G 32 -29.23 -20.50 28.80
C TYR G 32 -28.70 -21.79 29.39
N ALA G 33 -27.40 -21.87 29.49
CA ALA G 33 -26.73 -22.96 30.15
C ALA G 33 -26.33 -22.37 31.49
N ILE G 34 -26.36 -23.20 32.53
CA ILE G 34 -26.00 -22.80 33.88
C ILE G 34 -24.72 -23.54 34.28
N ALA G 35 -23.77 -22.79 34.85
CA ALA G 35 -22.53 -23.38 35.31
C ALA G 35 -22.37 -23.17 36.78
N TRP G 36 -21.70 -24.11 37.46
CA TRP G 36 -21.34 -23.98 38.87
C TRP G 36 -19.85 -23.78 38.94
N PHE G 37 -19.44 -22.77 39.70
CA PHE G 37 -18.06 -22.44 39.98
C PHE G 37 -17.80 -22.62 41.47
N ARG G 38 -16.55 -22.83 41.83
CA ARG G 38 -16.14 -22.98 43.23
C ARG G 38 -14.91 -22.11 43.50
N GLN G 39 -14.93 -21.41 44.64
CA GLN G 39 -13.78 -20.62 45.07
C GLN G 39 -13.31 -21.06 46.46
N ALA G 40 -12.22 -21.85 46.48
CA ALA G 40 -11.60 -22.30 47.70
C ALA G 40 -10.93 -21.08 48.35
N PRO G 41 -11.00 -20.91 49.68
CA PRO G 41 -10.36 -19.73 50.30
C PRO G 41 -8.93 -19.52 49.77
N GLY G 42 -8.63 -18.27 49.41
CA GLY G 42 -7.34 -17.82 48.90
C GLY G 42 -7.03 -18.25 47.49
N LYS G 43 -8.02 -18.77 46.75
CA LYS G 43 -7.76 -19.25 45.38
C LYS G 43 -8.67 -18.60 44.39
N GLU G 44 -8.27 -18.61 43.11
CA GLU G 44 -9.06 -18.08 41.99
C GLU G 44 -10.30 -18.94 41.72
N ARG G 45 -11.36 -18.31 41.22
CA ARG G 45 -12.63 -18.96 40.85
C ARG G 45 -12.32 -20.08 39.81
N GLU G 46 -12.91 -21.27 39.97
CA GLU G 46 -12.72 -22.46 39.10
C GLU G 46 -14.08 -23.04 38.69
N GLY G 47 -14.19 -23.52 37.47
CA GLY G 47 -15.41 -24.17 36.99
C GLY G 47 -15.57 -25.54 37.62
N VAL G 48 -16.82 -25.97 37.89
CA VAL G 48 -17.10 -27.28 38.49
C VAL G 48 -17.93 -28.18 37.56
N SER G 49 -19.13 -27.70 37.21
CA SER G 49 -20.04 -28.35 36.28
C SER G 49 -20.89 -27.32 35.54
N GLY G 50 -21.44 -27.73 34.42
CA GLY G 50 -22.27 -26.91 33.58
C GLY G 50 -23.35 -27.81 33.04
N ILE G 51 -24.51 -27.22 32.73
CA ILE G 51 -25.69 -27.96 32.23
C ILE G 51 -26.46 -27.19 31.17
N ASP G 52 -26.81 -27.88 30.08
CA ASP G 52 -27.68 -27.30 29.07
C ASP G 52 -29.04 -27.82 29.48
N SER G 53 -29.78 -26.94 30.13
CA SER G 53 -31.14 -27.13 30.69
C SER G 53 -32.13 -27.80 29.75
N GLY G 54 -32.13 -27.38 28.48
CA GLY G 54 -32.99 -27.94 27.44
C GLY G 54 -32.70 -29.39 27.02
N ASP G 55 -31.44 -29.86 27.21
CA ASP G 55 -30.88 -31.17 26.84
C ASP G 55 -30.74 -32.10 28.04
N GLY G 56 -30.30 -31.54 29.16
CA GLY G 56 -29.92 -32.33 30.31
C GLY G 56 -28.44 -32.71 30.23
N SER G 57 -27.75 -32.34 29.12
CA SER G 57 -26.34 -32.65 28.93
C SER G 57 -25.56 -31.84 29.93
N ALA G 58 -24.68 -32.55 30.66
CA ALA G 58 -23.89 -32.13 31.80
C ALA G 58 -22.39 -32.32 31.60
N TYR G 59 -21.60 -31.35 32.04
CA TYR G 59 -20.14 -31.36 32.00
C TYR G 59 -19.61 -31.38 33.44
N TYR G 60 -18.49 -32.08 33.68
CA TYR G 60 -17.85 -32.09 34.98
C TYR G 60 -16.36 -31.91 34.86
N ALA G 61 -15.80 -30.95 35.61
CA ALA G 61 -14.34 -30.70 35.67
C ALA G 61 -13.65 -31.97 36.23
N ASP G 62 -12.39 -32.25 35.78
CA ASP G 62 -11.63 -33.46 36.20
C ASP G 62 -11.54 -33.69 37.69
N SER G 63 -11.54 -32.61 38.47
CA SER G 63 -11.50 -32.65 39.93
C SER G 63 -12.78 -33.23 40.60
N VAL G 64 -13.93 -33.12 39.93
CA VAL G 64 -15.24 -33.53 40.46
C VAL G 64 -15.87 -34.67 39.67
N LYS G 65 -15.31 -34.98 38.46
CA LYS G 65 -15.83 -36.07 37.59
C LYS G 65 -15.92 -37.37 38.38
N GLY G 66 -17.06 -38.05 38.26
CA GLY G 66 -17.34 -39.27 39.01
C GLY G 66 -17.93 -39.08 40.40
N ARG G 67 -17.88 -37.83 40.96
CA ARG G 67 -18.41 -37.58 42.32
C ARG G 67 -19.62 -36.66 42.39
N PHE G 68 -19.72 -35.68 41.45
CA PHE G 68 -20.79 -34.71 41.41
C PHE G 68 -21.80 -35.04 40.33
N THR G 69 -23.06 -34.66 40.55
CA THR G 69 -24.14 -34.84 39.58
C THR G 69 -24.90 -33.53 39.45
N ILE G 70 -24.98 -33.01 38.22
CA ILE G 70 -25.73 -31.80 37.94
C ILE G 70 -27.06 -32.13 37.26
N SER G 71 -28.13 -31.50 37.74
CA SER G 71 -29.45 -31.68 37.13
C SER G 71 -30.26 -30.38 37.23
N SER G 72 -31.43 -30.36 36.59
CA SER G 72 -32.27 -29.19 36.57
C SER G 72 -33.73 -29.55 36.48
N ASP G 73 -34.57 -28.78 37.20
CA ASP G 73 -36.02 -28.87 37.14
C ASP G 73 -36.46 -27.61 36.44
N ASN G 74 -36.77 -27.73 35.13
CA ASN G 74 -37.17 -26.60 34.30
C ASN G 74 -38.44 -25.93 34.81
N ALA G 75 -39.39 -26.75 35.31
CA ALA G 75 -40.64 -26.30 35.89
C ALA G 75 -40.39 -25.38 37.09
N LYS G 76 -39.52 -25.80 38.02
CA LYS G 76 -39.22 -24.99 39.20
C LYS G 76 -38.12 -23.96 38.96
N ASN G 77 -37.55 -23.95 37.73
CA ASN G 77 -36.49 -23.04 37.29
C ASN G 77 -35.25 -23.11 38.21
N THR G 78 -34.99 -24.32 38.75
CA THR G 78 -33.85 -24.54 39.63
C THR G 78 -32.85 -25.53 39.06
N VAL G 79 -31.59 -25.35 39.45
CA VAL G 79 -30.51 -26.22 39.06
C VAL G 79 -30.01 -26.89 40.35
N TYR G 80 -29.74 -28.19 40.33
CA TYR G 80 -29.20 -28.91 41.47
C TYR G 80 -27.75 -29.41 41.26
N LEU G 81 -27.03 -29.58 42.37
CA LEU G 81 -25.66 -30.08 42.36
C LEU G 81 -25.47 -31.07 43.52
N GLN G 82 -25.62 -32.37 43.19
CA GLN G 82 -25.42 -33.46 44.13
C GLN G 82 -23.91 -33.66 44.23
N MET G 83 -23.37 -33.57 45.44
CA MET G 83 -21.92 -33.68 45.73
C MET G 83 -21.71 -34.89 46.64
N ASN G 84 -21.02 -35.89 46.11
CA ASN G 84 -20.78 -37.14 46.80
C ASN G 84 -19.31 -37.34 47.13
N SER G 85 -19.00 -38.23 48.12
CA SER G 85 -17.64 -38.59 48.56
C SER G 85 -16.76 -37.35 48.76
N LEU G 86 -17.35 -36.33 49.39
CA LEU G 86 -16.74 -35.02 49.61
C LEU G 86 -15.46 -35.12 50.43
N ARG G 87 -14.45 -34.33 50.05
CA ARG G 87 -13.14 -34.39 50.70
C ARG G 87 -12.63 -33.01 51.11
N PRO G 88 -11.68 -32.90 52.07
CA PRO G 88 -11.29 -31.56 52.55
C PRO G 88 -10.96 -30.53 51.47
N GLU G 89 -10.41 -30.96 50.30
CA GLU G 89 -10.06 -30.07 49.19
C GLU G 89 -11.29 -29.54 48.42
N ASP G 90 -12.49 -30.13 48.66
CA ASP G 90 -13.74 -29.65 48.04
C ASP G 90 -14.32 -28.46 48.82
N THR G 91 -13.64 -28.00 49.90
CA THR G 91 -14.04 -26.86 50.75
C THR G 91 -13.95 -25.59 49.91
N ALA G 92 -15.10 -24.92 49.75
CA ALA G 92 -15.17 -23.72 48.93
C ALA G 92 -16.51 -23.04 49.03
N VAL G 93 -16.59 -21.82 48.46
CA VAL G 93 -17.83 -21.11 48.29
C VAL G 93 -18.22 -21.52 46.87
N TYR G 94 -19.41 -22.11 46.73
CA TYR G 94 -19.93 -22.58 45.46
C TYR G 94 -20.84 -21.53 44.85
N TYR G 95 -20.57 -21.17 43.59
CA TYR G 95 -21.32 -20.14 42.86
C TYR G 95 -22.06 -20.69 41.68
N CYS G 96 -23.30 -20.26 41.55
CA CYS G 96 -24.15 -20.55 40.41
C CYS G 96 -23.91 -19.37 39.44
N ALA G 97 -23.87 -19.67 38.14
CA ALA G 97 -23.58 -18.66 37.12
C ALA G 97 -24.26 -18.95 35.79
N ARG G 98 -24.72 -17.90 35.11
CA ARG G 98 -25.41 -18.03 33.83
C ARG G 98 -24.37 -17.89 32.71
N VAL G 99 -24.34 -18.87 31.75
CA VAL G 99 -23.38 -18.92 30.63
C VAL G 99 -23.82 -17.98 29.50
N ARG G 100 -22.92 -17.06 29.04
CA ARG G 100 -23.23 -16.16 27.92
C ARG G 100 -23.47 -17.01 26.69
N THR G 101 -24.45 -16.65 25.87
CA THR G 101 -24.77 -17.45 24.68
C THR G 101 -23.62 -17.55 23.65
N GLY G 102 -23.41 -18.76 23.16
CA GLY G 102 -22.35 -19.06 22.21
C GLY G 102 -21.20 -19.79 22.87
N TRP G 103 -21.15 -19.75 24.22
CA TRP G 103 -20.09 -20.40 24.97
C TRP G 103 -20.48 -21.82 25.40
N GLY G 104 -19.48 -22.66 25.58
CA GLY G 104 -19.72 -24.03 26.00
C GLY G 104 -20.07 -24.16 27.47
N LEU G 105 -20.32 -25.38 27.88
CA LEU G 105 -20.63 -25.77 29.24
C LEU G 105 -19.44 -25.57 30.19
N ASN G 106 -18.19 -25.72 29.68
CA ASN G 106 -16.94 -25.51 30.42
C ASN G 106 -16.34 -24.10 30.19
N ALA G 107 -17.20 -23.12 29.78
CA ALA G 107 -16.83 -21.72 29.55
C ALA G 107 -16.10 -21.12 30.75
N PRO G 108 -15.13 -20.19 30.50
CA PRO G 108 -14.40 -19.59 31.62
C PRO G 108 -15.29 -18.68 32.47
N ASP G 109 -14.79 -18.23 33.64
CA ASP G 109 -15.55 -17.33 34.51
C ASP G 109 -15.96 -16.01 33.82
N TYR G 110 -15.09 -15.43 32.95
CA TYR G 110 -15.42 -14.18 32.25
C TYR G 110 -16.52 -14.36 31.15
N ALA G 111 -16.87 -15.61 30.85
CA ALA G 111 -17.92 -15.96 29.90
C ALA G 111 -19.29 -16.15 30.62
N MET G 112 -19.36 -15.80 31.91
CA MET G 112 -20.60 -15.83 32.70
C MET G 112 -21.09 -14.40 32.76
N ASP G 113 -22.39 -14.16 32.53
CA ASP G 113 -22.95 -12.79 32.58
C ASP G 113 -23.57 -12.40 33.94
N TYR G 114 -24.05 -13.38 34.71
CA TYR G 114 -24.66 -13.16 36.01
C TYR G 114 -24.21 -14.24 36.97
N TRP G 115 -23.94 -13.87 38.23
CA TRP G 115 -23.46 -14.77 39.28
C TRP G 115 -24.39 -14.77 40.48
N GLY G 116 -24.28 -15.79 41.32
CA GLY G 116 -25.00 -15.85 42.56
C GLY G 116 -24.06 -15.37 43.65
N LYS G 117 -24.59 -15.02 44.83
CA LYS G 117 -23.79 -14.56 45.98
C LYS G 117 -22.85 -15.65 46.51
N GLY G 118 -23.22 -16.91 46.30
CA GLY G 118 -22.42 -18.07 46.67
C GLY G 118 -22.80 -18.70 47.99
N THR G 119 -22.71 -20.03 48.07
CA THR G 119 -23.00 -20.79 49.28
C THR G 119 -21.74 -21.50 49.75
N LEU G 120 -21.53 -21.55 51.05
CA LEU G 120 -20.31 -22.15 51.55
C LEU G 120 -20.42 -23.60 51.95
N VAL G 121 -19.55 -24.44 51.38
CA VAL G 121 -19.44 -25.85 51.71
C VAL G 121 -18.05 -26.08 52.37
N THR G 122 -18.03 -26.42 53.67
CA THR G 122 -16.77 -26.74 54.35
C THR G 122 -16.73 -28.21 54.74
N VAL G 123 -15.68 -28.93 54.27
CA VAL G 123 -15.49 -30.36 54.51
C VAL G 123 -14.38 -30.48 55.53
N SER G 124 -14.75 -30.66 56.81
CA SER G 124 -13.81 -30.65 57.94
C SER G 124 -13.28 -32.00 58.40
N SER G 125 -12.00 -32.28 57.99
CA SER G 125 -11.20 -33.48 58.26
C SER G 125 -11.02 -33.76 59.75
N GLU H 1 25.73 -32.58 15.36
CA GLU H 1 25.79 -31.51 14.38
C GLU H 1 26.44 -32.00 13.08
N VAL H 2 26.32 -31.19 12.03
CA VAL H 2 26.92 -31.52 10.74
C VAL H 2 28.40 -31.22 10.72
N GLN H 3 29.19 -32.12 10.15
CA GLN H 3 30.62 -31.91 9.98
C GLN H 3 30.98 -31.62 8.53
N LEU H 4 31.94 -30.73 8.32
CA LEU H 4 32.44 -30.41 6.97
C LEU H 4 33.89 -30.84 6.87
N VAL H 5 34.25 -31.50 5.77
CA VAL H 5 35.61 -31.98 5.53
C VAL H 5 36.08 -31.56 4.12
N GLU H 6 37.02 -30.63 4.05
CA GLU H 6 37.52 -30.21 2.74
C GLU H 6 38.80 -30.93 2.32
N SER H 7 38.91 -31.19 1.01
CA SER H 7 39.98 -31.92 0.36
C SER H 7 40.22 -31.40 -1.07
N GLY H 8 41.28 -31.88 -1.68
CA GLY H 8 41.62 -31.55 -3.06
C GLY H 8 42.74 -30.57 -3.28
N GLY H 9 43.25 -30.01 -2.19
CA GLY H 9 44.33 -29.05 -2.24
C GLY H 9 45.69 -29.68 -2.48
N GLY H 10 46.68 -28.84 -2.71
CA GLY H 10 48.06 -29.24 -2.94
C GLY H 10 48.82 -28.24 -3.78
N LEU H 11 50.01 -28.64 -4.27
CA LEU H 11 50.89 -27.85 -5.13
C LEU H 11 50.39 -27.96 -6.59
N VAL H 12 50.38 -26.82 -7.30
CA VAL H 12 49.90 -26.71 -8.68
C VAL H 12 50.69 -25.63 -9.43
N GLN H 13 50.96 -25.83 -10.73
CA GLN H 13 51.68 -24.89 -11.59
C GLN H 13 50.83 -23.64 -11.84
N ALA H 14 51.42 -22.44 -11.73
CA ALA H 14 50.67 -21.19 -11.94
C ALA H 14 50.13 -21.10 -13.37
N GLY H 15 48.83 -21.40 -13.54
CA GLY H 15 48.11 -21.44 -14.82
C GLY H 15 47.29 -22.72 -14.97
N GLY H 16 47.55 -23.68 -14.09
CA GLY H 16 46.84 -24.95 -14.05
C GLY H 16 45.43 -24.82 -13.46
N SER H 17 44.92 -25.94 -12.97
CA SER H 17 43.58 -26.02 -12.40
C SER H 17 43.52 -27.06 -11.32
N LEU H 18 42.55 -26.90 -10.42
CA LEU H 18 42.24 -27.88 -9.40
C LEU H 18 40.82 -27.70 -8.93
N ARG H 19 40.25 -28.77 -8.42
CA ARG H 19 38.88 -28.78 -7.94
C ARG H 19 38.87 -29.21 -6.50
N LEU H 20 38.42 -28.31 -5.63
CA LEU H 20 38.32 -28.59 -4.20
C LEU H 20 36.96 -29.20 -3.91
N SER H 21 36.91 -30.09 -2.93
CA SER H 21 35.64 -30.70 -2.53
C SER H 21 35.42 -30.53 -1.05
N CYS H 22 34.15 -30.38 -0.67
CA CYS H 22 33.75 -30.19 0.72
C CYS H 22 32.65 -31.18 0.98
N ALA H 23 32.95 -32.20 1.79
CA ALA H 23 32.00 -33.25 2.11
C ALA H 23 31.30 -32.91 3.41
N ALA H 24 29.96 -32.84 3.38
CA ALA H 24 29.15 -32.53 4.55
C ALA H 24 28.48 -33.82 5.06
N SER H 25 28.37 -33.96 6.36
CA SER H 25 27.68 -35.10 6.93
C SER H 25 26.18 -34.96 6.87
N GLY H 26 25.70 -33.76 6.67
CA GLY H 26 24.29 -33.49 6.66
C GLY H 26 24.09 -32.07 6.28
N ARG H 27 22.86 -31.58 6.34
CA ARG H 27 22.62 -30.16 6.42
C ARG H 27 21.59 -29.86 7.44
N THR H 28 21.77 -28.77 8.14
CA THR H 28 21.02 -28.55 9.32
C THR H 28 19.63 -28.09 8.98
N PHE H 29 19.50 -27.33 7.93
CA PHE H 29 18.20 -26.90 7.47
C PHE H 29 18.16 -27.27 6.03
N SER H 30 16.99 -27.21 5.42
CA SER H 30 16.88 -27.59 4.04
C SER H 30 17.26 -26.45 3.14
N TRP H 31 17.21 -25.25 3.68
CA TRP H 31 17.66 -24.06 2.98
C TRP H 31 19.13 -23.66 3.28
N SER H 32 19.87 -24.54 3.97
CA SER H 32 21.26 -24.32 4.32
C SER H 32 22.14 -24.17 3.10
N ALA H 33 23.20 -23.39 3.23
CA ALA H 33 24.16 -23.18 2.15
C ALA H 33 25.55 -23.41 2.66
N VAL H 34 26.42 -23.82 1.75
CA VAL H 34 27.83 -24.02 2.01
C VAL H 34 28.59 -22.89 1.29
N GLY H 35 29.47 -22.22 2.03
CA GLY H 35 30.28 -21.15 1.50
C GLY H 35 31.75 -21.44 1.59
N TRP H 36 32.50 -21.08 0.54
CA TRP H 36 33.95 -21.26 0.50
C TRP H 36 34.60 -19.94 0.86
N PHE H 37 35.61 -20.01 1.71
CA PHE H 37 36.41 -18.89 2.19
C PHE H 37 37.86 -19.23 1.96
N ARG H 38 38.73 -18.22 2.05
CA ARG H 38 40.15 -18.41 1.84
C ARG H 38 40.95 -17.46 2.68
N GLN H 39 42.10 -17.96 3.18
CA GLN H 39 43.02 -17.22 4.03
C GLN H 39 44.40 -17.22 3.42
N ALA H 40 44.75 -16.08 2.85
CA ALA H 40 46.05 -15.86 2.22
C ALA H 40 47.08 -15.24 3.23
N PRO H 41 48.39 -15.59 3.12
CA PRO H 41 49.40 -15.00 4.03
C PRO H 41 49.40 -13.47 4.04
N GLY H 42 49.21 -12.88 5.21
CA GLY H 42 49.15 -11.43 5.38
C GLY H 42 47.76 -10.83 5.24
N LYS H 43 46.89 -11.44 4.41
CA LYS H 43 45.54 -10.89 4.20
C LYS H 43 44.48 -11.49 5.12
N GLU H 44 43.38 -10.75 5.30
CA GLU H 44 42.22 -11.19 6.08
C GLU H 44 41.48 -12.35 5.34
N ARG H 45 40.62 -13.11 6.07
CA ARG H 45 39.85 -14.20 5.47
C ARG H 45 38.89 -13.56 4.50
N GLU H 46 38.79 -14.13 3.30
CA GLU H 46 37.90 -13.60 2.26
C GLU H 46 36.93 -14.61 1.72
N PHE H 47 35.66 -14.21 1.62
CA PHE H 47 34.59 -15.01 1.02
C PHE H 47 34.92 -15.24 -0.45
N VAL H 48 34.66 -16.45 -0.95
CA VAL H 48 34.91 -16.81 -2.35
C VAL H 48 33.56 -17.01 -3.06
N ALA H 49 32.74 -17.98 -2.60
CA ALA H 49 31.42 -18.31 -3.18
C ALA H 49 30.61 -19.16 -2.25
N ALA H 50 29.27 -19.14 -2.42
CA ALA H 50 28.33 -19.94 -1.64
C ALA H 50 27.24 -20.47 -2.52
N ILE H 51 26.79 -21.72 -2.25
CA ILE H 51 25.69 -22.38 -2.94
C ILE H 51 24.77 -23.06 -1.91
N ARG H 52 23.46 -23.04 -2.17
CA ARG H 52 22.46 -23.76 -1.37
C ARG H 52 22.36 -25.20 -1.91
N TRP H 53 22.05 -26.17 -1.05
CA TRP H 53 21.79 -27.57 -1.41
C TRP H 53 20.53 -27.63 -2.24
N SER H 54 19.51 -26.83 -1.89
CA SER H 54 18.24 -26.77 -2.59
C SER H 54 18.37 -26.25 -4.04
N GLY H 55 19.58 -25.80 -4.39
CA GLY H 55 19.96 -25.28 -5.70
C GLY H 55 19.95 -23.77 -5.85
N GLY H 56 19.28 -23.29 -6.92
CA GLY H 56 19.16 -21.88 -7.27
C GLY H 56 20.47 -21.25 -7.68
N SER H 57 20.50 -19.92 -7.77
CA SER H 57 21.71 -19.22 -8.16
C SER H 57 22.73 -19.20 -7.04
N PRO H 58 24.03 -19.38 -7.34
CA PRO H 58 25.04 -19.22 -6.30
C PRO H 58 25.34 -17.76 -6.04
N TYR H 59 26.13 -17.51 -5.00
CA TYR H 59 26.59 -16.18 -4.59
C TYR H 59 28.12 -16.16 -4.73
N TYR H 60 28.65 -15.30 -5.60
CA TYR H 60 30.09 -15.16 -5.85
C TYR H 60 30.62 -13.83 -5.40
N ALA H 61 31.86 -13.83 -4.89
CA ALA H 61 32.59 -12.61 -4.55
C ALA H 61 33.03 -12.06 -5.92
N ASP H 62 33.14 -10.75 -6.05
CA ASP H 62 33.48 -10.16 -7.32
C ASP H 62 34.85 -10.55 -7.80
N SER H 63 35.80 -10.65 -6.90
CA SER H 63 37.17 -10.88 -7.30
C SER H 63 37.41 -12.18 -8.05
N VAL H 64 36.45 -13.08 -8.00
CA VAL H 64 36.62 -14.44 -8.53
C VAL H 64 35.58 -14.82 -9.57
N LYS H 65 34.56 -14.02 -9.71
CA LYS H 65 33.45 -14.28 -10.60
C LYS H 65 33.96 -14.79 -11.93
N ASP H 66 33.24 -15.71 -12.52
CA ASP H 66 33.85 -16.90 -13.09
C ASP H 66 35.28 -16.73 -13.61
N ARG H 67 36.24 -17.11 -12.79
CA ARG H 67 37.18 -18.17 -13.11
C ARG H 67 37.09 -19.28 -12.10
N PHE H 68 36.36 -19.06 -11.03
CA PHE H 68 36.03 -20.11 -10.08
C PHE H 68 34.60 -20.49 -10.23
N THR H 69 34.32 -21.76 -10.06
CA THR H 69 32.94 -22.21 -10.17
C THR H 69 32.57 -23.12 -9.01
N ILE H 70 31.49 -22.72 -8.31
CA ILE H 70 30.90 -23.46 -7.20
C ILE H 70 29.77 -24.31 -7.75
N SER H 71 29.72 -25.57 -7.35
CA SER H 71 28.69 -26.53 -7.75
C SER H 71 28.47 -27.49 -6.58
N ARG H 72 27.45 -28.31 -6.66
CA ARG H 72 27.12 -29.26 -5.62
C ARG H 72 26.71 -30.64 -6.19
N ASP H 73 26.70 -31.68 -5.33
CA ASP H 73 26.30 -33.06 -5.64
C ASP H 73 25.53 -33.60 -4.38
N ASN H 74 24.20 -33.46 -4.41
CA ASN H 74 23.28 -33.85 -3.32
C ASN H 74 23.32 -35.35 -2.99
N ALA H 75 23.53 -36.22 -4.01
CA ALA H 75 23.66 -37.67 -3.84
C ALA H 75 24.91 -37.98 -3.01
N LYS H 76 26.00 -37.26 -3.29
CA LYS H 76 27.28 -37.38 -2.61
C LYS H 76 27.41 -36.50 -1.35
N ASN H 77 26.54 -35.48 -1.18
CA ASN H 77 26.57 -34.51 -0.07
C ASN H 77 27.88 -33.70 -0.05
N THR H 78 28.35 -33.30 -1.26
CA THR H 78 29.58 -32.55 -1.43
C THR H 78 29.40 -31.30 -2.31
N VAL H 79 30.10 -30.21 -1.93
CA VAL H 79 30.17 -28.93 -2.64
C VAL H 79 31.55 -28.86 -3.25
N TYR H 80 31.63 -28.52 -4.55
CA TYR H 80 32.90 -28.41 -5.25
C TYR H 80 33.25 -26.96 -5.54
N LEU H 81 34.54 -26.66 -5.55
CA LEU H 81 35.04 -25.37 -5.96
C LEU H 81 36.06 -25.61 -7.07
N GLN H 82 35.65 -25.35 -8.32
CA GLN H 82 36.51 -25.51 -9.48
C GLN H 82 37.31 -24.25 -9.64
N MET H 83 38.64 -24.37 -9.63
CA MET H 83 39.53 -23.22 -9.78
C MET H 83 40.32 -23.39 -11.07
N ASN H 84 40.12 -22.48 -12.03
CA ASN H 84 40.79 -22.47 -13.34
C ASN H 84 41.69 -21.25 -13.45
N SER H 85 42.76 -21.31 -14.32
CA SER H 85 43.71 -20.21 -14.55
C SER H 85 44.31 -19.71 -13.20
N LEU H 86 44.78 -20.68 -12.38
CA LEU H 86 45.34 -20.43 -11.07
C LEU H 86 46.57 -19.52 -11.11
N ARG H 87 46.64 -18.59 -10.18
CA ARG H 87 47.70 -17.59 -10.05
C ARG H 87 48.35 -17.72 -8.68
N PRO H 88 49.64 -17.36 -8.50
CA PRO H 88 50.27 -17.43 -7.17
C PRO H 88 49.52 -16.68 -6.06
N GLU H 89 48.74 -15.65 -6.40
CA GLU H 89 47.91 -14.88 -5.45
C GLU H 89 46.78 -15.76 -4.86
N ASP H 90 46.41 -16.85 -5.54
CA ASP H 90 45.38 -17.78 -5.07
C ASP H 90 45.89 -18.78 -4.02
N THR H 91 47.19 -18.71 -3.69
CA THR H 91 47.84 -19.54 -2.66
C THR H 91 47.23 -19.11 -1.34
N ALA H 92 46.56 -20.06 -0.66
CA ALA H 92 45.84 -19.79 0.59
C ALA H 92 45.33 -21.09 1.18
N VAL H 93 44.81 -21.03 2.41
CA VAL H 93 44.11 -22.14 3.05
C VAL H 93 42.63 -21.91 2.66
N TYR H 94 42.07 -22.84 1.89
CA TYR H 94 40.66 -22.78 1.48
C TYR H 94 39.80 -23.52 2.49
N LEU H 95 38.85 -22.80 3.07
CA LEU H 95 37.97 -23.24 4.14
C LEU H 95 36.49 -23.33 3.75
N CYS H 96 35.77 -24.26 4.37
CA CYS H 96 34.37 -24.57 4.11
C CYS H 96 33.48 -24.27 5.30
N GLY H 97 32.40 -23.52 5.08
CA GLY H 97 31.44 -23.15 6.11
C GLY H 97 29.99 -23.41 5.76
N GLU H 98 29.14 -23.58 6.78
CA GLU H 98 27.69 -23.82 6.66
C GLU H 98 26.90 -22.61 7.23
N THR H 99 25.89 -22.10 6.51
CA THR H 99 25.04 -20.95 6.89
C THR H 99 23.55 -21.17 6.58
N SER H 100 22.69 -20.51 7.35
CA SER H 100 21.25 -20.56 7.18
C SER H 100 20.76 -19.18 6.71
N LEU H 101 21.71 -18.30 6.38
CA LEU H 101 21.46 -16.91 5.98
C LEU H 101 21.97 -16.57 4.58
N PHE H 102 21.78 -17.49 3.63
CA PHE H 102 22.14 -17.27 2.23
C PHE H 102 21.24 -16.12 1.69
N PRO H 103 21.80 -15.07 1.02
CA PRO H 103 23.21 -14.83 0.68
C PRO H 103 24.01 -14.10 1.74
N THR H 104 25.21 -14.61 2.10
CA THR H 104 26.15 -13.95 3.04
C THR H 104 27.60 -14.17 2.72
N SER H 105 28.40 -13.12 2.90
CA SER H 105 29.85 -13.13 2.75
C SER H 105 30.49 -12.95 4.12
N ARG H 106 29.66 -12.87 5.18
CA ARG H 106 30.08 -12.64 6.55
C ARG H 106 30.40 -13.93 7.29
N GLY H 107 31.68 -14.11 7.65
CA GLY H 107 32.18 -15.28 8.36
C GLY H 107 31.36 -15.69 9.58
N SER H 108 30.95 -14.70 10.40
CA SER H 108 30.16 -14.92 11.62
C SER H 108 28.74 -15.48 11.34
N HIS H 109 28.30 -15.43 10.07
CA HIS H 109 27.00 -15.95 9.67
C HIS H 109 27.07 -17.44 9.36
N TYR H 110 28.29 -18.01 9.33
CA TYR H 110 28.57 -19.42 9.08
C TYR H 110 28.79 -20.10 10.41
N ASP H 111 27.86 -20.99 10.78
CA ASP H 111 27.83 -21.67 12.07
C ASP H 111 28.76 -22.84 12.27
N THR H 112 29.18 -23.53 11.22
CA THR H 112 30.11 -24.68 11.35
C THR H 112 31.15 -24.57 10.24
N TRP H 113 32.40 -24.93 10.56
CA TRP H 113 33.51 -24.87 9.61
C TRP H 113 34.25 -26.19 9.51
N GLY H 114 34.93 -26.37 8.38
CA GLY H 114 35.84 -27.47 8.13
C GLY H 114 37.20 -27.05 8.65
N GLN H 115 38.20 -27.92 8.47
CA GLN H 115 39.56 -27.67 8.95
C GLN H 115 40.38 -26.85 7.94
N GLY H 116 40.09 -27.01 6.66
CA GLY H 116 40.79 -26.32 5.60
C GLY H 116 41.66 -27.21 4.72
N THR H 117 41.90 -26.74 3.50
CA THR H 117 42.76 -27.41 2.52
C THR H 117 43.76 -26.40 1.95
N GLN H 118 45.05 -26.74 1.98
CA GLN H 118 46.09 -25.86 1.46
C GLN H 118 46.23 -25.94 -0.06
N VAL H 119 46.17 -24.77 -0.70
CA VAL H 119 46.38 -24.60 -2.14
C VAL H 119 47.63 -23.73 -2.28
N THR H 120 48.70 -24.27 -2.90
CA THR H 120 49.96 -23.58 -3.17
C THR H 120 50.19 -23.55 -4.68
N VAL H 121 50.23 -22.35 -5.26
CA VAL H 121 50.40 -22.19 -6.70
C VAL H 121 51.84 -21.76 -6.97
N SER H 122 52.68 -22.71 -7.38
CA SER H 122 54.08 -22.46 -7.64
C SER H 122 54.34 -21.93 -9.06
N SER H 123 54.55 -20.60 -9.17
CA SER H 123 54.85 -19.84 -10.40
C SER H 123 55.99 -20.42 -11.24
N GLU I 1 26.58 23.03 16.84
CA GLU I 1 27.83 23.45 16.20
C GLU I 1 28.90 22.37 16.32
N VAL I 2 29.71 22.23 15.28
CA VAL I 2 30.73 21.20 15.24
C VAL I 2 31.98 21.61 16.00
N GLN I 3 32.51 20.69 16.80
CA GLN I 3 33.82 20.87 17.42
C GLN I 3 34.93 20.24 16.58
N LEU I 4 36.10 20.87 16.59
CA LEU I 4 37.28 20.28 15.95
C LEU I 4 38.36 20.04 17.01
N VAL I 5 39.03 18.87 16.95
CA VAL I 5 40.09 18.51 17.89
C VAL I 5 41.32 18.00 17.13
N GLU I 6 42.38 18.79 17.10
CA GLU I 6 43.62 18.36 16.43
C GLU I 6 44.65 17.72 17.34
N SER I 7 45.35 16.70 16.80
CA SER I 7 46.34 15.87 17.46
C SER I 7 47.44 15.44 16.50
N GLY I 8 48.49 14.84 17.06
CA GLY I 8 49.59 14.28 16.30
C GLY I 8 50.89 15.06 16.30
N GLY I 9 50.86 16.24 16.90
CA GLY I 9 52.04 17.11 16.95
C GLY I 9 53.09 16.68 17.95
N GLY I 10 54.27 17.29 17.84
CA GLY I 10 55.41 17.03 18.71
C GLY I 10 56.73 17.44 18.09
N LEU I 11 57.86 17.08 18.75
CA LEU I 11 59.20 17.41 18.23
C LEU I 11 59.60 16.39 17.19
N VAL I 12 60.15 16.86 16.08
CA VAL I 12 60.58 16.04 14.95
C VAL I 12 61.95 16.55 14.43
N GLN I 13 62.76 15.66 13.86
CA GLN I 13 64.07 16.02 13.33
C GLN I 13 63.93 16.46 11.89
N ALA I 14 64.68 17.49 11.48
CA ALA I 14 64.67 17.98 10.11
C ALA I 14 64.90 16.86 9.13
N GLY I 15 64.08 16.86 8.12
CA GLY I 15 64.09 15.82 7.10
C GLY I 15 63.11 14.71 7.42
N GLY I 16 62.60 14.69 8.65
CA GLY I 16 61.62 13.72 9.12
C GLY I 16 60.18 14.01 8.69
N SER I 17 59.25 13.28 9.28
CA SER I 17 57.88 13.22 8.83
C SER I 17 56.97 13.22 10.02
N LEU I 18 55.87 13.94 9.96
CA LEU I 18 54.68 13.48 10.66
C LEU I 18 53.33 13.74 10.04
N ARG I 19 52.34 13.35 10.79
CA ARG I 19 50.98 13.16 10.34
C ARG I 19 50.04 13.66 11.40
N LEU I 20 49.38 14.75 11.09
CA LEU I 20 48.44 15.39 12.00
C LEU I 20 47.03 14.89 11.71
N SER I 21 46.20 14.82 12.74
CA SER I 21 44.80 14.43 12.56
C SER I 21 43.87 15.46 13.18
N CYS I 22 42.69 15.64 12.58
CA CYS I 22 41.68 16.59 13.03
C CYS I 22 40.39 15.85 13.08
N ALA I 23 39.88 15.63 14.28
CA ALA I 23 38.60 14.97 14.47
C ALA I 23 37.47 16.02 14.60
N ALA I 24 36.45 15.89 13.76
CA ALA I 24 35.27 16.76 13.77
C ALA I 24 34.09 16.02 14.44
N SER I 25 33.28 16.77 15.22
CA SER I 25 32.13 16.20 15.93
C SER I 25 30.95 15.98 14.96
N GLY I 26 31.06 16.60 13.78
CA GLY I 26 30.07 16.55 12.71
C GLY I 26 30.45 17.47 11.57
N ARG I 27 29.50 17.78 10.70
CA ARG I 27 29.72 18.72 9.62
C ARG I 27 28.46 19.48 9.28
N THR I 28 28.56 20.80 9.19
CA THR I 28 27.42 21.69 9.38
C THR I 28 26.62 21.85 8.09
N PHE I 29 27.29 21.62 6.96
CA PHE I 29 26.59 21.33 5.71
C PHE I 29 27.19 20.11 5.01
N SER I 30 26.47 19.58 4.04
CA SER I 30 26.99 18.46 3.22
C SER I 30 28.19 18.92 2.37
N TRP I 31 28.29 20.22 2.05
CA TRP I 31 29.40 20.78 1.25
C TRP I 31 30.53 21.42 2.09
N SER I 32 30.50 21.24 3.41
CA SER I 32 31.49 21.76 4.32
C SER I 32 32.88 21.19 4.07
N ALA I 33 33.90 22.00 4.38
CA ALA I 33 35.28 21.59 4.22
C ALA I 33 36.06 21.91 5.44
N VAL I 34 37.11 21.15 5.66
CA VAL I 34 38.04 21.36 6.75
C VAL I 34 39.35 21.84 6.14
N GLY I 35 39.88 22.93 6.68
CA GLY I 35 41.14 23.51 6.25
C GLY I 35 42.18 23.54 7.33
N TRP I 36 43.44 23.26 6.96
CA TRP I 36 44.57 23.30 7.88
C TRP I 36 45.28 24.60 7.71
N PHE I 37 45.65 25.20 8.83
CA PHE I 37 46.38 26.47 8.93
C PHE I 37 47.56 26.27 9.85
N ARG I 38 48.55 27.17 9.79
CA ARG I 38 49.73 27.12 10.65
C ARG I 38 50.05 28.48 11.13
N GLN I 39 50.32 28.58 12.43
CA GLN I 39 50.67 29.87 13.03
C GLN I 39 52.05 29.80 13.65
N ALA I 40 53.06 30.39 12.97
CA ALA I 40 54.41 30.41 13.52
C ALA I 40 54.46 31.51 14.62
N PRO I 41 55.26 31.33 15.71
CA PRO I 41 55.25 32.33 16.80
C PRO I 41 55.53 33.76 16.34
N GLY I 42 54.60 34.65 16.65
CA GLY I 42 54.66 36.06 16.23
C GLY I 42 53.83 36.33 14.99
N LYS I 43 54.08 35.54 13.90
CA LYS I 43 53.39 35.64 12.62
C LYS I 43 51.89 35.33 12.70
N GLU I 44 51.17 35.70 11.62
CA GLU I 44 49.73 35.45 11.45
C GLU I 44 49.48 34.02 10.87
N ARG I 45 48.23 33.53 10.99
CA ARG I 45 47.77 32.25 10.48
C ARG I 45 47.96 32.20 8.98
N GLU I 46 48.56 31.12 8.45
CA GLU I 46 48.77 30.88 7.02
C GLU I 46 48.09 29.59 6.63
N PHE I 47 47.37 29.62 5.51
CA PHE I 47 46.64 28.49 4.97
C PHE I 47 47.61 27.45 4.45
N VAL I 48 47.29 26.16 4.67
CA VAL I 48 48.11 25.04 4.22
C VAL I 48 47.33 24.26 3.13
N ALA I 49 46.15 23.70 3.49
CA ALA I 49 45.29 22.91 2.59
C ALA I 49 43.91 22.73 3.13
N ALA I 50 42.93 22.46 2.25
CA ALA I 50 41.53 22.22 2.61
C ALA I 50 40.96 21.11 1.77
N ILE I 51 40.09 20.28 2.38
CA ILE I 51 39.40 19.18 1.73
C ILE I 51 37.92 19.17 2.17
N ARG I 52 37.01 18.83 1.24
CA ARG I 52 35.59 18.70 1.62
C ARG I 52 35.20 17.27 1.80
N TRP I 53 34.34 17.02 2.77
CA TRP I 53 33.87 15.68 3.15
C TRP I 53 33.29 14.97 1.97
N SER I 54 32.56 15.70 1.13
CA SER I 54 31.89 15.21 -0.07
C SER I 54 32.83 14.73 -1.18
N GLY I 55 34.11 14.95 -1.07
CA GLY I 55 35.02 14.53 -2.13
C GLY I 55 35.45 15.67 -3.01
N GLY I 56 35.81 15.34 -4.24
CA GLY I 56 36.37 16.29 -5.19
C GLY I 56 37.84 16.58 -4.85
N SER I 57 38.47 17.40 -5.67
CA SER I 57 39.84 17.80 -5.49
C SER I 57 40.02 18.68 -4.24
N PRO I 58 41.14 18.48 -3.52
CA PRO I 58 41.48 19.40 -2.42
C PRO I 58 41.98 20.74 -2.93
N TYR I 59 42.16 21.69 -2.02
CA TYR I 59 42.71 23.01 -2.25
C TYR I 59 44.01 23.13 -1.45
N TYR I 60 45.14 23.30 -2.16
CA TYR I 60 46.46 23.44 -1.55
C TYR I 60 47.02 24.83 -1.75
N ALA I 61 47.78 25.33 -0.73
CA ALA I 61 48.59 26.54 -0.83
C ALA I 61 49.72 26.10 -1.76
N ASP I 62 50.03 26.88 -2.81
CA ASP I 62 51.00 26.52 -3.84
C ASP I 62 52.43 26.22 -3.36
N SER I 63 52.75 26.65 -2.17
CA SER I 63 54.06 26.39 -1.63
C SER I 63 54.24 25.08 -0.87
N VAL I 64 53.18 24.33 -0.64
CA VAL I 64 53.22 23.16 0.23
C VAL I 64 52.92 21.85 -0.46
N LYS I 65 52.38 21.93 -1.67
CA LYS I 65 51.68 20.79 -2.27
C LYS I 65 52.66 19.68 -2.63
N ASP I 66 53.95 19.91 -2.36
CA ASP I 66 54.99 18.97 -2.76
C ASP I 66 55.48 18.16 -1.58
N ARG I 67 55.18 18.64 -0.37
CA ARG I 67 55.63 17.97 0.85
C ARG I 67 54.45 17.53 1.71
N PHE I 68 53.35 18.28 1.62
CA PHE I 68 52.20 18.06 2.49
C PHE I 68 51.05 17.41 1.71
N THR I 69 50.34 16.50 2.38
CA THR I 69 49.16 15.88 1.79
C THR I 69 47.99 15.85 2.73
N ILE I 70 46.87 16.43 2.29
CA ILE I 70 45.58 16.44 2.96
C ILE I 70 44.72 15.28 2.47
N SER I 71 44.13 14.56 3.41
CA SER I 71 43.25 13.44 3.12
C SER I 71 42.17 13.38 4.19
N ARG I 72 41.13 12.59 3.97
CA ARG I 72 40.03 12.47 4.91
C ARG I 72 39.62 11.02 5.07
N ASP I 73 39.07 10.70 6.24
CA ASP I 73 38.44 9.44 6.54
C ASP I 73 37.01 9.82 6.96
N ASN I 74 36.09 9.69 6.02
CA ASN I 74 34.67 10.02 6.14
C ASN I 74 33.94 9.29 7.27
N ALA I 75 34.31 8.02 7.51
CA ALA I 75 33.68 7.18 8.54
C ALA I 75 34.04 7.65 9.93
N LYS I 76 35.25 8.12 10.13
CA LYS I 76 35.75 8.63 11.42
C LYS I 76 35.66 10.18 11.53
N ASN I 77 35.09 10.87 10.49
CA ASN I 77 35.03 12.34 10.41
C ASN I 77 36.37 12.95 10.85
N THR I 78 37.45 12.44 10.24
CA THR I 78 38.82 12.89 10.52
C THR I 78 39.51 13.30 9.25
N VAL I 79 40.17 14.44 9.34
CA VAL I 79 40.99 14.99 8.26
C VAL I 79 42.44 14.85 8.69
N TYR I 80 43.29 14.31 7.81
CA TYR I 80 44.71 14.15 8.10
C TYR I 80 45.59 15.10 7.31
N LEU I 81 46.71 15.50 7.90
CA LEU I 81 47.71 16.29 7.22
C LEU I 81 49.04 15.58 7.32
N GLN I 82 49.47 14.96 6.20
CA GLN I 82 50.75 14.27 6.15
C GLN I 82 51.83 15.27 5.79
N MET I 83 52.84 15.38 6.66
CA MET I 83 53.95 16.32 6.43
C MET I 83 55.24 15.54 6.24
N ASN I 84 55.88 15.73 5.08
CA ASN I 84 57.13 15.07 4.73
C ASN I 84 58.20 16.11 4.53
N SER I 85 59.48 15.67 4.53
CA SER I 85 60.67 16.52 4.35
C SER I 85 60.61 17.78 5.24
N LEU I 86 60.28 17.58 6.51
CA LEU I 86 60.12 18.63 7.50
C LEU I 86 61.36 19.49 7.71
N ARG I 87 61.16 20.81 7.80
CA ARG I 87 62.21 21.82 7.95
C ARG I 87 61.93 22.65 9.20
N PRO I 88 62.97 23.23 9.86
CA PRO I 88 62.70 24.09 11.04
C PRO I 88 61.71 25.24 10.83
N GLU I 89 61.57 25.72 9.58
CA GLU I 89 60.61 26.77 9.20
C GLU I 89 59.15 26.29 9.37
N ASP I 90 58.92 24.96 9.35
CA ASP I 90 57.60 24.36 9.53
C ASP I 90 57.15 24.30 11.00
N THR I 91 58.02 24.77 11.93
CA THR I 91 57.74 24.86 13.38
C THR I 91 56.63 25.89 13.53
N ALA I 92 55.50 25.44 14.06
CA ALA I 92 54.31 26.26 14.22
C ALA I 92 53.25 25.52 14.98
N VAL I 93 52.20 26.24 15.36
CA VAL I 93 50.99 25.67 15.92
C VAL I 93 50.11 25.39 14.68
N TYR I 94 49.83 24.12 14.42
CA TYR I 94 48.97 23.71 13.31
C TYR I 94 47.55 23.63 13.80
N LEU I 95 46.69 24.39 13.14
CA LEU I 95 45.29 24.61 13.47
C LEU I 95 44.31 24.11 12.43
N CYS I 96 43.13 23.70 12.89
CA CYS I 96 42.07 23.11 12.10
C CYS I 96 40.82 23.97 12.08
N GLY I 97 40.30 24.26 10.89
CA GLY I 97 39.09 25.05 10.73
C GLY I 97 38.03 24.43 9.83
N GLU I 98 36.77 24.81 9.99
CA GLU I 98 35.63 24.35 9.18
C GLU I 98 34.95 25.53 8.47
N THR I 99 34.75 25.41 7.12
CA THR I 99 34.20 26.43 6.22
C THR I 99 33.08 25.89 5.30
N SER I 100 32.20 26.78 4.87
CA SER I 100 31.13 26.47 3.94
C SER I 100 31.40 27.19 2.61
N LEU I 101 32.59 27.79 2.50
CA LEU I 101 33.04 28.57 1.34
C LEU I 101 34.26 27.98 0.64
N PHE I 102 34.31 26.64 0.47
CA PHE I 102 35.36 25.97 -0.28
C PHE I 102 35.25 26.41 -1.75
N PRO I 103 36.34 26.86 -2.42
CA PRO I 103 37.73 26.97 -1.92
C PRO I 103 38.05 28.32 -1.24
N THR I 104 38.67 28.29 -0.05
CA THR I 104 39.15 29.51 0.64
C THR I 104 40.42 29.30 1.40
N SER I 105 41.35 30.24 1.26
CA SER I 105 42.61 30.19 2.01
C SER I 105 42.58 31.14 3.21
N ARG I 106 41.37 31.55 3.60
CA ARG I 106 41.17 32.84 4.22
C ARG I 106 40.45 32.70 5.56
N GLY I 107 41.12 33.08 6.64
CA GLY I 107 40.81 32.56 7.95
C GLY I 107 39.43 32.94 8.42
N SER I 108 39.04 34.18 8.15
CA SER I 108 37.70 34.67 8.51
C SER I 108 36.56 33.93 7.84
N HIS I 109 36.85 33.10 6.82
CA HIS I 109 35.86 32.29 6.11
C HIS I 109 35.63 30.95 6.80
N TYR I 110 36.45 30.65 7.83
CA TYR I 110 36.38 29.43 8.64
C TYR I 110 35.68 29.80 9.93
N ASP I 111 34.47 29.26 10.11
CA ASP I 111 33.58 29.60 11.22
C ASP I 111 33.90 28.96 12.57
N THR I 112 34.57 27.80 12.61
CA THR I 112 34.92 27.13 13.87
C THR I 112 36.34 26.61 13.77
N TRP I 113 37.07 26.68 14.88
CA TRP I 113 38.47 26.26 14.96
C TRP I 113 38.72 25.30 16.09
N GLY I 114 39.77 24.53 15.94
CA GLY I 114 40.28 23.64 16.97
C GLY I 114 41.23 24.45 17.85
N GLN I 115 41.83 23.83 18.87
CA GLN I 115 42.76 24.50 19.77
C GLN I 115 44.18 24.55 19.23
N GLY I 116 44.52 23.61 18.36
CA GLY I 116 45.84 23.53 17.75
C GLY I 116 46.73 22.44 18.28
N THR I 117 47.72 22.07 17.46
CA THR I 117 48.73 21.10 17.81
C THR I 117 50.12 21.66 17.49
N GLN I 118 51.04 21.59 18.45
CA GLN I 118 52.39 22.10 18.26
C GLN I 118 53.27 21.13 17.47
N VAL I 119 53.93 21.66 16.43
CA VAL I 119 54.92 20.95 15.62
C VAL I 119 56.23 21.72 15.78
N THR I 120 57.28 21.02 16.25
CA THR I 120 58.61 21.59 16.44
C THR I 120 59.63 20.80 15.64
N VAL I 121 60.29 21.47 14.69
CA VAL I 121 61.31 20.86 13.87
C VAL I 121 62.69 21.44 14.27
N SER I 122 63.56 20.59 14.85
CA SER I 122 64.94 20.91 15.26
C SER I 122 65.88 20.73 14.05
N SER I 123 66.76 21.73 13.80
CA SER I 123 67.73 21.72 12.68
C SER I 123 68.77 20.61 12.77
N GLN J 3 -14.24 -33.43 -0.32
CA GLN J 3 -13.45 -34.63 -0.48
C GLN J 3 -14.15 -35.65 -1.35
N LEU J 4 -13.91 -35.57 -2.63
CA LEU J 4 -14.23 -36.67 -3.53
C LEU J 4 -12.96 -37.41 -3.87
N VAL J 5 -13.04 -38.71 -4.02
CA VAL J 5 -11.85 -39.51 -4.26
C VAL J 5 -11.89 -40.10 -5.66
N GLU J 6 -10.82 -39.91 -6.43
CA GLU J 6 -10.72 -40.45 -7.79
C GLU J 6 -10.12 -41.85 -7.77
N SER J 7 -10.71 -42.77 -8.54
CA SER J 7 -10.26 -44.16 -8.69
C SER J 7 -10.71 -44.67 -10.07
N GLY J 8 -10.15 -45.81 -10.48
CA GLY J 8 -10.52 -46.44 -11.74
C GLY J 8 -9.55 -46.30 -12.89
N GLY J 9 -8.50 -45.52 -12.71
CA GLY J 9 -7.47 -45.32 -13.72
C GLY J 9 -6.59 -46.55 -13.96
N GLY J 10 -5.77 -46.50 -15.00
CA GLY J 10 -4.87 -47.60 -15.35
C GLY J 10 -4.23 -47.50 -16.71
N LEU J 11 -3.32 -48.44 -17.01
CA LEU J 11 -2.65 -48.53 -18.32
C LEU J 11 -3.50 -49.45 -19.18
N VAL J 12 -3.89 -48.97 -20.36
CA VAL J 12 -4.75 -49.70 -21.28
C VAL J 12 -4.24 -49.57 -22.75
N GLN J 13 -4.69 -50.48 -23.63
CA GLN J 13 -4.32 -50.49 -25.06
C GLN J 13 -5.25 -49.58 -25.88
N PRO J 14 -4.80 -49.00 -27.03
CA PRO J 14 -5.71 -48.17 -27.84
C PRO J 14 -6.93 -48.92 -28.32
N GLY J 15 -8.10 -48.32 -28.10
CA GLY J 15 -9.40 -48.89 -28.41
C GLY J 15 -9.94 -49.66 -27.23
N GLY J 16 -9.28 -49.50 -26.08
CA GLY J 16 -9.65 -50.13 -24.81
C GLY J 16 -10.61 -49.33 -23.98
N SER J 17 -11.06 -49.92 -22.86
CA SER J 17 -12.03 -49.30 -21.95
C SER J 17 -11.52 -49.14 -20.50
N LEU J 18 -12.11 -48.15 -19.80
CA LEU J 18 -11.85 -47.81 -18.40
C LEU J 18 -13.09 -47.13 -17.81
N ARG J 19 -13.35 -47.35 -16.53
CA ARG J 19 -14.47 -46.73 -15.82
C ARG J 19 -13.95 -46.04 -14.56
N LEU J 20 -13.90 -44.71 -14.60
CA LEU J 20 -13.43 -43.91 -13.48
C LEU J 20 -14.57 -43.63 -12.54
N SER J 21 -14.25 -43.47 -11.25
CA SER J 21 -15.25 -43.12 -10.25
C SER J 21 -14.78 -42.03 -9.26
N CYS J 22 -15.67 -41.11 -8.93
CA CYS J 22 -15.43 -40.17 -7.84
C CYS J 22 -16.33 -40.47 -6.64
N ALA J 23 -15.74 -41.05 -5.60
CA ALA J 23 -16.36 -41.07 -4.28
C ALA J 23 -16.32 -39.70 -3.62
N ALA J 24 -17.49 -39.18 -3.25
CA ALA J 24 -17.62 -38.34 -2.08
C ALA J 24 -17.48 -39.15 -0.80
N SER J 25 -16.63 -38.68 0.11
CA SER J 25 -17.02 -38.43 1.49
C SER J 25 -16.37 -37.17 2.03
N GLY J 26 -17.10 -36.46 2.89
CA GLY J 26 -18.05 -37.08 3.79
C GLY J 26 -19.44 -36.50 3.65
N PHE J 27 -20.07 -36.73 2.49
CA PHE J 27 -21.28 -36.01 2.12
C PHE J 27 -22.04 -36.75 1.03
N THR J 28 -23.29 -36.36 0.81
CA THR J 28 -24.11 -36.93 -0.24
C THR J 28 -23.93 -36.14 -1.54
N LEU J 29 -23.93 -36.84 -2.68
CA LEU J 29 -23.81 -36.18 -3.98
C LEU J 29 -25.15 -35.70 -4.50
N ASP J 30 -26.21 -35.83 -3.66
CA ASP J 30 -27.57 -35.37 -3.94
C ASP J 30 -27.51 -33.87 -4.24
N TYR J 31 -28.09 -33.49 -5.40
CA TYR J 31 -28.21 -32.10 -5.88
C TYR J 31 -26.89 -31.34 -6.22
N LEU J 32 -25.77 -32.04 -6.49
CA LEU J 32 -24.51 -31.40 -6.88
C LEU J 32 -24.11 -31.64 -8.34
N ALA J 33 -23.74 -30.57 -9.08
CA ALA J 33 -23.25 -30.75 -10.48
C ALA J 33 -21.76 -31.12 -10.36
N ILE J 34 -21.35 -32.21 -11.02
CA ILE J 34 -19.98 -32.73 -10.91
C ILE J 34 -19.32 -32.78 -12.29
N GLY J 35 -18.04 -32.38 -12.33
CA GLY J 35 -17.23 -32.41 -13.54
C GLY J 35 -15.99 -33.31 -13.50
N TRP J 36 -15.64 -33.86 -14.66
CA TRP J 36 -14.43 -34.63 -14.88
C TRP J 36 -13.47 -33.77 -15.70
N PHE J 37 -12.24 -33.67 -15.24
CA PHE J 37 -11.20 -32.88 -15.87
C PHE J 37 -9.97 -33.75 -16.06
N ARG J 38 -9.06 -33.32 -16.94
CA ARG J 38 -7.85 -34.07 -17.28
C ARG J 38 -6.64 -33.14 -17.49
N GLN J 39 -5.44 -33.64 -17.12
CA GLN J 39 -4.16 -32.92 -17.23
C GLN J 39 -3.08 -33.87 -17.76
N ALA J 40 -2.70 -33.66 -19.04
CA ALA J 40 -1.69 -34.41 -19.78
C ALA J 40 -0.29 -33.84 -19.47
N PRO J 41 0.82 -34.63 -19.64
CA PRO J 41 2.14 -34.12 -19.23
C PRO J 41 2.55 -32.78 -19.82
N GLY J 42 2.88 -31.85 -18.91
CA GLY J 42 3.35 -30.50 -19.20
C GLY J 42 2.29 -29.47 -19.54
N LYS J 43 1.22 -29.91 -20.24
CA LYS J 43 0.09 -29.07 -20.68
C LYS J 43 -1.02 -28.83 -19.64
N GLU J 44 -1.83 -27.77 -19.89
CA GLU J 44 -2.91 -27.20 -19.07
C GLU J 44 -4.10 -28.12 -18.77
N ARG J 45 -4.86 -27.84 -17.67
CA ARG J 45 -6.07 -28.60 -17.28
C ARG J 45 -7.23 -28.35 -18.23
N GLU J 46 -7.84 -29.45 -18.72
CA GLU J 46 -8.91 -29.49 -19.72
C GLU J 46 -10.22 -30.09 -19.13
N GLY J 47 -11.36 -29.48 -19.46
CA GLY J 47 -12.67 -29.98 -19.06
C GLY J 47 -13.02 -31.15 -19.95
N VAL J 48 -13.46 -32.27 -19.35
CA VAL J 48 -13.74 -33.48 -20.14
C VAL J 48 -15.23 -33.67 -20.31
N SER J 49 -15.93 -33.82 -19.18
CA SER J 49 -17.35 -34.09 -19.10
C SER J 49 -17.92 -33.55 -17.80
N CYS J 50 -19.23 -33.22 -17.79
CA CYS J 50 -19.93 -32.69 -16.61
C CYS J 50 -21.38 -33.20 -16.55
N VAL J 51 -21.88 -33.48 -15.32
CA VAL J 51 -23.26 -33.94 -15.04
C VAL J 51 -23.98 -32.96 -14.18
N SER J 52 -25.20 -32.61 -14.58
CA SER J 52 -26.04 -31.73 -13.79
C SER J 52 -26.54 -32.51 -12.58
N SER J 53 -26.87 -31.77 -11.51
CA SER J 53 -27.38 -32.23 -10.23
C SER J 53 -28.43 -33.34 -10.27
N SER J 54 -29.30 -33.35 -11.32
CA SER J 54 -30.38 -34.33 -11.57
C SER J 54 -30.09 -35.39 -12.67
N GLY J 55 -28.93 -35.31 -13.31
CA GLY J 55 -28.47 -36.22 -14.36
C GLY J 55 -29.05 -36.02 -15.74
N GLN J 56 -30.02 -35.09 -15.88
CA GLN J 56 -30.68 -34.80 -17.16
C GLN J 56 -29.83 -34.03 -18.17
N TYR J 57 -28.88 -33.22 -17.68
CA TYR J 57 -28.06 -32.41 -18.55
C TYR J 57 -26.58 -32.79 -18.47
N THR J 58 -26.01 -33.24 -19.60
CA THR J 58 -24.62 -33.70 -19.71
C THR J 58 -23.89 -32.89 -20.76
N TYR J 59 -22.60 -32.64 -20.52
CA TYR J 59 -21.74 -31.81 -21.35
C TYR J 59 -20.44 -32.52 -21.59
N TYR J 60 -19.98 -32.52 -22.83
CA TYR J 60 -18.74 -33.20 -23.17
C TYR J 60 -17.85 -32.32 -24.02
N ALA J 61 -16.53 -32.44 -23.84
CA ALA J 61 -15.56 -31.75 -24.68
C ALA J 61 -15.66 -32.43 -26.07
N ASP J 62 -15.51 -31.66 -27.17
CA ASP J 62 -15.62 -32.19 -28.55
C ASP J 62 -14.72 -33.39 -28.86
N SER J 63 -13.55 -33.47 -28.20
CA SER J 63 -12.58 -34.56 -28.35
C SER J 63 -13.01 -35.91 -27.74
N VAL J 64 -14.03 -35.95 -26.86
CA VAL J 64 -14.48 -37.17 -26.19
C VAL J 64 -15.87 -37.69 -26.57
N LYS J 65 -16.68 -36.90 -27.29
CA LYS J 65 -18.02 -37.33 -27.66
C LYS J 65 -18.08 -38.61 -28.47
N GLY J 66 -19.02 -39.48 -28.09
CA GLY J 66 -19.24 -40.78 -28.69
C GLY J 66 -18.39 -41.88 -28.10
N ARG J 67 -17.50 -41.53 -27.19
CA ARG J 67 -16.64 -42.50 -26.56
C ARG J 67 -16.79 -42.47 -25.06
N PHE J 68 -16.83 -41.28 -24.50
CA PHE J 68 -17.04 -41.09 -23.08
C PHE J 68 -18.53 -40.90 -22.76
N THR J 69 -18.94 -41.38 -21.57
CA THR J 69 -20.30 -41.29 -21.04
C THR J 69 -20.21 -41.03 -19.54
N ILE J 70 -20.75 -39.89 -19.10
CA ILE J 70 -20.79 -39.53 -17.69
C ILE J 70 -22.15 -39.95 -17.10
N SER J 71 -22.13 -40.43 -15.84
CA SER J 71 -23.31 -40.86 -15.11
C SER J 71 -23.12 -40.67 -13.63
N ARG J 72 -24.27 -40.58 -12.91
CA ARG J 72 -24.39 -40.39 -11.47
C ARG J 72 -24.88 -41.70 -10.85
N ASP J 73 -24.51 -41.99 -9.60
CA ASP J 73 -25.03 -43.19 -8.96
C ASP J 73 -25.94 -42.93 -7.79
N ASN J 74 -27.02 -43.74 -7.77
CA ASN J 74 -28.11 -43.78 -6.80
C ASN J 74 -27.59 -44.08 -5.37
N ALA J 75 -27.43 -43.01 -4.56
CA ALA J 75 -26.99 -43.03 -3.15
C ALA J 75 -25.62 -43.67 -2.87
N GLU J 76 -24.92 -44.15 -3.93
CA GLU J 76 -23.57 -44.69 -3.84
C GLU J 76 -22.61 -43.49 -3.63
N SER J 77 -23.15 -42.25 -3.84
CA SER J 77 -22.49 -40.94 -3.76
C SER J 77 -21.24 -40.95 -4.65
N THR J 78 -21.42 -41.47 -5.88
CA THR J 78 -20.36 -41.61 -6.88
C THR J 78 -20.78 -41.13 -8.27
N VAL J 79 -19.87 -40.42 -8.94
CA VAL J 79 -20.01 -40.01 -10.34
C VAL J 79 -19.05 -40.88 -11.14
N TYR J 80 -19.57 -41.50 -12.22
CA TYR J 80 -18.79 -42.39 -13.07
C TYR J 80 -18.45 -41.75 -14.40
N LEU J 81 -17.32 -42.18 -14.97
CA LEU J 81 -16.88 -41.75 -16.29
C LEU J 81 -16.46 -42.96 -17.13
N GLN J 82 -17.40 -43.46 -17.95
CA GLN J 82 -17.16 -44.61 -18.83
C GLN J 82 -16.38 -44.09 -20.02
N MET J 83 -15.18 -44.62 -20.20
CA MET J 83 -14.29 -44.23 -21.29
C MET J 83 -14.11 -45.42 -22.22
N ASN J 84 -14.75 -45.37 -23.39
CA ASN J 84 -14.66 -46.41 -24.41
C ASN J 84 -13.77 -45.93 -25.56
N SER J 85 -13.28 -46.86 -26.42
CA SER J 85 -12.44 -46.57 -27.59
C SER J 85 -11.31 -45.57 -27.26
N LEU J 86 -10.53 -45.88 -26.20
CA LEU J 86 -9.45 -45.03 -25.71
C LEU J 86 -8.31 -44.85 -26.71
N LYS J 87 -7.66 -43.68 -26.73
CA LYS J 87 -6.55 -43.40 -27.65
C LYS J 87 -5.39 -42.65 -26.97
N PRO J 88 -4.12 -42.91 -27.33
CA PRO J 88 -2.98 -42.18 -26.70
C PRO J 88 -3.18 -40.70 -26.38
N GLU J 89 -4.09 -40.02 -27.13
CA GLU J 89 -4.48 -38.61 -26.97
C GLU J 89 -5.19 -38.36 -25.62
N ASP J 90 -5.82 -39.41 -25.05
CA ASP J 90 -6.56 -39.39 -23.79
C ASP J 90 -5.70 -39.67 -22.54
N THR J 91 -4.38 -39.83 -22.72
CA THR J 91 -3.43 -40.10 -21.62
C THR J 91 -3.23 -38.85 -20.80
N ALA J 92 -3.64 -38.89 -19.51
CA ALA J 92 -3.55 -37.78 -18.56
C ALA J 92 -3.91 -38.24 -17.15
N VAL J 93 -3.78 -37.32 -16.16
CA VAL J 93 -4.25 -37.57 -14.79
C VAL J 93 -5.67 -37.00 -14.80
N TYR J 94 -6.66 -37.82 -14.41
CA TYR J 94 -8.07 -37.38 -14.41
C TYR J 94 -8.54 -36.96 -13.05
N TYR J 95 -9.04 -35.74 -12.98
CA TYR J 95 -9.51 -35.15 -11.74
C TYR J 95 -11.00 -34.93 -11.79
N CYS J 96 -11.69 -35.22 -10.68
CA CYS J 96 -13.11 -34.92 -10.62
C CYS J 96 -13.32 -33.81 -9.59
N ALA J 97 -14.26 -32.90 -9.85
CA ALA J 97 -14.53 -31.74 -8.98
C ALA J 97 -15.98 -31.26 -9.09
N THR J 98 -16.45 -30.51 -8.07
CA THR J 98 -17.76 -29.88 -8.12
C THR J 98 -17.68 -28.77 -9.17
N ASP J 99 -18.54 -28.87 -10.17
CA ASP J 99 -18.65 -27.88 -11.21
C ASP J 99 -20.09 -27.42 -11.21
N PRO J 100 -20.45 -26.49 -10.29
CA PRO J 100 -21.83 -26.01 -10.25
C PRO J 100 -22.19 -25.37 -11.58
N GLU J 101 -23.42 -25.63 -12.03
CA GLU J 101 -24.02 -25.20 -13.29
C GLU J 101 -23.19 -25.64 -14.50
N CYS J 102 -22.22 -26.55 -14.28
CA CYS J 102 -21.29 -27.09 -15.26
C CYS J 102 -20.50 -25.98 -15.98
N TYR J 103 -20.31 -24.88 -15.31
CA TYR J 103 -19.68 -23.72 -15.85
C TYR J 103 -18.41 -24.06 -16.60
N ARG J 104 -17.56 -24.87 -16.01
CA ARG J 104 -16.21 -25.06 -16.53
C ARG J 104 -16.11 -26.05 -17.67
N VAL J 105 -16.98 -27.03 -17.74
CA VAL J 105 -16.89 -28.00 -18.81
C VAL J 105 -17.58 -27.44 -20.03
N ARG J 106 -18.40 -26.49 -19.74
CA ARG J 106 -19.31 -25.77 -20.62
C ARG J 106 -18.56 -24.73 -21.45
N GLY J 107 -17.68 -23.99 -20.79
CA GLY J 107 -16.68 -23.20 -21.50
C GLY J 107 -16.36 -21.89 -20.80
N TYR J 108 -16.81 -21.78 -19.55
CA TYR J 108 -16.59 -20.56 -18.77
C TYR J 108 -15.59 -20.80 -17.65
N TYR J 109 -15.20 -19.71 -16.93
CA TYR J 109 -14.06 -19.79 -16.04
C TYR J 109 -14.43 -19.61 -14.56
N ASN J 110 -13.75 -20.39 -13.68
CA ASN J 110 -13.97 -20.43 -12.23
C ASN J 110 -12.63 -20.84 -11.52
N GLY J 111 -12.17 -20.23 -10.37
CA GLY J 111 -12.66 -19.20 -9.44
C GLY J 111 -13.44 -19.72 -8.23
N ASP J 114 -11.54 -24.06 -8.53
CA ASP J 114 -10.24 -24.62 -8.85
C ASP J 114 -10.13 -26.04 -8.34
N TYR J 115 -9.05 -26.38 -7.66
CA TYR J 115 -8.83 -27.78 -7.32
C TYR J 115 -8.65 -28.08 -5.85
N TRP J 116 -7.67 -28.92 -5.51
CA TRP J 116 -7.88 -30.29 -5.04
C TRP J 116 -7.57 -31.23 -6.15
N GLY J 117 -7.87 -32.51 -5.95
CA GLY J 117 -7.01 -33.44 -5.26
C GLY J 117 -6.14 -34.15 -6.25
N GLN J 118 -6.11 -35.46 -6.20
CA GLN J 118 -4.91 -36.14 -6.60
C GLN J 118 -4.99 -36.95 -7.87
N GLY J 119 -6.19 -37.18 -8.37
CA GLY J 119 -6.36 -37.67 -9.73
C GLY J 119 -6.17 -39.16 -9.80
N THR J 120 -6.46 -39.73 -10.95
CA THR J 120 -6.04 -41.10 -11.24
C THR J 120 -5.43 -41.20 -12.63
N GLN J 121 -4.22 -41.75 -12.70
CA GLN J 121 -3.45 -41.76 -13.95
C GLN J 121 -4.10 -42.66 -14.99
N VAL J 122 -4.34 -42.11 -16.18
CA VAL J 122 -4.86 -42.89 -17.30
C VAL J 122 -3.78 -42.89 -18.37
N THR J 123 -3.37 -44.10 -18.80
CA THR J 123 -2.34 -44.24 -19.83
C THR J 123 -2.83 -45.14 -20.95
N VAL J 124 -2.76 -44.64 -22.19
CA VAL J 124 -3.13 -45.38 -23.41
C VAL J 124 -1.84 -45.58 -24.24
N SER J 125 -1.26 -46.80 -24.18
CA SER J 125 0.02 -47.14 -24.83
C SER J 125 -0.03 -47.21 -26.36
N SER J 126 0.56 -46.19 -27.03
CA SER J 126 0.63 -46.06 -28.49
C SER J 126 1.57 -47.09 -29.15
#